data_7PC6
#
_entry.id   7PC6
#
_cell.length_a   55.900
_cell.length_b   69.985
_cell.length_c   114.849
_cell.angle_alpha   88.074
_cell.angle_beta   89.919
_cell.angle_gamma   81.512
#
_symmetry.space_group_name_H-M   'P 1'
#
loop_
_entity.id
_entity.type
_entity.pdbx_description
1 polymer 'DNA-binding domain'
2 non-polymer 'ZINC ION'
3 non-polymer 1,2-ETHANEDIOL
4 water water
#
_entity_poly.entity_id   1
_entity_poly.type   'polypeptide(L)'
_entity_poly.pdbx_seq_one_letter_code
;SMTVPSNTPYSGEYGFEISFQHQSKETKSTTWTFSESLKKLFVRMATTCPVRFKTVHQPPAGSVIRAMPIYVKPEHVQEV
VKRCPNHATTKEHNEDHPAPTHLVRCEHKLASYVEDPYTGRQSVIIPQEHPQAGAEWVTNLYQFMCFSSCVGGLNRRPIQ
VIFTLEHEGVVLGRQAVEVRICACPGRDRRAEETAADPNKQQKR
;
_entity_poly.pdbx_strand_id   A,B,C,D,E,F,G,H
#
loop_
_chem_comp.id
_chem_comp.type
_chem_comp.name
_chem_comp.formula
EDO non-polymer 1,2-ETHANEDIOL 'C2 H6 O2'
ZN non-polymer 'ZINC ION' 'Zn 2'
#
# COMPACT_ATOMS: atom_id res chain seq x y z
N VAL A 4 21.51 -44.20 -26.97
CA VAL A 4 22.48 -43.35 -26.29
C VAL A 4 21.76 -42.43 -25.30
N PRO A 5 21.83 -42.76 -24.01
CA PRO A 5 21.16 -41.93 -23.00
C PRO A 5 21.94 -40.64 -22.76
N SER A 6 21.21 -39.52 -22.79
CA SER A 6 21.84 -38.23 -22.61
C SER A 6 22.20 -38.03 -21.14
N ASN A 7 23.37 -37.41 -20.91
CA ASN A 7 23.77 -36.97 -19.58
C ASN A 7 23.74 -35.45 -19.46
N THR A 8 23.13 -34.75 -20.42
CA THR A 8 23.22 -33.30 -20.44
C THR A 8 22.36 -32.74 -19.33
N PRO A 9 22.94 -32.02 -18.37
CA PRO A 9 22.13 -31.40 -17.32
C PRO A 9 21.11 -30.45 -17.93
N TYR A 10 19.95 -30.38 -17.29
CA TYR A 10 18.80 -29.73 -17.87
C TYR A 10 17.83 -29.50 -16.71
N SER A 11 17.80 -28.26 -16.19
CA SER A 11 16.85 -27.92 -15.13
C SER A 11 15.42 -27.95 -15.62
N GLY A 12 15.20 -27.59 -16.88
CA GLY A 12 13.87 -27.62 -17.46
C GLY A 12 12.92 -26.57 -16.90
N GLU A 13 11.70 -26.62 -17.42
CA GLU A 13 10.67 -25.64 -17.08
C GLU A 13 10.27 -25.69 -15.61
N TYR A 14 10.46 -26.81 -14.94
CA TYR A 14 10.07 -26.98 -13.54
C TYR A 14 11.23 -26.75 -12.59
N GLY A 15 12.43 -26.48 -13.09
CA GLY A 15 13.56 -26.20 -12.23
C GLY A 15 13.96 -27.40 -11.39
N PHE A 16 14.25 -28.52 -12.06
CA PHE A 16 14.65 -29.75 -11.40
C PHE A 16 16.13 -29.68 -11.01
N GLU A 17 16.42 -29.92 -9.74
CA GLU A 17 17.79 -29.86 -9.23
C GLU A 17 18.01 -30.99 -8.23
N ILE A 18 19.25 -31.46 -8.15
CA ILE A 18 19.66 -32.41 -7.12
C ILE A 18 20.77 -31.77 -6.28
N SER A 19 20.99 -32.33 -5.11
CA SER A 19 22.10 -31.87 -4.26
C SER A 19 22.40 -32.92 -3.23
N PHE A 20 23.50 -32.73 -2.53
CA PHE A 20 23.89 -33.54 -1.39
C PHE A 20 24.03 -32.65 -0.17
N GLN A 21 23.54 -33.16 0.96
CA GLN A 21 23.49 -32.40 2.19
C GLN A 21 24.90 -32.16 2.74
N HIS A 22 25.04 -31.07 3.48
CA HIS A 22 26.31 -30.78 4.14
C HIS A 22 26.71 -31.92 5.09
N GLN A 23 27.99 -32.24 5.10
CA GLN A 23 28.52 -33.21 6.06
C GLN A 23 29.45 -32.47 7.02
N SER A 24 29.09 -32.44 8.29
CA SER A 24 29.97 -31.88 9.31
C SER A 24 30.77 -33.00 9.96
N LYS A 25 32.02 -32.68 10.33
CA LYS A 25 32.92 -33.69 10.91
C LYS A 25 32.29 -34.41 12.10
N GLU A 26 31.38 -33.75 12.83
CA GLU A 26 30.88 -34.31 14.08
C GLU A 26 29.92 -35.48 13.85
N THR A 27 29.02 -35.38 12.85
CA THR A 27 28.02 -36.42 12.63
C THR A 27 28.11 -37.05 11.25
N LYS A 28 29.12 -36.72 10.47
CA LYS A 28 29.18 -37.19 9.09
C LYS A 28 29.20 -38.72 9.03
N SER A 29 28.53 -39.28 8.02
CA SER A 29 28.67 -40.70 7.72
C SER A 29 29.98 -40.92 6.97
N THR A 30 30.68 -41.99 7.32
CA THR A 30 31.85 -42.37 6.54
C THR A 30 31.48 -43.16 5.29
N THR A 31 30.20 -43.51 5.11
CA THR A 31 29.83 -44.37 3.99
C THR A 31 29.73 -43.63 2.67
N TRP A 32 29.72 -42.29 2.67
CA TRP A 32 29.63 -41.56 1.41
C TRP A 32 30.19 -40.16 1.60
N THR A 33 30.63 -39.57 0.50
CA THR A 33 31.03 -38.17 0.49
C THR A 33 30.93 -37.64 -0.93
N PHE A 34 30.54 -36.38 -1.06
CA PHE A 34 30.36 -35.77 -2.37
C PHE A 34 31.39 -34.68 -2.61
N SER A 35 32.18 -34.82 -3.68
CA SER A 35 33.11 -33.77 -4.09
C SER A 35 32.38 -32.78 -4.97
N GLU A 36 32.17 -31.55 -4.48
CA GLU A 36 31.57 -30.54 -5.35
C GLU A 36 32.51 -30.15 -6.48
N SER A 37 33.82 -30.08 -6.20
CA SER A 37 34.74 -29.64 -7.25
C SER A 37 34.84 -30.67 -8.38
N LEU A 38 34.71 -31.96 -8.07
CA LEU A 38 34.70 -32.98 -9.11
C LEU A 38 33.31 -33.31 -9.63
N LYS A 39 32.25 -32.80 -9.00
CA LYS A 39 30.87 -33.25 -9.26
C LYS A 39 30.79 -34.77 -9.23
N LYS A 40 31.23 -35.32 -8.10
CA LYS A 40 31.44 -36.76 -8.06
C LYS A 40 31.14 -37.29 -6.66
N LEU A 41 30.26 -38.28 -6.61
CA LEU A 41 29.92 -38.99 -5.39
C LEU A 41 30.85 -40.18 -5.20
N PHE A 42 31.38 -40.33 -3.98
CA PHE A 42 32.14 -41.50 -3.55
C PHE A 42 31.30 -42.23 -2.51
N VAL A 43 31.12 -43.54 -2.66
CA VAL A 43 30.21 -44.23 -1.74
C VAL A 43 30.63 -45.69 -1.63
N ARG A 44 30.38 -46.28 -0.47
CA ARG A 44 30.62 -47.71 -0.24
C ARG A 44 29.52 -48.55 -0.88
N MET A 45 29.88 -49.76 -1.29
CA MET A 45 28.90 -50.68 -1.89
C MET A 45 27.85 -51.07 -0.88
N ALA A 46 26.59 -51.11 -1.33
CA ALA A 46 25.46 -51.59 -0.53
C ALA A 46 25.31 -50.80 0.77
N THR A 47 25.51 -49.50 0.72
CA THR A 47 25.21 -48.62 1.85
C THR A 47 24.21 -47.56 1.39
N THR A 48 23.31 -47.17 2.28
CA THR A 48 22.28 -46.21 1.88
C THR A 48 22.89 -44.83 1.79
N CYS A 49 22.64 -44.14 0.69
CA CYS A 49 23.27 -42.86 0.39
C CYS A 49 22.18 -41.83 0.14
N PRO A 50 22.18 -40.69 0.84
CA PRO A 50 21.08 -39.73 0.68
C PRO A 50 21.32 -38.81 -0.51
N VAL A 51 20.35 -38.73 -1.40
CA VAL A 51 20.36 -37.83 -2.55
C VAL A 51 19.15 -36.91 -2.41
N ARG A 52 19.34 -35.61 -2.61
CA ARG A 52 18.26 -34.66 -2.41
C ARG A 52 17.76 -34.18 -3.75
N PHE A 53 16.44 -33.98 -3.85
CA PHE A 53 15.79 -33.52 -5.07
C PHE A 53 14.86 -32.36 -4.79
N LYS A 54 14.70 -31.50 -5.79
CA LYS A 54 13.65 -30.49 -5.71
C LYS A 54 13.21 -30.10 -7.11
N THR A 55 12.03 -29.47 -7.18
CA THR A 55 11.61 -28.73 -8.35
C THR A 55 11.15 -27.37 -7.88
N VAL A 56 11.56 -26.32 -8.58
CA VAL A 56 11.11 -24.98 -8.24
C VAL A 56 9.60 -24.85 -8.43
N HIS A 57 9.06 -25.49 -9.46
CA HIS A 57 7.63 -25.47 -9.75
C HIS A 57 7.08 -26.88 -9.67
N GLN A 58 5.85 -27.02 -9.20
CA GLN A 58 5.24 -28.34 -9.07
C GLN A 58 5.06 -28.97 -10.46
N PRO A 59 5.62 -30.15 -10.71
CA PRO A 59 5.45 -30.78 -12.03
C PRO A 59 4.08 -31.42 -12.15
N PRO A 60 3.72 -31.95 -13.32
CA PRO A 60 2.39 -32.57 -13.45
C PRO A 60 2.20 -33.72 -12.49
N ALA A 61 0.96 -33.88 -12.01
CA ALA A 61 0.61 -35.00 -11.16
C ALA A 61 1.11 -36.32 -11.74
N GLY A 62 1.64 -37.18 -10.89
CA GLY A 62 2.15 -38.45 -11.35
C GLY A 62 3.53 -38.41 -11.99
N SER A 63 4.24 -37.27 -11.90
CA SER A 63 5.61 -37.27 -12.41
C SER A 63 6.48 -38.21 -11.58
N VAL A 64 7.58 -38.68 -12.19
CA VAL A 64 8.45 -39.66 -11.56
C VAL A 64 9.89 -39.20 -11.66
N ILE A 65 10.76 -39.85 -10.91
CA ILE A 65 12.20 -39.61 -10.97
C ILE A 65 12.85 -40.94 -11.31
N ARG A 66 13.63 -40.95 -12.38
CA ARG A 66 14.36 -42.15 -12.78
C ARG A 66 15.84 -41.98 -12.47
N ALA A 67 16.47 -43.04 -11.97
CA ALA A 67 17.91 -43.08 -11.76
C ALA A 67 18.49 -44.16 -12.67
N MET A 68 19.46 -43.77 -13.51
CA MET A 68 20.02 -44.75 -14.44
C MET A 68 21.53 -44.58 -14.47
N PRO A 69 22.30 -45.64 -14.18
CA PRO A 69 23.76 -45.56 -14.31
C PRO A 69 24.18 -45.74 -15.77
N ILE A 70 25.23 -45.03 -16.18
CA ILE A 70 25.82 -45.17 -17.51
C ILE A 70 27.34 -44.99 -17.38
N TYR A 71 28.10 -45.59 -18.31
CA TYR A 71 29.55 -45.38 -18.29
C TYR A 71 29.88 -43.99 -18.79
N VAL A 72 30.99 -43.44 -18.27
CA VAL A 72 31.35 -42.07 -18.58
C VAL A 72 32.03 -41.96 -19.95
N LYS A 73 33.03 -42.85 -20.24
CA LYS A 73 33.91 -42.62 -21.37
C LYS A 73 33.31 -43.24 -22.62
N PRO A 74 33.39 -42.48 -23.74
CA PRO A 74 33.16 -43.02 -25.08
C PRO A 74 33.47 -44.51 -25.26
N GLU A 75 34.62 -45.01 -24.77
CA GLU A 75 34.98 -46.44 -24.92
C GLU A 75 33.99 -47.37 -24.25
N HIS A 76 33.10 -46.86 -23.39
CA HIS A 76 32.19 -47.71 -22.64
C HIS A 76 30.73 -47.26 -22.68
N VAL A 77 30.39 -46.16 -23.37
CA VAL A 77 29.06 -45.56 -23.20
C VAL A 77 27.96 -46.53 -23.59
N GLN A 78 28.20 -47.33 -24.63
CA GLN A 78 27.11 -48.11 -25.21
C GLN A 78 26.77 -49.35 -24.39
N GLU A 79 27.67 -49.75 -23.49
CA GLU A 79 27.48 -50.96 -22.70
C GLU A 79 26.58 -50.66 -21.50
N VAL A 80 25.60 -51.53 -21.27
CA VAL A 80 24.69 -51.35 -20.14
C VAL A 80 25.42 -51.57 -18.83
N VAL A 81 25.23 -50.64 -17.90
CA VAL A 81 25.78 -50.78 -16.55
C VAL A 81 24.87 -51.67 -15.73
N LYS A 82 25.42 -52.76 -15.20
CA LYS A 82 24.67 -53.65 -14.32
C LYS A 82 25.66 -54.38 -13.41
N ARG A 83 25.13 -55.18 -12.49
CA ARG A 83 25.99 -55.85 -11.54
C ARG A 83 26.77 -56.97 -12.21
N CYS A 84 27.91 -57.31 -11.60
CA CYS A 84 28.68 -58.45 -12.05
C CYS A 84 27.93 -59.75 -11.75
N PRO A 85 28.16 -60.80 -12.53
CA PRO A 85 27.44 -62.06 -12.26
C PRO A 85 27.62 -62.57 -10.84
N ASN A 86 28.81 -62.39 -10.29
CA ASN A 86 29.09 -62.83 -8.93
C ASN A 86 28.09 -62.25 -7.94
N HIS A 87 27.94 -60.92 -7.92
CA HIS A 87 27.05 -60.29 -6.95
C HIS A 87 25.59 -60.47 -7.32
N ALA A 88 25.28 -60.56 -8.62
CA ALA A 88 23.90 -60.68 -9.07
C ALA A 88 23.26 -62.01 -8.68
N THR A 89 24.07 -63.06 -8.48
CA THR A 89 23.59 -64.41 -8.25
C THR A 89 23.82 -64.92 -6.85
N THR A 90 24.62 -64.23 -6.03
CA THR A 90 24.75 -64.62 -4.64
C THR A 90 23.42 -64.45 -3.92
N LYS A 91 23.35 -65.00 -2.71
CA LYS A 91 22.15 -64.85 -1.92
C LYS A 91 22.20 -63.62 -1.01
N GLU A 92 23.39 -63.21 -0.57
CA GLU A 92 23.53 -61.99 0.20
C GLU A 92 22.98 -60.80 -0.59
N HIS A 93 22.33 -59.87 0.12
CA HIS A 93 21.79 -58.64 -0.46
C HIS A 93 20.59 -58.89 -1.37
N ASN A 94 20.34 -60.15 -1.73
CA ASN A 94 19.40 -60.46 -2.81
C ASN A 94 18.15 -61.23 -2.38
N GLU A 95 18.04 -61.62 -1.11
CA GLU A 95 16.86 -62.34 -0.66
C GLU A 95 15.60 -61.52 -0.91
N ASP A 96 14.74 -61.98 -1.81
CA ASP A 96 13.48 -61.33 -2.17
C ASP A 96 13.67 -60.00 -2.90
N HIS A 97 14.89 -59.74 -3.54
CA HIS A 97 14.86 -58.49 -4.28
C HIS A 97 14.25 -58.73 -5.67
N PRO A 98 13.45 -57.80 -6.22
CA PRO A 98 12.82 -58.07 -7.51
C PRO A 98 13.76 -57.95 -8.70
N ALA A 99 14.93 -57.33 -8.54
CA ALA A 99 15.82 -57.06 -9.68
C ALA A 99 17.28 -57.16 -9.25
N PRO A 100 17.74 -58.37 -8.88
CA PRO A 100 19.09 -58.50 -8.32
C PRO A 100 20.23 -58.14 -9.27
N THR A 101 19.99 -57.98 -10.58
CA THR A 101 21.08 -57.57 -11.47
C THR A 101 21.26 -56.05 -11.57
N HIS A 102 20.34 -55.26 -11.04
CA HIS A 102 20.46 -53.81 -11.14
C HIS A 102 21.54 -53.29 -10.21
N LEU A 103 22.41 -52.42 -10.75
CA LEU A 103 23.40 -51.75 -9.92
C LEU A 103 22.78 -50.75 -8.95
N VAL A 104 21.86 -49.90 -9.41
CA VAL A 104 21.30 -48.81 -8.60
C VAL A 104 20.00 -49.25 -7.96
N ARG A 105 19.90 -49.16 -6.65
CA ARG A 105 18.67 -49.45 -5.93
C ARG A 105 18.20 -48.20 -5.21
N CYS A 106 16.88 -48.10 -4.99
CA CYS A 106 16.29 -47.01 -4.23
C CYS A 106 15.37 -47.58 -3.16
N GLU A 107 15.45 -47.00 -1.95
CA GLU A 107 14.71 -47.48 -0.78
C GLU A 107 13.24 -47.08 -0.80
N HIS A 108 12.82 -46.17 -1.68
CA HIS A 108 11.44 -45.71 -1.69
C HIS A 108 10.49 -46.90 -1.77
N LYS A 109 9.39 -46.82 -1.01
CA LYS A 109 8.44 -47.93 -0.95
C LYS A 109 7.89 -48.30 -2.32
N LEU A 110 7.75 -47.31 -3.21
CA LEU A 110 7.16 -47.54 -4.52
C LEU A 110 8.20 -47.67 -5.63
N ALA A 111 9.48 -47.79 -5.27
CA ALA A 111 10.52 -47.99 -6.28
C ALA A 111 10.17 -49.13 -7.21
N SER A 112 10.29 -48.88 -8.51
CA SER A 112 10.01 -49.86 -9.56
C SER A 112 11.24 -50.03 -10.43
N TYR A 113 11.65 -51.27 -10.63
CA TYR A 113 12.86 -51.60 -11.35
C TYR A 113 12.47 -52.00 -12.76
N VAL A 114 12.99 -51.30 -13.77
CA VAL A 114 12.57 -51.48 -15.15
C VAL A 114 13.77 -51.75 -16.03
N GLU A 115 13.53 -52.49 -17.10
CA GLU A 115 14.55 -52.77 -18.11
C GLU A 115 13.95 -52.56 -19.49
N ASP A 116 14.63 -51.78 -20.31
CA ASP A 116 14.17 -51.61 -21.68
C ASP A 116 14.37 -52.92 -22.43
N PRO A 117 13.31 -53.46 -23.05
CA PRO A 117 13.44 -54.80 -23.68
C PRO A 117 14.40 -54.84 -24.86
N TYR A 118 14.64 -53.70 -25.51
CA TYR A 118 15.53 -53.69 -26.66
C TYR A 118 16.96 -53.38 -26.28
N THR A 119 17.18 -52.28 -25.56
CA THR A 119 18.53 -51.87 -25.21
C THR A 119 19.08 -52.61 -23.99
N GLY A 120 18.21 -53.20 -23.18
CA GLY A 120 18.64 -53.80 -21.93
C GLY A 120 18.97 -52.81 -20.82
N ARG A 121 18.78 -51.51 -21.03
CA ARG A 121 19.07 -50.52 -20.00
C ARG A 121 18.21 -50.75 -18.77
N GLN A 122 18.85 -50.75 -17.61
CA GLN A 122 18.18 -50.92 -16.33
C GLN A 122 18.18 -49.60 -15.60
N SER A 123 17.07 -49.30 -14.93
CA SER A 123 16.95 -48.11 -14.10
C SER A 123 15.90 -48.38 -13.04
N VAL A 124 15.76 -47.43 -12.12
CA VAL A 124 14.78 -47.53 -11.05
C VAL A 124 14.01 -46.22 -11.02
N ILE A 125 12.69 -46.32 -10.84
N ILE A 125 12.68 -46.31 -10.91
CA ILE A 125 11.78 -45.19 -10.92
CA ILE A 125 11.82 -45.14 -10.93
C ILE A 125 11.03 -45.08 -9.61
C ILE A 125 11.07 -45.07 -9.59
N ILE A 126 10.86 -43.85 -9.13
CA ILE A 126 10.09 -43.56 -7.90
C ILE A 126 9.22 -42.35 -8.18
N PRO A 127 8.17 -42.13 -7.38
CA PRO A 127 7.34 -40.95 -7.62
C PRO A 127 8.10 -39.68 -7.25
N GLN A 128 7.79 -38.60 -7.97
CA GLN A 128 8.18 -37.28 -7.52
C GLN A 128 7.21 -36.85 -6.43
N GLU A 129 7.71 -36.16 -5.43
CA GLU A 129 6.94 -35.86 -4.23
C GLU A 129 7.12 -34.42 -3.82
N HIS A 130 6.05 -33.83 -3.31
CA HIS A 130 6.14 -32.48 -2.78
C HIS A 130 7.00 -32.51 -1.51
N PRO A 131 7.89 -31.54 -1.32
CA PRO A 131 8.66 -31.49 -0.06
C PRO A 131 7.75 -31.36 1.14
N GLN A 132 8.28 -31.74 2.30
CA GLN A 132 7.58 -31.52 3.55
C GLN A 132 7.55 -30.03 3.89
N ALA A 133 6.65 -29.68 4.79
CA ALA A 133 6.42 -28.28 5.13
C ALA A 133 7.73 -27.64 5.59
N GLY A 134 8.03 -26.47 5.03
CA GLY A 134 9.26 -25.78 5.41
C GLY A 134 10.53 -26.38 4.85
N ALA A 135 10.45 -27.38 4.01
CA ALA A 135 11.64 -28.02 3.47
C ALA A 135 11.79 -27.65 2.01
N GLU A 136 13.03 -27.40 1.59
CA GLU A 136 13.34 -27.15 0.20
C GLU A 136 13.58 -28.44 -0.59
N TRP A 137 14.06 -29.49 0.08
CA TRP A 137 14.53 -30.70 -0.57
C TRP A 137 13.71 -31.91 -0.13
N VAL A 138 13.61 -32.89 -1.03
CA VAL A 138 13.19 -34.23 -0.68
C VAL A 138 14.42 -35.13 -0.75
N THR A 139 14.63 -35.90 0.31
CA THR A 139 15.77 -36.82 0.37
C THR A 139 15.30 -38.23 0.03
N ASN A 140 15.95 -38.86 -0.94
CA ASN A 140 15.71 -40.27 -1.25
C ASN A 140 17.00 -41.05 -1.02
N LEU A 141 16.86 -42.32 -0.66
CA LEU A 141 17.98 -43.16 -0.30
C LEU A 141 18.30 -44.11 -1.43
N TYR A 142 19.52 -44.05 -1.95
CA TYR A 142 19.94 -44.98 -2.99
C TYR A 142 21.07 -45.85 -2.46
N GLN A 143 21.25 -47.01 -3.12
CA GLN A 143 22.41 -47.86 -2.87
C GLN A 143 22.99 -48.31 -4.22
N PHE A 144 24.29 -48.54 -4.21
CA PHE A 144 25.03 -48.94 -5.41
C PHE A 144 25.64 -50.31 -5.14
N MET A 145 25.28 -51.31 -5.95
CA MET A 145 25.36 -52.70 -5.50
C MET A 145 26.56 -53.48 -6.04
N CYS A 146 27.51 -52.80 -6.69
CA CYS A 146 28.81 -53.40 -6.98
C CYS A 146 29.90 -52.37 -6.68
N PHE A 147 31.11 -52.87 -6.43
CA PHE A 147 32.28 -51.99 -6.40
C PHE A 147 32.65 -51.57 -7.82
N SER A 148 33.25 -50.38 -7.94
CA SER A 148 33.71 -49.91 -9.24
C SER A 148 34.79 -50.82 -9.83
N SER A 149 35.40 -51.68 -9.02
CA SER A 149 36.46 -52.57 -9.46
C SER A 149 35.97 -53.99 -9.72
N CYS A 150 34.66 -54.24 -9.66
CA CYS A 150 34.15 -55.58 -9.88
C CYS A 150 34.56 -56.12 -11.25
N VAL A 151 35.43 -57.13 -11.25
CA VAL A 151 35.81 -57.78 -12.50
C VAL A 151 34.57 -58.45 -13.09
N GLY A 152 34.42 -58.36 -14.40
CA GLY A 152 33.21 -58.90 -15.00
C GLY A 152 31.97 -58.08 -14.72
N GLY A 153 32.12 -56.93 -14.07
CA GLY A 153 31.06 -55.96 -13.94
C GLY A 153 31.59 -54.60 -14.37
N LEU A 154 31.66 -53.66 -13.42
CA LEU A 154 32.14 -52.31 -13.74
C LEU A 154 33.58 -52.35 -14.22
N ASN A 155 34.41 -53.19 -13.61
CA ASN A 155 35.78 -53.45 -14.04
C ASN A 155 36.59 -52.16 -14.21
N ARG A 156 36.60 -51.35 -13.16
CA ARG A 156 37.39 -50.11 -13.08
C ARG A 156 36.98 -49.09 -14.14
N ARG A 157 35.83 -49.24 -14.72
CA ARG A 157 35.45 -48.19 -15.65
C ARG A 157 34.53 -47.17 -14.98
N PRO A 158 34.73 -45.88 -15.23
CA PRO A 158 33.97 -44.86 -14.50
C PRO A 158 32.52 -44.74 -14.95
N ILE A 159 31.62 -44.55 -13.98
CA ILE A 159 30.20 -44.41 -14.24
C ILE A 159 29.67 -43.09 -13.72
N GLN A 160 28.52 -42.71 -14.27
CA GLN A 160 27.69 -41.59 -13.90
C GLN A 160 26.34 -42.17 -13.48
N VAL A 161 25.59 -41.43 -12.68
CA VAL A 161 24.17 -41.74 -12.51
C VAL A 161 23.37 -40.55 -13.03
N ILE A 162 22.42 -40.84 -13.93
CA ILE A 162 21.54 -39.84 -14.50
C ILE A 162 20.23 -39.84 -13.73
N PHE A 163 19.84 -38.68 -13.22
CA PHE A 163 18.53 -38.49 -12.61
C PHE A 163 17.65 -37.70 -13.57
N THR A 164 16.51 -38.28 -13.98
CA THR A 164 15.57 -37.60 -14.86
C THR A 164 14.22 -37.46 -14.18
N LEU A 165 13.67 -36.26 -14.24
CA LEU A 165 12.29 -36.01 -13.88
C LEU A 165 11.46 -36.24 -15.13
N GLU A 166 10.44 -37.10 -15.02
CA GLU A 166 9.71 -37.54 -16.18
C GLU A 166 8.22 -37.55 -15.88
N HIS A 167 7.42 -37.31 -16.91
CA HIS A 167 5.97 -37.46 -16.79
C HIS A 167 5.48 -38.16 -18.06
N GLU A 168 4.86 -39.32 -17.87
CA GLU A 168 4.30 -40.08 -18.99
C GLU A 168 5.33 -40.27 -20.10
N GLY A 169 6.55 -40.68 -19.71
CA GLY A 169 7.61 -40.93 -20.67
C GLY A 169 8.45 -39.74 -21.05
N VAL A 170 7.96 -38.51 -20.88
CA VAL A 170 8.66 -37.33 -21.38
C VAL A 170 9.65 -36.85 -20.33
N VAL A 171 10.91 -36.64 -20.74
CA VAL A 171 11.91 -36.07 -19.84
C VAL A 171 11.61 -34.59 -19.65
N LEU A 172 11.38 -34.18 -18.41
CA LEU A 172 11.15 -32.78 -18.06
C LEU A 172 12.40 -32.10 -17.52
N GLY A 173 13.35 -32.88 -17.02
CA GLY A 173 14.56 -32.33 -16.45
C GLY A 173 15.53 -33.45 -16.19
N ARG A 174 16.80 -33.08 -16.04
CA ARG A 174 17.88 -34.05 -15.95
C ARG A 174 19.04 -33.45 -15.16
N GLN A 175 19.57 -34.24 -14.22
CA GLN A 175 20.83 -33.89 -13.56
C GLN A 175 21.67 -35.15 -13.50
N ALA A 176 22.96 -34.99 -13.22
CA ALA A 176 23.84 -36.15 -13.23
C ALA A 176 25.05 -35.88 -12.37
N VAL A 177 25.60 -36.95 -11.77
CA VAL A 177 26.90 -36.87 -11.10
C VAL A 177 27.68 -38.12 -11.42
N GLU A 178 29.00 -38.00 -11.38
CA GLU A 178 29.84 -39.19 -11.42
C GLU A 178 29.75 -39.90 -10.08
N VAL A 179 29.94 -41.22 -10.12
CA VAL A 179 29.84 -42.05 -8.92
C VAL A 179 30.98 -43.05 -8.93
N ARG A 180 31.70 -43.12 -7.83
CA ARG A 180 32.74 -44.10 -7.64
C ARG A 180 32.37 -44.91 -6.41
N ILE A 181 32.25 -46.21 -6.57
CA ILE A 181 31.85 -47.08 -5.46
C ILE A 181 33.12 -47.73 -4.94
N CYS A 182 33.49 -47.41 -3.69
CA CYS A 182 34.80 -47.78 -3.18
C CYS A 182 34.71 -48.02 -1.68
N ALA A 183 35.73 -48.72 -1.16
CA ALA A 183 35.74 -49.08 0.25
C ALA A 183 35.89 -47.86 1.16
N CYS A 184 36.60 -46.83 0.68
N CYS A 184 36.66 -46.85 0.73
CA CYS A 184 36.98 -45.67 1.50
CA CYS A 184 36.89 -45.69 1.59
C CYS A 184 36.65 -44.39 0.74
C CYS A 184 36.64 -44.41 0.79
N PRO A 185 35.39 -43.96 0.74
CA PRO A 185 35.06 -42.74 -0.03
C PRO A 185 35.91 -41.52 0.31
N GLY A 186 36.17 -41.26 1.60
CA GLY A 186 36.98 -40.11 1.97
C GLY A 186 38.38 -40.18 1.39
N ARG A 187 39.00 -41.37 1.44
CA ARG A 187 40.33 -41.54 0.88
C ARG A 187 40.33 -41.30 -0.63
N ASP A 188 39.40 -41.93 -1.36
CA ASP A 188 39.39 -41.77 -2.81
C ASP A 188 39.06 -40.34 -3.20
N ARG A 189 38.16 -39.67 -2.47
CA ARG A 189 37.87 -38.27 -2.78
C ARG A 189 39.11 -37.41 -2.64
N ARG A 190 39.78 -37.50 -1.49
CA ARG A 190 40.96 -36.67 -1.26
C ARG A 190 42.01 -36.90 -2.34
N ALA A 191 42.25 -38.17 -2.70
CA ALA A 191 43.27 -38.46 -3.70
C ALA A 191 42.87 -37.95 -5.08
N GLU A 192 41.59 -38.09 -5.46
CA GLU A 192 41.19 -37.60 -6.77
C GLU A 192 41.19 -36.08 -6.82
N GLU A 193 40.78 -35.43 -5.72
CA GLU A 193 40.83 -33.98 -5.67
C GLU A 193 42.27 -33.48 -5.68
N THR A 194 43.19 -34.25 -5.11
CA THR A 194 44.60 -33.87 -5.13
C THR A 194 45.16 -33.98 -6.55
N ALA A 195 44.92 -35.12 -7.21
CA ALA A 195 45.42 -35.29 -8.58
C ALA A 195 44.89 -34.22 -9.52
N ALA A 196 43.69 -33.69 -9.23
CA ALA A 196 43.17 -32.56 -10.00
C ALA A 196 43.26 -31.28 -9.18
N VAL B 4 37.33 -17.10 -17.21
CA VAL B 4 36.03 -16.56 -16.84
C VAL B 4 35.62 -17.03 -15.42
N PRO B 5 35.15 -16.09 -14.58
CA PRO B 5 34.82 -16.45 -13.19
C PRO B 5 33.69 -17.47 -13.14
N SER B 6 33.94 -18.56 -12.40
CA SER B 6 32.93 -19.58 -12.16
C SER B 6 31.75 -19.00 -11.40
N ASN B 7 30.54 -19.43 -11.78
CA ASN B 7 29.32 -19.12 -11.04
C ASN B 7 28.71 -20.35 -10.39
N THR B 8 29.46 -21.43 -10.30
CA THR B 8 28.93 -22.68 -9.81
C THR B 8 28.71 -22.60 -8.29
N PRO B 9 27.50 -22.87 -7.81
CA PRO B 9 27.30 -22.92 -6.36
C PRO B 9 28.29 -23.88 -5.72
N TYR B 10 28.90 -23.45 -4.60
CA TYR B 10 29.92 -24.24 -3.93
C TYR B 10 29.73 -24.05 -2.43
N SER B 11 29.10 -25.04 -1.78
CA SER B 11 28.85 -24.91 -0.35
C SER B 11 30.15 -25.02 0.44
N GLY B 12 31.01 -25.96 0.07
CA GLY B 12 32.35 -26.01 0.62
C GLY B 12 32.43 -26.68 1.97
N GLU B 13 33.66 -26.75 2.47
CA GLU B 13 33.91 -27.43 3.73
C GLU B 13 33.24 -26.72 4.91
N TYR B 14 32.98 -25.42 4.79
CA TYR B 14 32.39 -24.66 5.88
C TYR B 14 30.89 -24.43 5.74
N GLY B 15 30.28 -24.89 4.64
CA GLY B 15 28.85 -24.70 4.45
C GLY B 15 28.51 -23.23 4.32
N PHE B 16 29.09 -22.56 3.33
CA PHE B 16 28.84 -21.15 3.08
C PHE B 16 27.50 -20.96 2.37
N GLU B 17 26.63 -20.12 2.92
CA GLU B 17 25.39 -19.83 2.22
C GLU B 17 25.02 -18.37 2.41
N ILE B 18 24.18 -17.89 1.50
CA ILE B 18 23.67 -16.53 1.54
C ILE B 18 22.15 -16.62 1.60
N SER B 19 21.51 -15.54 2.04
CA SER B 19 20.05 -15.50 2.00
C SER B 19 19.61 -14.05 1.97
N PHE B 20 18.32 -13.87 1.70
CA PHE B 20 17.65 -12.59 1.74
C PHE B 20 16.54 -12.65 2.76
N GLN B 21 16.52 -11.65 3.65
CA GLN B 21 15.62 -11.59 4.79
C GLN B 21 14.18 -11.44 4.35
N HIS B 22 13.28 -11.81 5.25
CA HIS B 22 11.86 -11.73 4.96
C HIS B 22 11.41 -10.28 4.77
N GLN B 23 10.43 -10.11 3.88
CA GLN B 23 9.79 -8.81 3.64
C GLN B 23 8.28 -8.94 3.81
N THR B 30 10.47 -1.30 -0.57
CA THR B 30 10.18 -1.58 -1.98
C THR B 30 11.30 -1.08 -2.88
N THR B 31 12.48 -0.91 -2.29
CA THR B 31 13.68 -0.65 -3.07
C THR B 31 14.33 -1.94 -3.57
N TRP B 32 13.95 -3.09 -3.03
CA TRP B 32 14.55 -4.37 -3.46
C TRP B 32 13.56 -5.49 -3.18
N THR B 33 13.63 -6.53 -3.99
CA THR B 33 12.88 -7.74 -3.69
C THR B 33 13.62 -8.94 -4.30
N PHE B 34 13.61 -10.06 -3.60
CA PHE B 34 14.32 -11.26 -4.05
C PHE B 34 13.33 -12.37 -4.42
N SER B 35 13.43 -12.87 -5.65
CA SER B 35 12.62 -14.00 -6.09
C SER B 35 13.37 -15.29 -5.79
N GLU B 36 12.84 -16.08 -4.86
CA GLU B 36 13.44 -17.39 -4.63
C GLU B 36 13.30 -18.29 -5.85
N SER B 37 12.17 -18.20 -6.56
CA SER B 37 11.92 -19.11 -7.67
C SER B 37 12.85 -18.83 -8.85
N LEU B 38 13.10 -17.55 -9.13
CA LEU B 38 14.05 -17.20 -10.18
C LEU B 38 15.49 -17.19 -9.67
N LYS B 39 15.70 -17.24 -8.36
CA LYS B 39 17.02 -17.01 -7.74
C LYS B 39 17.59 -15.68 -8.24
N LYS B 40 16.82 -14.62 -8.05
CA LYS B 40 17.08 -13.36 -8.73
C LYS B 40 16.64 -12.21 -7.85
N LEU B 41 17.55 -11.25 -7.70
CA LEU B 41 17.35 -10.04 -6.93
C LEU B 41 16.94 -8.89 -7.85
N PHE B 42 15.91 -8.15 -7.46
CA PHE B 42 15.50 -6.96 -8.17
C PHE B 42 15.71 -5.78 -7.25
N VAL B 43 16.40 -4.75 -7.74
CA VAL B 43 16.83 -3.68 -6.86
C VAL B 43 16.94 -2.38 -7.66
N ARG B 44 16.62 -1.27 -7.01
CA ARG B 44 16.79 0.04 -7.64
C ARG B 44 18.26 0.43 -7.63
N MET B 45 18.64 1.26 -8.59
CA MET B 45 20.04 1.69 -8.68
C MET B 45 20.44 2.53 -7.47
N ALA B 46 21.66 2.30 -6.97
CA ALA B 46 22.26 3.07 -5.89
C ALA B 46 21.39 3.11 -4.64
N THR B 47 20.66 2.03 -4.36
CA THR B 47 19.89 1.90 -3.12
C THR B 47 20.44 0.73 -2.34
N THR B 48 20.44 0.86 -1.02
CA THR B 48 21.07 -0.14 -0.16
C THR B 48 20.23 -1.41 -0.10
N CYS B 49 20.85 -2.55 -0.39
CA CYS B 49 20.19 -3.85 -0.39
C CYS B 49 20.88 -4.78 0.59
N PRO B 50 20.15 -5.44 1.50
CA PRO B 50 20.81 -6.31 2.49
C PRO B 50 20.98 -7.74 1.99
N VAL B 51 22.15 -8.31 2.25
CA VAL B 51 22.47 -9.69 1.88
C VAL B 51 23.00 -10.39 3.12
N ARG B 52 22.42 -11.53 3.46
CA ARG B 52 22.80 -12.26 4.66
C ARG B 52 23.79 -13.37 4.35
N PHE B 53 24.75 -13.58 5.25
CA PHE B 53 25.82 -14.56 5.08
C PHE B 53 25.92 -15.44 6.32
N LYS B 54 26.17 -16.72 6.10
CA LYS B 54 26.52 -17.56 7.23
C LYS B 54 27.35 -18.75 6.74
N THR B 55 28.06 -19.34 7.69
CA THR B 55 28.74 -20.62 7.47
C THR B 55 28.33 -21.56 8.59
N VAL B 56 28.32 -22.86 8.27
CA VAL B 56 28.07 -23.87 9.29
C VAL B 56 29.18 -23.86 10.33
N HIS B 57 30.44 -23.84 9.88
CA HIS B 57 31.62 -23.79 10.73
C HIS B 57 32.40 -22.52 10.42
N GLN B 58 33.06 -21.96 11.44
CA GLN B 58 33.79 -20.72 11.21
C GLN B 58 35.00 -20.99 10.33
N PRO B 59 35.24 -20.17 9.30
CA PRO B 59 36.39 -20.38 8.41
C PRO B 59 37.67 -19.87 9.05
N PRO B 60 38.83 -20.07 8.41
CA PRO B 60 40.09 -19.60 8.99
C PRO B 60 40.12 -18.08 9.17
N ALA B 61 40.85 -17.65 10.20
CA ALA B 61 41.03 -16.23 10.42
C ALA B 61 41.65 -15.59 9.19
N GLY B 62 41.23 -14.35 8.89
CA GLY B 62 41.64 -13.67 7.69
C GLY B 62 40.82 -13.98 6.46
N SER B 63 39.70 -14.68 6.61
CA SER B 63 38.89 -14.97 5.43
C SER B 63 38.15 -13.70 4.99
N VAL B 64 37.84 -13.64 3.70
CA VAL B 64 37.14 -12.49 3.16
C VAL B 64 35.96 -12.99 2.34
N ILE B 65 35.05 -12.06 2.07
CA ILE B 65 33.90 -12.29 1.19
C ILE B 65 34.04 -11.33 0.01
N ARG B 66 34.15 -11.89 -1.20
CA ARG B 66 34.23 -11.11 -2.42
C ARG B 66 32.87 -11.09 -3.12
N ALA B 67 32.50 -9.94 -3.66
CA ALA B 67 31.31 -9.81 -4.50
C ALA B 67 31.77 -9.35 -5.88
N MET B 68 31.45 -10.14 -6.92
CA MET B 68 31.85 -9.78 -8.30
C MET B 68 30.70 -9.99 -9.29
N PRO B 69 30.35 -8.96 -10.07
CA PRO B 69 29.33 -9.12 -11.11
C PRO B 69 29.92 -9.75 -12.36
N ILE B 70 29.14 -10.62 -13.01
CA ILE B 70 29.50 -11.12 -14.33
C ILE B 70 28.25 -11.20 -15.20
N TYR B 71 28.44 -11.14 -16.51
CA TYR B 71 27.30 -11.30 -17.41
C TYR B 71 26.81 -12.73 -17.41
N VAL B 72 25.51 -12.90 -17.69
CA VAL B 72 24.88 -14.22 -17.65
C VAL B 72 25.05 -14.95 -18.98
N LYS B 73 24.75 -14.28 -20.08
CA LYS B 73 24.68 -14.98 -21.35
C LYS B 73 26.09 -15.32 -21.84
N PRO B 74 26.28 -16.50 -22.46
CA PRO B 74 27.63 -16.86 -22.92
C PRO B 74 28.20 -15.89 -23.96
N GLU B 75 27.34 -15.22 -24.74
CA GLU B 75 27.85 -14.20 -25.68
C GLU B 75 28.53 -13.03 -24.98
N HIS B 76 28.32 -12.86 -23.68
CA HIS B 76 28.86 -11.71 -22.97
C HIS B 76 29.77 -12.04 -21.81
N VAL B 77 29.93 -13.32 -21.45
CA VAL B 77 30.49 -13.65 -20.15
C VAL B 77 31.94 -13.19 -20.03
N GLN B 78 32.67 -13.16 -21.15
CA GLN B 78 34.07 -12.76 -21.16
C GLN B 78 34.29 -11.26 -20.94
N GLU B 79 33.25 -10.44 -21.06
CA GLU B 79 33.35 -9.00 -20.90
C GLU B 79 33.23 -8.59 -19.43
N VAL B 80 34.13 -7.70 -18.99
CA VAL B 80 34.12 -7.26 -17.59
C VAL B 80 32.91 -6.39 -17.34
N VAL B 81 32.13 -6.71 -16.30
CA VAL B 81 30.99 -5.89 -15.94
C VAL B 81 31.50 -4.65 -15.21
N LYS B 82 31.18 -3.47 -15.74
CA LYS B 82 31.54 -2.21 -15.08
C LYS B 82 30.40 -1.22 -15.27
N ARG B 83 30.56 -0.05 -14.64
CA ARG B 83 29.62 1.03 -14.86
C ARG B 83 29.82 1.65 -16.23
N CYS B 84 28.76 2.29 -16.74
CA CYS B 84 28.86 3.00 -18.01
C CYS B 84 29.69 4.27 -17.83
N PRO B 85 30.23 4.82 -18.92
CA PRO B 85 31.11 5.99 -18.78
C PRO B 85 30.41 7.21 -18.21
N ASN B 86 29.12 7.41 -18.52
CA ASN B 86 28.39 8.52 -17.96
C ASN B 86 28.40 8.47 -16.43
N HIS B 87 27.96 7.34 -15.87
CA HIS B 87 27.83 7.23 -14.41
C HIS B 87 29.19 7.18 -13.71
N ALA B 88 30.23 6.68 -14.38
CA ALA B 88 31.53 6.59 -13.74
C ALA B 88 32.24 7.94 -13.65
N THR B 89 31.95 8.87 -14.56
CA THR B 89 32.67 10.13 -14.63
C THR B 89 31.95 11.29 -13.95
N THR B 90 30.65 11.19 -13.72
CA THR B 90 29.90 12.29 -13.12
C THR B 90 30.24 12.43 -11.64
N LYS B 91 29.84 13.56 -11.07
CA LYS B 91 30.12 13.80 -9.65
C LYS B 91 29.13 13.08 -8.75
N GLU B 92 27.87 12.94 -9.17
CA GLU B 92 26.86 12.35 -8.30
C GLU B 92 27.23 10.90 -7.97
N HIS B 93 27.16 10.56 -6.67
CA HIS B 93 27.47 9.26 -6.09
C HIS B 93 28.96 8.98 -6.01
N ASN B 94 29.78 9.82 -6.63
CA ASN B 94 31.19 9.52 -6.83
C ASN B 94 32.11 10.39 -6.00
N GLU B 95 31.58 11.37 -5.28
CA GLU B 95 32.40 12.26 -4.45
C GLU B 95 33.24 11.47 -3.47
N ASP B 96 34.56 11.54 -3.64
CA ASP B 96 35.56 10.88 -2.80
C ASP B 96 35.49 9.36 -2.87
N HIS B 97 34.78 8.79 -3.84
CA HIS B 97 34.71 7.34 -3.86
C HIS B 97 35.96 6.76 -4.50
N PRO B 98 36.58 5.73 -3.90
CA PRO B 98 37.86 5.22 -4.40
C PRO B 98 37.76 4.38 -5.66
N ALA B 99 36.54 4.10 -6.16
CA ALA B 99 36.39 3.28 -7.35
C ALA B 99 35.07 3.59 -8.05
N PRO B 100 34.94 4.77 -8.66
CA PRO B 100 33.66 5.13 -9.30
C PRO B 100 33.31 4.30 -10.52
N THR B 101 34.20 3.44 -11.03
CA THR B 101 33.79 2.63 -12.17
C THR B 101 33.19 1.27 -11.76
N HIS B 102 33.34 0.87 -10.51
CA HIS B 102 32.85 -0.43 -10.07
C HIS B 102 31.32 -0.43 -10.01
N LEU B 103 30.71 -1.50 -10.50
CA LEU B 103 29.25 -1.63 -10.48
C LEU B 103 28.74 -1.96 -9.08
N VAL B 104 29.40 -2.88 -8.39
CA VAL B 104 28.95 -3.34 -7.07
C VAL B 104 29.70 -2.58 -5.98
N ARG B 105 28.95 -1.96 -5.08
CA ARG B 105 29.51 -1.34 -3.89
C ARG B 105 29.04 -2.10 -2.66
N CYS B 106 29.86 -2.07 -1.61
CA CYS B 106 29.47 -2.55 -0.29
C CYS B 106 29.68 -1.44 0.74
N GLU B 107 28.69 -1.25 1.62
CA GLU B 107 28.76 -0.19 2.62
C GLU B 107 29.66 -0.52 3.80
N HIS B 108 30.23 -1.73 3.86
CA HIS B 108 31.06 -2.11 4.99
C HIS B 108 32.22 -1.12 5.16
N LYS B 109 32.50 -0.78 6.42
CA LYS B 109 33.53 0.21 6.74
C LYS B 109 34.91 -0.17 6.22
N LEU B 110 35.21 -1.47 6.16
CA LEU B 110 36.48 -1.97 5.65
C LEU B 110 36.36 -2.57 4.25
N ALA B 111 35.35 -2.19 3.47
CA ALA B 111 35.28 -2.71 2.11
C ALA B 111 36.50 -2.24 1.33
N SER B 112 37.00 -3.10 0.45
CA SER B 112 38.19 -2.82 -0.33
C SER B 112 37.85 -3.12 -1.79
N TYR B 113 38.05 -2.13 -2.67
CA TYR B 113 37.72 -2.26 -4.07
C TYR B 113 38.95 -2.71 -4.85
N VAL B 114 38.79 -3.77 -5.65
CA VAL B 114 39.90 -4.50 -6.23
C VAL B 114 39.68 -4.63 -7.75
N GLU B 115 40.75 -4.44 -8.52
CA GLU B 115 40.75 -4.78 -9.94
C GLU B 115 41.95 -5.66 -10.21
N ASP B 116 41.71 -6.84 -10.76
CA ASP B 116 42.83 -7.75 -11.00
C ASP B 116 43.66 -7.23 -12.17
N PRO B 117 44.98 -7.12 -12.04
CA PRO B 117 45.77 -6.48 -13.12
C PRO B 117 45.88 -7.32 -14.37
N TYR B 118 45.61 -8.62 -14.31
CA TYR B 118 45.63 -9.47 -15.50
C TYR B 118 44.26 -9.52 -16.18
N THR B 119 43.21 -9.91 -15.44
CA THR B 119 41.88 -10.07 -16.04
C THR B 119 41.12 -8.77 -16.22
N GLY B 120 41.45 -7.73 -15.46
CA GLY B 120 40.63 -6.54 -15.43
C GLY B 120 39.33 -6.67 -14.65
N ARG B 121 39.10 -7.80 -14.01
CA ARG B 121 37.84 -8.00 -13.29
C ARG B 121 37.82 -7.12 -12.05
N GLN B 122 36.67 -6.49 -11.80
CA GLN B 122 36.46 -5.62 -10.65
C GLN B 122 35.52 -6.29 -9.64
N SER B 123 35.83 -6.15 -8.37
CA SER B 123 35.06 -6.77 -7.29
C SER B 123 35.33 -5.97 -6.02
N VAL B 124 34.50 -6.23 -5.00
CA VAL B 124 34.67 -5.59 -3.69
C VAL B 124 34.76 -6.68 -2.63
N ILE B 125 35.77 -6.60 -1.77
CA ILE B 125 35.96 -7.57 -0.71
C ILE B 125 35.63 -6.91 0.62
N ILE B 126 35.15 -7.72 1.55
CA ILE B 126 34.88 -7.30 2.93
C ILE B 126 35.38 -8.42 3.83
N PRO B 127 35.51 -8.20 5.14
CA PRO B 127 35.93 -9.29 6.03
C PRO B 127 34.83 -10.30 6.21
N GLN B 128 35.23 -11.57 6.30
CA GLN B 128 34.36 -12.57 6.92
C GLN B 128 34.29 -12.29 8.42
N GLU B 129 33.10 -12.38 9.00
CA GLU B 129 32.86 -11.99 10.39
C GLU B 129 31.96 -12.99 11.10
N HIS B 130 32.34 -13.31 12.34
CA HIS B 130 31.49 -14.13 13.19
C HIS B 130 30.21 -13.36 13.51
N PRO B 131 29.06 -14.02 13.55
CA PRO B 131 27.81 -13.30 13.84
C PRO B 131 27.82 -12.72 15.24
N GLN B 132 26.95 -11.73 15.45
CA GLN B 132 26.78 -11.17 16.77
C GLN B 132 26.12 -12.19 17.71
N ALA B 133 26.24 -11.95 19.01
CA ALA B 133 25.67 -12.85 20.00
C ALA B 133 24.23 -13.17 19.64
N GLY B 134 23.91 -14.46 19.61
CA GLY B 134 22.56 -14.92 19.39
C GLY B 134 22.09 -14.86 17.95
N ALA B 135 22.94 -14.42 17.03
CA ALA B 135 22.55 -14.22 15.64
C ALA B 135 23.03 -15.39 14.79
N GLU B 136 22.21 -15.75 13.81
CA GLU B 136 22.53 -16.78 12.84
C GLU B 136 23.28 -16.20 11.64
N TRP B 137 22.88 -15.02 11.20
CA TRP B 137 23.36 -14.42 9.97
C TRP B 137 24.20 -13.17 10.26
N VAL B 138 25.06 -12.83 9.30
CA VAL B 138 25.69 -11.52 9.23
C VAL B 138 25.09 -10.80 8.03
N THR B 139 24.56 -9.60 8.23
CA THR B 139 23.95 -8.83 7.16
C THR B 139 24.93 -7.81 6.64
N ASN B 140 25.20 -7.83 5.35
CA ASN B 140 26.02 -6.82 4.72
C ASN B 140 25.18 -6.02 3.72
N LEU B 141 25.61 -4.78 3.43
CA LEU B 141 24.80 -3.83 2.68
C LEU B 141 25.48 -3.54 1.35
N TYR B 142 24.80 -3.84 0.26
CA TYR B 142 25.36 -3.68 -1.08
C TYR B 142 24.56 -2.65 -1.86
N GLN B 143 25.20 -2.05 -2.86
CA GLN B 143 24.55 -1.13 -3.78
C GLN B 143 25.01 -1.49 -5.19
N PHE B 144 24.13 -1.36 -6.17
CA PHE B 144 24.46 -1.63 -7.57
C PHE B 144 24.29 -0.33 -8.34
N MET B 145 25.36 0.12 -9.01
CA MET B 145 25.51 1.53 -9.38
C MET B 145 25.21 1.86 -10.85
N CYS B 146 24.52 0.98 -11.58
CA CYS B 146 24.00 1.29 -12.92
C CYS B 146 22.66 0.60 -13.10
N PHE B 147 21.81 1.16 -13.94
CA PHE B 147 20.61 0.45 -14.37
C PHE B 147 20.96 -0.69 -15.30
N SER B 148 20.13 -1.74 -15.29
CA SER B 148 20.32 -2.84 -16.22
C SER B 148 20.30 -2.35 -17.67
N SER B 149 19.69 -1.19 -17.93
CA SER B 149 19.50 -0.68 -19.29
C SER B 149 20.50 0.41 -19.67
N CYS B 150 21.49 0.71 -18.82
CA CYS B 150 22.47 1.74 -19.15
C CYS B 150 23.15 1.44 -20.47
N VAL B 151 23.03 2.37 -21.43
CA VAL B 151 23.48 2.12 -22.79
C VAL B 151 24.98 1.91 -22.84
N GLY B 152 25.74 2.78 -22.19
CA GLY B 152 27.19 2.63 -22.22
C GLY B 152 27.72 1.44 -21.41
N GLY B 153 26.85 0.70 -20.72
CA GLY B 153 27.33 -0.32 -19.79
C GLY B 153 26.64 -1.66 -19.91
N LEU B 154 25.86 -2.02 -18.89
CA LEU B 154 25.14 -3.30 -18.91
C LEU B 154 24.29 -3.46 -20.17
N ASN B 155 23.61 -2.40 -20.59
CA ASN B 155 22.92 -2.35 -21.90
C ASN B 155 21.94 -3.52 -22.08
N ARG B 156 21.08 -3.70 -21.06
CA ARG B 156 20.03 -4.72 -21.06
C ARG B 156 20.60 -6.14 -21.07
N ARG B 157 21.86 -6.30 -20.74
CA ARG B 157 22.36 -7.68 -20.69
C ARG B 157 22.29 -8.18 -19.25
N PRO B 158 21.78 -9.38 -19.02
CA PRO B 158 21.57 -9.80 -17.63
C PRO B 158 22.89 -10.13 -16.94
N ILE B 159 22.94 -9.85 -15.65
CA ILE B 159 24.12 -10.10 -14.85
C ILE B 159 23.77 -10.96 -13.65
N GLN B 160 24.79 -11.62 -13.09
CA GLN B 160 24.77 -12.24 -11.80
C GLN B 160 25.76 -11.52 -10.90
N VAL B 161 25.60 -11.68 -9.58
CA VAL B 161 26.64 -11.32 -8.63
C VAL B 161 27.10 -12.58 -7.95
N ILE B 162 28.41 -12.82 -7.98
CA ILE B 162 29.02 -13.99 -7.38
C ILE B 162 29.63 -13.58 -6.05
N PHE B 163 29.20 -14.22 -4.97
CA PHE B 163 29.79 -14.03 -3.64
C PHE B 163 30.68 -15.22 -3.37
N THR B 164 31.96 -14.97 -3.09
CA THR B 164 32.89 -16.03 -2.76
C THR B 164 33.51 -15.80 -1.40
N LEU B 165 33.64 -16.88 -0.66
CA LEU B 165 34.34 -16.90 0.61
C LEU B 165 35.77 -17.37 0.30
N GLU B 166 36.76 -16.56 0.67
CA GLU B 166 38.13 -16.80 0.22
C GLU B 166 39.09 -16.69 1.39
N HIS B 167 40.16 -17.49 1.31
CA HIS B 167 41.20 -17.40 2.31
C HIS B 167 42.52 -17.73 1.64
N GLU B 168 43.49 -16.84 1.76
CA GLU B 168 44.84 -17.08 1.24
C GLU B 168 44.77 -17.43 -0.25
N GLY B 169 43.92 -16.71 -0.97
CA GLY B 169 43.76 -16.87 -2.40
C GLY B 169 42.97 -18.06 -2.87
N VAL B 170 42.38 -18.86 -1.98
CA VAL B 170 41.64 -20.06 -2.32
C VAL B 170 40.16 -19.81 -2.09
N VAL B 171 39.33 -20.14 -3.09
CA VAL B 171 37.88 -20.05 -2.92
C VAL B 171 37.43 -21.17 -1.99
N LEU B 172 36.84 -20.81 -0.84
CA LEU B 172 36.32 -21.79 0.10
C LEU B 172 34.84 -22.07 -0.09
N GLY B 173 34.11 -21.15 -0.71
CA GLY B 173 32.69 -21.29 -0.91
C GLY B 173 32.21 -20.25 -1.89
N ARG B 174 31.07 -20.52 -2.51
CA ARG B 174 30.55 -19.65 -3.55
C ARG B 174 29.04 -19.78 -3.66
N GLN B 175 28.36 -18.64 -3.77
CA GLN B 175 26.94 -18.59 -4.07
C GLN B 175 26.71 -17.43 -5.01
N ALA B 176 25.77 -17.58 -5.94
CA ALA B 176 25.52 -16.56 -6.94
C ALA B 176 24.03 -16.31 -7.05
N VAL B 177 23.66 -15.08 -7.35
CA VAL B 177 22.27 -14.79 -7.71
C VAL B 177 22.28 -13.86 -8.92
N GLU B 178 21.24 -13.98 -9.75
CA GLU B 178 21.06 -13.00 -10.80
C GLU B 178 20.56 -11.71 -10.18
N VAL B 179 20.88 -10.59 -10.82
CA VAL B 179 20.50 -9.28 -10.31
C VAL B 179 19.98 -8.45 -11.47
N ARG B 180 18.82 -7.84 -11.28
CA ARG B 180 18.26 -6.89 -12.23
C ARG B 180 18.13 -5.57 -11.50
N ILE B 181 18.77 -4.52 -12.05
CA ILE B 181 18.69 -3.19 -11.48
C ILE B 181 17.64 -2.43 -12.27
N CYS B 182 16.55 -2.05 -11.61
CA CYS B 182 15.38 -1.52 -12.30
C CYS B 182 14.59 -0.59 -11.38
N ALA B 183 13.84 0.31 -12.02
CA ALA B 183 13.15 1.36 -11.27
C ALA B 183 12.08 0.79 -10.36
N CYS B 184 11.45 -0.31 -10.73
N CYS B 184 11.43 -0.30 -10.76
CA CYS B 184 10.33 -0.87 -9.97
CA CYS B 184 10.34 -0.91 -9.99
C CYS B 184 10.54 -2.36 -9.73
C CYS B 184 10.63 -2.39 -9.78
N PRO B 185 11.30 -2.73 -8.69
CA PRO B 185 11.60 -4.15 -8.45
C PRO B 185 10.36 -5.02 -8.31
N GLY B 186 9.34 -4.58 -7.57
CA GLY B 186 8.16 -5.42 -7.40
C GLY B 186 7.46 -5.71 -8.72
N ARG B 187 7.35 -4.71 -9.59
CA ARG B 187 6.71 -4.90 -10.89
C ARG B 187 7.50 -5.88 -11.77
N ASP B 188 8.81 -5.70 -11.85
CA ASP B 188 9.62 -6.57 -12.69
C ASP B 188 9.68 -7.98 -12.13
N ARG B 189 9.69 -8.13 -10.81
CA ARG B 189 9.66 -9.48 -10.24
C ARG B 189 8.36 -10.20 -10.59
N ARG B 190 7.21 -9.53 -10.45
CA ARG B 190 5.95 -10.17 -10.79
C ARG B 190 5.91 -10.54 -12.27
N ALA B 191 6.35 -9.64 -13.14
CA ALA B 191 6.29 -9.90 -14.57
C ALA B 191 7.14 -11.11 -14.94
N GLU B 192 8.36 -11.18 -14.41
CA GLU B 192 9.26 -12.28 -14.75
C GLU B 192 8.80 -13.60 -14.14
N GLU B 193 8.28 -13.58 -12.91
CA GLU B 193 7.77 -14.82 -12.32
C GLU B 193 6.55 -15.32 -13.10
N THR B 194 5.69 -14.41 -13.57
CA THR B 194 4.55 -14.83 -14.36
C THR B 194 4.99 -15.50 -15.65
N ALA B 195 5.96 -14.92 -16.34
CA ALA B 195 6.43 -15.52 -17.59
C ALA B 195 7.12 -16.86 -17.36
N ALA B 196 7.78 -17.04 -16.21
CA ALA B 196 8.50 -18.27 -15.92
C ALA B 196 7.59 -19.38 -15.41
N ASP B 197 6.36 -19.06 -15.03
CA ASP B 197 5.47 -20.03 -14.43
C ASP B 197 4.93 -21.01 -15.48
N PRO B 198 5.28 -22.30 -15.43
CA PRO B 198 4.79 -23.23 -16.43
C PRO B 198 3.37 -23.73 -16.16
N ASN B 199 2.76 -23.30 -15.06
CA ASN B 199 1.45 -23.78 -14.62
C ASN B 199 0.38 -22.69 -14.66
N MET C 2 -3.92 36.31 -1.25
CA MET C 2 -4.50 35.75 -0.03
C MET C 2 -3.55 34.69 0.56
N THR C 3 -3.96 34.04 1.65
CA THR C 3 -3.06 33.07 2.29
C THR C 3 -3.04 31.73 1.56
N VAL C 4 -4.19 31.29 1.04
CA VAL C 4 -4.30 29.96 0.42
C VAL C 4 -4.73 30.10 -1.04
N PRO C 5 -3.84 29.92 -2.01
CA PRO C 5 -4.29 29.77 -3.40
C PRO C 5 -5.39 28.74 -3.51
N SER C 6 -6.45 29.09 -4.22
CA SER C 6 -7.58 28.18 -4.36
C SER C 6 -7.24 27.00 -5.26
N ASN C 7 -7.72 25.82 -4.88
CA ASN C 7 -7.72 24.66 -5.75
C ASN C 7 -9.12 24.31 -6.24
N THR C 8 -10.08 25.23 -6.09
CA THR C 8 -11.46 24.98 -6.49
C THR C 8 -11.59 24.81 -8.01
N PRO C 9 -12.11 23.69 -8.49
CA PRO C 9 -12.34 23.55 -9.93
C PRO C 9 -13.31 24.60 -10.42
N TYR C 10 -12.94 25.25 -11.52
CA TYR C 10 -13.70 26.39 -12.05
C TYR C 10 -13.56 26.38 -13.58
N SER C 11 -14.49 25.68 -14.25
CA SER C 11 -14.45 25.68 -15.72
C SER C 11 -14.64 27.08 -16.26
N GLY C 12 -15.46 27.89 -15.59
CA GLY C 12 -15.58 29.29 -15.91
C GLY C 12 -16.27 29.57 -17.24
N GLU C 13 -16.22 30.85 -17.60
CA GLU C 13 -16.93 31.36 -18.77
C GLU C 13 -16.48 30.68 -20.06
N TYR C 14 -15.24 30.19 -20.12
CA TYR C 14 -14.71 29.67 -21.36
C TYR C 14 -14.70 28.15 -21.42
N GLY C 15 -15.16 27.46 -20.37
CA GLY C 15 -15.14 26.01 -20.38
C GLY C 15 -13.74 25.43 -20.41
N PHE C 16 -12.87 25.93 -19.53
CA PHE C 16 -11.52 25.41 -19.38
C PHE C 16 -11.52 24.02 -18.74
N GLU C 17 -10.89 23.05 -19.42
CA GLU C 17 -10.80 21.69 -18.89
C GLU C 17 -9.40 21.15 -19.14
N ILE C 18 -9.01 20.15 -18.34
CA ILE C 18 -7.77 19.44 -18.59
C ILE C 18 -8.09 17.95 -18.67
N SER C 19 -7.19 17.19 -19.29
CA SER C 19 -7.34 15.75 -19.31
C SER C 19 -5.96 15.11 -19.44
N PHE C 20 -5.87 13.83 -19.08
CA PHE C 20 -4.62 13.07 -19.07
C PHE C 20 -4.86 11.81 -19.90
N GLN C 21 -4.26 11.74 -21.08
CA GLN C 21 -4.65 10.75 -22.09
C GLN C 21 -3.42 10.02 -22.60
N HIS C 22 -3.42 8.69 -22.50
CA HIS C 22 -2.40 7.86 -23.12
C HIS C 22 -2.53 7.86 -24.65
N THR C 30 3.81 3.90 -19.64
CA THR C 30 4.41 3.12 -18.56
C THR C 30 4.97 3.96 -17.40
N THR C 31 5.33 5.21 -17.66
CA THR C 31 5.93 6.05 -16.64
C THR C 31 4.96 7.01 -16.00
N TRP C 32 3.68 6.97 -16.40
CA TRP C 32 2.66 7.78 -15.75
C TRP C 32 1.32 7.09 -15.90
N THR C 33 0.44 7.31 -14.92
CA THR C 33 -0.95 6.88 -15.03
C THR C 33 -1.82 7.83 -14.24
N PHE C 34 -3.05 8.03 -14.71
CA PHE C 34 -3.98 8.95 -14.06
C PHE C 34 -5.22 8.20 -13.59
N SER C 35 -5.54 8.37 -12.32
CA SER C 35 -6.73 7.77 -11.71
C SER C 35 -7.84 8.81 -11.67
N GLU C 36 -8.87 8.63 -12.49
CA GLU C 36 -9.97 9.60 -12.39
C GLU C 36 -10.73 9.46 -11.08
N SER C 37 -10.85 8.24 -10.53
CA SER C 37 -11.53 8.05 -9.26
C SER C 37 -10.83 8.78 -8.11
N LEU C 38 -9.50 8.80 -8.09
CA LEU C 38 -8.77 9.55 -7.06
C LEU C 38 -8.49 10.99 -7.47
N LYS C 39 -8.76 11.35 -8.72
CA LYS C 39 -8.35 12.63 -9.30
C LYS C 39 -6.86 12.87 -9.02
N LYS C 40 -6.03 11.93 -9.48
CA LYS C 40 -4.66 11.90 -9.02
C LYS C 40 -3.76 11.29 -10.09
N LEU C 41 -2.71 12.04 -10.43
CA LEU C 41 -1.69 11.63 -11.37
C LEU C 41 -0.55 10.95 -10.61
N PHE C 42 -0.10 9.83 -11.16
CA PHE C 42 1.06 9.10 -10.66
C PHE C 42 2.10 9.13 -11.75
N VAL C 43 3.27 9.65 -11.46
CA VAL C 43 4.25 9.91 -12.52
C VAL C 43 5.66 9.72 -11.97
N ARG C 44 6.52 9.10 -12.78
CA ARG C 44 7.92 8.96 -12.43
C ARG C 44 8.65 10.29 -12.61
N MET C 45 9.61 10.54 -11.73
CA MET C 45 10.38 11.77 -11.78
C MET C 45 11.06 11.94 -13.14
N ALA C 46 11.12 13.20 -13.60
CA ALA C 46 11.84 13.57 -14.81
C ALA C 46 11.40 12.77 -16.03
N THR C 47 10.13 12.39 -16.11
CA THR C 47 9.60 11.77 -17.32
C THR C 47 8.45 12.63 -17.82
N THR C 48 8.36 12.81 -19.12
CA THR C 48 7.36 13.72 -19.65
C THR C 48 5.98 13.10 -19.50
N CYS C 49 5.00 13.95 -19.21
CA CYS C 49 3.63 13.53 -18.99
C CYS C 49 2.77 14.47 -19.81
N PRO C 50 1.99 13.95 -20.76
CA PRO C 50 1.16 14.84 -21.58
C PRO C 50 -0.03 15.33 -20.77
N VAL C 51 -0.27 16.63 -20.82
CA VAL C 51 -1.46 17.22 -20.23
C VAL C 51 -2.20 17.94 -21.34
N ARG C 52 -3.47 17.63 -21.49
CA ARG C 52 -4.30 18.23 -22.52
C ARG C 52 -5.17 19.33 -21.95
N PHE C 53 -5.27 20.42 -22.69
CA PHE C 53 -6.07 21.57 -22.29
C PHE C 53 -7.08 21.87 -23.40
N LYS C 54 -8.26 22.32 -22.99
CA LYS C 54 -9.31 22.69 -23.93
C LYS C 54 -10.15 23.80 -23.33
N THR C 55 -10.65 24.68 -24.19
CA THR C 55 -11.66 25.64 -23.84
C THR C 55 -12.83 25.47 -24.81
N VAL C 56 -14.05 25.52 -24.29
CA VAL C 56 -15.24 25.47 -25.14
C VAL C 56 -15.31 26.69 -26.04
N HIS C 57 -15.09 27.87 -25.46
CA HIS C 57 -15.01 29.12 -26.21
C HIS C 57 -13.59 29.65 -26.09
N GLN C 58 -13.08 30.23 -27.17
CA GLN C 58 -11.70 30.66 -27.16
C GLN C 58 -11.55 31.87 -26.26
N PRO C 59 -10.54 31.91 -25.39
CA PRO C 59 -10.38 33.01 -24.45
C PRO C 59 -9.74 34.20 -25.14
N PRO C 60 -9.65 35.36 -24.47
CA PRO C 60 -9.11 36.54 -25.15
C PRO C 60 -7.67 36.34 -25.57
N ALA C 61 -7.21 37.22 -26.48
CA ALA C 61 -5.85 37.13 -26.99
C ALA C 61 -4.85 37.41 -25.87
N GLY C 62 -3.77 36.64 -25.88
CA GLY C 62 -2.76 36.79 -24.84
C GLY C 62 -3.08 36.08 -23.55
N SER C 63 -4.05 35.19 -23.53
CA SER C 63 -4.27 34.39 -22.34
C SER C 63 -3.12 33.41 -22.17
N VAL C 64 -2.92 32.93 -20.94
CA VAL C 64 -1.82 32.05 -20.61
C VAL C 64 -2.36 30.91 -19.75
N ILE C 65 -1.56 29.85 -19.65
CA ILE C 65 -1.88 28.74 -18.77
C ILE C 65 -0.72 28.55 -17.79
N ARG C 66 -1.04 28.64 -16.51
CA ARG C 66 -0.08 28.53 -15.43
C ARG C 66 -0.22 27.18 -14.76
N ALA C 67 0.90 26.52 -14.47
CA ALA C 67 0.89 25.31 -13.65
C ALA C 67 1.68 25.60 -12.38
N MET C 68 1.04 25.40 -11.22
CA MET C 68 1.68 25.69 -9.94
C MET C 68 1.47 24.59 -8.92
N PRO C 69 2.54 24.00 -8.37
CA PRO C 69 2.40 23.03 -7.29
C PRO C 69 2.12 23.70 -5.95
N ILE C 70 1.38 22.98 -5.09
CA ILE C 70 1.07 23.44 -3.74
C ILE C 70 0.87 22.23 -2.86
N TYR C 71 1.26 22.38 -1.59
CA TYR C 71 1.03 21.33 -0.61
C TYR C 71 -0.45 21.25 -0.27
N VAL C 72 -0.91 20.04 -0.01
CA VAL C 72 -2.33 19.81 0.25
C VAL C 72 -2.70 20.13 1.70
N LYS C 73 -1.90 19.70 2.67
CA LYS C 73 -2.36 19.80 4.06
C LYS C 73 -2.17 21.21 4.62
N PRO C 74 -3.04 21.63 5.56
CA PRO C 74 -2.93 22.99 6.10
C PRO C 74 -1.60 23.26 6.78
N GLU C 75 -1.01 22.26 7.43
CA GLU C 75 0.28 22.46 8.07
C GLU C 75 1.39 22.79 7.06
N HIS C 76 1.22 22.42 5.79
CA HIS C 76 2.27 22.62 4.79
C HIS C 76 1.92 23.65 3.72
N VAL C 77 0.66 24.07 3.63
CA VAL C 77 0.18 24.77 2.43
C VAL C 77 0.89 26.11 2.24
N GLN C 78 1.35 26.73 3.32
CA GLN C 78 2.05 28.01 3.20
C GLN C 78 3.44 27.86 2.60
N GLU C 79 4.06 26.69 2.71
CA GLU C 79 5.43 26.52 2.25
C GLU C 79 5.49 26.35 0.74
N VAL C 80 6.35 27.13 0.09
CA VAL C 80 6.53 27.01 -1.35
C VAL C 80 7.01 25.62 -1.71
N VAL C 81 6.37 25.01 -2.70
CA VAL C 81 6.80 23.72 -3.24
C VAL C 81 7.94 23.97 -4.22
N LYS C 82 9.11 23.38 -3.96
CA LYS C 82 10.19 23.45 -4.94
C LYS C 82 11.09 22.23 -4.80
N ARG C 83 12.10 22.16 -5.67
CA ARG C 83 13.02 21.03 -5.64
C ARG C 83 13.86 21.04 -4.36
N CYS C 84 14.36 19.85 -3.99
CA CYS C 84 15.30 19.73 -2.89
C CYS C 84 16.65 20.32 -3.29
N PRO C 85 17.45 20.80 -2.32
CA PRO C 85 18.77 21.37 -2.68
C PRO C 85 19.65 20.41 -3.46
N ASN C 86 19.60 19.10 -3.18
CA ASN C 86 20.45 18.17 -3.91
C ASN C 86 20.07 18.12 -5.39
N HIS C 87 18.78 17.95 -5.70
CA HIS C 87 18.37 17.89 -7.09
C HIS C 87 18.47 19.24 -7.80
N ALA C 88 18.42 20.35 -7.05
CA ALA C 88 18.49 21.66 -7.66
C ALA C 88 19.91 22.05 -8.06
N THR C 89 20.93 21.40 -7.48
CA THR C 89 22.31 21.79 -7.68
C THR C 89 23.15 20.75 -8.42
N THR C 90 22.66 19.53 -8.58
CA THR C 90 23.43 18.55 -9.33
C THR C 90 23.43 18.90 -10.82
N LYS C 91 24.41 18.34 -11.54
CA LYS C 91 24.53 18.67 -12.96
C LYS C 91 23.38 18.05 -13.77
N GLU C 92 22.95 16.86 -13.39
CA GLU C 92 21.96 16.12 -14.18
C GLU C 92 20.65 16.90 -14.28
N HIS C 93 20.04 16.85 -15.47
CA HIS C 93 18.75 17.47 -15.77
C HIS C 93 18.81 18.99 -15.79
N ASN C 94 19.94 19.57 -15.38
CA ASN C 94 20.01 21.02 -15.20
C ASN C 94 20.91 21.72 -16.20
N GLU C 95 21.45 20.99 -17.18
CA GLU C 95 22.30 21.61 -18.20
C GLU C 95 21.50 22.61 -19.03
N ASP C 96 21.90 23.88 -18.95
CA ASP C 96 21.27 24.98 -19.70
C ASP C 96 19.79 25.16 -19.34
N HIS C 97 19.33 24.69 -18.12
CA HIS C 97 17.95 25.00 -17.78
C HIS C 97 17.88 26.30 -16.97
N PRO C 98 16.92 27.19 -17.28
CA PRO C 98 16.94 28.53 -16.67
C PRO C 98 16.39 28.63 -15.25
N ALA C 99 15.76 27.59 -14.72
CA ALA C 99 15.19 27.63 -13.36
C ALA C 99 15.33 26.26 -12.71
N PRO C 100 16.55 25.92 -12.27
CA PRO C 100 16.82 24.56 -11.77
C PRO C 100 16.14 24.24 -10.46
N THR C 101 15.60 25.22 -9.73
CA THR C 101 14.91 24.92 -8.50
C THR C 101 13.43 24.61 -8.68
N HIS C 102 12.87 24.79 -9.89
CA HIS C 102 11.44 24.60 -10.08
C HIS C 102 11.07 23.11 -10.16
N LEU C 103 10.02 22.72 -9.42
CA LEU C 103 9.58 21.32 -9.44
C LEU C 103 8.91 20.97 -10.76
N VAL C 104 8.03 21.85 -11.25
CA VAL C 104 7.20 21.59 -12.43
C VAL C 104 7.85 22.25 -13.63
N ARG C 105 8.21 21.44 -14.62
CA ARG C 105 8.73 21.95 -15.87
C ARG C 105 7.72 21.71 -16.98
N CYS C 106 7.69 22.61 -17.97
CA CYS C 106 6.91 22.40 -19.19
C CYS C 106 7.84 22.47 -20.40
N GLU C 107 7.63 21.56 -21.35
CA GLU C 107 8.52 21.48 -22.51
C GLU C 107 8.25 22.59 -23.53
N HIS C 108 7.11 23.29 -23.45
CA HIS C 108 6.74 24.28 -24.46
C HIS C 108 7.89 25.22 -24.76
N LYS C 109 8.10 25.48 -26.06
CA LYS C 109 9.24 26.27 -26.50
C LYS C 109 9.28 27.64 -25.82
N LEU C 110 8.11 28.21 -25.50
CA LEU C 110 8.04 29.53 -24.90
C LEU C 110 7.66 29.50 -23.41
N ALA C 111 7.79 28.34 -22.75
CA ALA C 111 7.50 28.27 -21.33
C ALA C 111 8.31 29.30 -20.54
N SER C 112 7.68 29.89 -19.53
CA SER C 112 8.34 30.90 -18.71
C SER C 112 8.22 30.53 -17.24
N TYR C 113 9.36 30.48 -16.56
CA TYR C 113 9.44 30.03 -15.17
C TYR C 113 9.43 31.26 -14.27
N VAL C 114 8.38 31.42 -13.48
CA VAL C 114 8.15 32.66 -12.78
C VAL C 114 8.04 32.38 -11.28
N GLU C 115 8.28 33.44 -10.50
CA GLU C 115 8.26 33.37 -9.06
C GLU C 115 7.45 34.56 -8.55
N ASP C 116 6.41 34.30 -7.77
CA ASP C 116 5.54 35.37 -7.31
C ASP C 116 6.34 36.31 -6.40
N PRO C 117 6.27 37.62 -6.61
CA PRO C 117 7.10 38.54 -5.81
C PRO C 117 6.70 38.62 -4.34
N TYR C 118 5.47 38.29 -3.99
CA TYR C 118 4.99 38.40 -2.61
C TYR C 118 5.03 37.10 -1.84
N THR C 119 4.83 35.95 -2.50
CA THR C 119 4.85 34.67 -1.81
C THR C 119 6.09 33.83 -2.09
N GLY C 120 6.85 34.14 -3.13
CA GLY C 120 7.91 33.25 -3.57
C GLY C 120 7.45 32.00 -4.30
N ARG C 121 6.14 31.80 -4.48
CA ARG C 121 5.68 30.58 -5.15
C ARG C 121 6.22 30.52 -6.57
N GLN C 122 6.67 29.33 -6.98
CA GLN C 122 7.20 29.14 -8.32
C GLN C 122 6.17 28.44 -9.18
N SER C 123 6.11 28.83 -10.46
CA SER C 123 5.19 28.20 -11.38
C SER C 123 5.75 28.37 -12.77
N VAL C 124 5.14 27.68 -13.73
CA VAL C 124 5.58 27.77 -15.11
C VAL C 124 4.37 28.16 -15.95
N ILE C 125 4.57 29.16 -16.80
N ILE C 125 4.53 29.18 -16.78
CA ILE C 125 3.55 29.75 -17.65
CA ILE C 125 3.45 29.68 -17.61
C ILE C 125 3.79 29.31 -19.09
C ILE C 125 3.76 29.38 -19.07
N ILE C 126 2.71 29.09 -19.83
CA ILE C 126 2.81 28.88 -21.26
C ILE C 126 1.70 29.67 -21.93
N PRO C 127 1.84 29.97 -23.23
CA PRO C 127 0.79 30.69 -23.93
C PRO C 127 -0.43 29.80 -24.07
N GLN C 128 -1.61 30.41 -24.02
CA GLN C 128 -2.81 29.72 -24.47
C GLN C 128 -2.86 29.75 -25.99
N GLU C 129 -3.15 28.60 -26.61
CA GLU C 129 -3.08 28.46 -28.06
C GLU C 129 -4.34 27.76 -28.57
N HIS C 130 -4.86 28.26 -29.68
CA HIS C 130 -5.96 27.57 -30.34
C HIS C 130 -5.50 26.18 -30.76
N PRO C 131 -6.39 25.18 -30.70
CA PRO C 131 -6.01 23.85 -31.15
C PRO C 131 -5.64 23.87 -32.64
N GLN C 132 -4.66 23.04 -32.99
CA GLN C 132 -4.44 22.74 -34.40
C GLN C 132 -5.71 22.16 -34.99
N ALA C 133 -6.07 22.61 -36.20
CA ALA C 133 -7.23 22.08 -36.88
C ALA C 133 -7.15 20.56 -36.99
N GLY C 134 -8.28 19.90 -36.77
CA GLY C 134 -8.29 18.46 -36.61
C GLY C 134 -8.11 18.00 -35.18
N ALA C 135 -8.33 18.89 -34.20
CA ALA C 135 -8.18 18.56 -32.80
C ALA C 135 -9.01 19.53 -31.98
N GLU C 136 -9.37 19.09 -30.77
CA GLU C 136 -10.03 19.96 -29.80
C GLU C 136 -9.21 20.16 -28.52
N TRP C 137 -8.21 19.32 -28.27
CA TRP C 137 -7.34 19.47 -27.12
C TRP C 137 -5.97 19.94 -27.59
N VAL C 138 -5.33 20.78 -26.80
CA VAL C 138 -3.93 21.13 -26.99
C VAL C 138 -3.12 20.37 -25.96
N THR C 139 -2.17 19.58 -26.42
CA THR C 139 -1.32 18.81 -25.52
C THR C 139 -0.03 19.56 -25.22
N ASN C 140 0.30 19.68 -23.94
CA ASN C 140 1.60 20.15 -23.50
C ASN C 140 2.24 19.11 -22.60
N LEU C 141 3.56 19.03 -22.66
CA LEU C 141 4.31 18.04 -21.92
C LEU C 141 4.91 18.66 -20.66
N TYR C 142 4.68 18.02 -19.53
CA TYR C 142 5.16 18.48 -18.24
C TYR C 142 6.02 17.40 -17.60
N GLN C 143 6.99 17.85 -16.81
CA GLN C 143 7.82 16.96 -16.00
C GLN C 143 7.81 17.44 -14.55
N PHE C 144 8.07 16.51 -13.65
CA PHE C 144 8.13 16.79 -12.22
C PHE C 144 9.48 16.31 -11.73
N MET C 145 10.24 17.21 -11.10
CA MET C 145 11.68 17.10 -11.08
C MET C 145 12.24 16.68 -9.72
N CYS C 146 11.39 16.16 -8.84
CA CYS C 146 11.85 15.57 -7.57
C CYS C 146 10.96 14.37 -7.28
N PHE C 147 11.51 13.39 -6.57
CA PHE C 147 10.71 12.31 -6.01
C PHE C 147 9.81 12.85 -4.90
N SER C 148 8.60 12.28 -4.78
CA SER C 148 7.71 12.61 -3.67
C SER C 148 8.38 12.34 -2.33
N SER C 149 9.42 11.51 -2.29
CA SER C 149 10.12 11.19 -1.05
C SER C 149 11.39 12.02 -0.82
N CYS C 150 11.70 12.98 -1.69
CA CYS C 150 12.94 13.73 -1.53
C CYS C 150 13.03 14.45 -0.19
N VAL C 151 13.86 13.92 0.72
CA VAL C 151 14.14 14.61 1.97
C VAL C 151 14.67 16.00 1.65
N GLY C 152 14.21 17.00 2.40
CA GLY C 152 14.61 18.36 2.08
C GLY C 152 13.88 18.97 0.90
N GLY C 153 12.98 18.24 0.26
CA GLY C 153 12.04 18.83 -0.67
C GLY C 153 10.63 18.42 -0.29
N LEU C 154 9.95 17.72 -1.20
CA LEU C 154 8.57 17.28 -0.94
C LEU C 154 8.46 16.50 0.37
N ASN C 155 9.44 15.62 0.65
CA ASN C 155 9.53 14.85 1.89
C ASN C 155 8.22 14.15 2.23
N ARG C 156 7.62 13.51 1.22
CA ARG C 156 6.39 12.70 1.32
C ARG C 156 5.16 13.53 1.68
N ARG C 157 5.22 14.82 1.48
CA ARG C 157 4.01 15.60 1.75
C ARG C 157 3.17 15.71 0.48
N PRO C 158 1.86 15.45 0.56
CA PRO C 158 1.04 15.43 -0.65
C PRO C 158 0.95 16.81 -1.29
N ILE C 159 0.98 16.81 -2.62
CA ILE C 159 0.86 18.04 -3.39
C ILE C 159 -0.28 17.91 -4.38
N GLN C 160 -0.73 19.07 -4.82
CA GLN C 160 -1.55 19.24 -6.00
C GLN C 160 -0.78 20.09 -6.99
N VAL C 161 -1.16 19.97 -8.24
CA VAL C 161 -0.78 20.94 -9.26
C VAL C 161 -2.06 21.60 -9.73
N ILE C 162 -2.08 22.92 -9.66
CA ILE C 162 -3.21 23.76 -10.05
C ILE C 162 -2.89 24.35 -11.41
N PHE C 163 -3.78 24.12 -12.36
CA PHE C 163 -3.69 24.74 -13.68
C PHE C 163 -4.72 25.86 -13.77
N THR C 164 -4.27 27.05 -14.11
CA THR C 164 -5.19 28.18 -14.26
C THR C 164 -5.03 28.78 -15.64
N LEU C 165 -6.16 29.18 -16.21
CA LEU C 165 -6.23 29.95 -17.44
C LEU C 165 -6.35 31.42 -17.04
N GLU C 166 -5.40 32.24 -17.49
CA GLU C 166 -5.28 33.60 -16.98
C GLU C 166 -5.17 34.61 -18.11
N HIS C 167 -5.79 35.77 -17.89
CA HIS C 167 -5.71 36.87 -18.83
C HIS C 167 -5.70 38.19 -18.06
N GLU C 168 -4.69 39.01 -18.33
CA GLU C 168 -4.51 40.32 -17.69
C GLU C 168 -4.57 40.21 -16.17
N GLY C 169 -3.98 39.15 -15.63
CA GLY C 169 -3.91 38.98 -14.19
C GLY C 169 -5.14 38.37 -13.54
N VAL C 170 -6.15 37.99 -14.32
CA VAL C 170 -7.40 37.45 -13.80
C VAL C 170 -7.46 35.96 -14.14
N VAL C 171 -7.83 35.15 -13.15
CA VAL C 171 -8.06 33.72 -13.32
C VAL C 171 -9.40 33.54 -14.03
N LEU C 172 -9.35 33.04 -15.27
CA LEU C 172 -10.57 32.75 -16.02
C LEU C 172 -11.03 31.31 -15.86
N GLY C 173 -10.15 30.43 -15.44
CA GLY C 173 -10.52 29.03 -15.25
C GLY C 173 -9.48 28.35 -14.41
N ARG C 174 -9.90 27.28 -13.72
CA ARG C 174 -9.01 26.53 -12.84
C ARG C 174 -9.37 25.06 -12.83
N GLN C 175 -8.36 24.21 -12.94
CA GLN C 175 -8.50 22.79 -12.65
C GLN C 175 -7.28 22.36 -11.85
N ALA C 176 -7.43 21.33 -11.02
CA ALA C 176 -6.33 20.87 -10.17
C ALA C 176 -6.43 19.36 -9.98
N VAL C 177 -5.26 18.72 -9.84
CA VAL C 177 -5.19 17.29 -9.54
C VAL C 177 -4.09 17.06 -8.49
N GLU C 178 -4.28 16.01 -7.71
CA GLU C 178 -3.16 15.55 -6.90
C GLU C 178 -2.12 14.93 -7.81
N VAL C 179 -0.86 15.02 -7.37
CA VAL C 179 0.25 14.44 -8.10
C VAL C 179 1.12 13.70 -7.11
N ARG C 180 1.33 12.42 -7.36
CA ARG C 180 2.30 11.62 -6.62
C ARG C 180 3.44 11.29 -7.57
N ILE C 181 4.65 11.72 -7.24
CA ILE C 181 5.81 11.47 -8.08
C ILE C 181 6.49 10.23 -7.53
N CYS C 182 6.45 9.12 -8.27
CA CYS C 182 6.83 7.84 -7.70
C CYS C 182 7.41 6.92 -8.77
N ALA C 183 8.19 5.94 -8.32
CA ALA C 183 8.91 5.07 -9.24
C ALA C 183 8.00 4.05 -9.92
N CYS C 184 6.87 3.71 -9.31
CA CYS C 184 5.96 2.66 -9.78
C CYS C 184 4.55 3.20 -9.88
N PRO C 185 4.27 4.07 -10.85
CA PRO C 185 2.95 4.71 -10.88
C PRO C 185 1.80 3.74 -11.02
N GLY C 186 1.96 2.69 -11.84
CA GLY C 186 0.88 1.74 -12.01
C GLY C 186 0.53 1.00 -10.73
N ARG C 187 1.55 0.49 -10.04
CA ARG C 187 1.32 -0.25 -8.81
C ARG C 187 0.80 0.66 -7.71
N ASP C 188 1.30 1.90 -7.63
CA ASP C 188 0.88 2.81 -6.59
C ASP C 188 -0.56 3.26 -6.78
N ARG C 189 -0.98 3.44 -8.03
CA ARG C 189 -2.37 3.74 -8.32
C ARG C 189 -3.29 2.61 -7.89
N ARG C 190 -2.92 1.37 -8.21
CA ARG C 190 -3.78 0.25 -7.85
C ARG C 190 -3.86 0.06 -6.34
N ALA C 191 -2.74 0.22 -5.65
CA ALA C 191 -2.77 0.20 -4.19
C ALA C 191 -3.71 1.28 -3.65
N GLU C 192 -3.52 2.53 -4.10
CA GLU C 192 -4.32 3.62 -3.56
C GLU C 192 -5.80 3.47 -3.90
N GLU C 193 -6.10 3.03 -5.13
CA GLU C 193 -7.50 2.83 -5.53
C GLU C 193 -8.16 1.67 -4.80
N THR C 194 -7.37 0.66 -4.43
CA THR C 194 -7.92 -0.48 -3.70
C THR C 194 -8.22 -0.10 -2.25
N ALA C 195 -7.26 0.56 -1.58
CA ALA C 195 -7.48 1.03 -0.22
C ALA C 195 -8.54 2.12 -0.12
N ALA C 196 -9.08 2.60 -1.24
CA ALA C 196 -10.15 3.58 -1.22
C ALA C 196 -11.50 3.02 -1.63
N ASP C 197 -11.57 1.73 -1.96
CA ASP C 197 -12.83 1.09 -2.34
C ASP C 197 -13.08 -0.19 -1.54
N SER D 1 34.57 -3.46 11.78
CA SER D 1 33.40 -3.59 12.64
C SER D 1 32.15 -3.84 11.79
N MET D 2 31.16 -4.51 12.37
CA MET D 2 30.01 -4.99 11.59
C MET D 2 29.06 -3.85 11.25
N THR D 3 28.49 -3.91 10.04
CA THR D 3 27.71 -2.79 9.52
C THR D 3 26.34 -2.65 10.19
N VAL D 4 25.72 -3.76 10.56
CA VAL D 4 24.30 -3.77 10.93
C VAL D 4 24.19 -4.22 12.39
N PRO D 5 23.79 -3.34 13.32
CA PRO D 5 23.60 -3.77 14.71
C PRO D 5 22.43 -4.75 14.78
N SER D 6 22.62 -5.84 15.51
CA SER D 6 21.66 -6.94 15.47
C SER D 6 20.37 -6.59 16.21
N ASN D 7 19.24 -7.00 15.64
CA ASN D 7 17.98 -6.91 16.36
C ASN D 7 17.42 -8.29 16.70
N THR D 8 18.25 -9.33 16.67
CA THR D 8 17.77 -10.71 16.74
C THR D 8 17.41 -11.07 18.18
N PRO D 9 16.18 -11.48 18.46
CA PRO D 9 15.82 -11.87 19.82
C PRO D 9 16.71 -12.97 20.34
N TYR D 10 17.15 -12.82 21.60
CA TYR D 10 18.18 -13.69 22.15
C TYR D 10 18.03 -13.74 23.68
N SER D 11 17.25 -14.72 24.15
CA SER D 11 17.05 -14.93 25.58
C SER D 11 18.38 -15.15 26.29
N GLY D 12 19.26 -15.95 25.71
CA GLY D 12 20.58 -16.15 26.22
C GLY D 12 20.61 -17.07 27.42
N GLU D 13 21.79 -17.13 28.04
CA GLU D 13 22.04 -18.02 29.16
C GLU D 13 21.13 -17.72 30.34
N TYR D 14 20.83 -16.45 30.60
CA TYR D 14 20.08 -16.04 31.77
C TYR D 14 18.60 -15.84 31.51
N GLY D 15 18.13 -16.12 30.30
CA GLY D 15 16.70 -16.05 30.02
C GLY D 15 16.15 -14.64 30.07
N PHE D 16 16.79 -13.74 29.33
CA PHE D 16 16.42 -12.33 29.34
C PHE D 16 15.16 -12.11 28.52
N GLU D 17 14.13 -11.50 29.13
CA GLU D 17 12.88 -11.25 28.42
C GLU D 17 12.36 -9.86 28.74
N ILE D 18 11.60 -9.29 27.80
CA ILE D 18 10.92 -8.04 28.05
C ILE D 18 9.42 -8.24 27.84
N SER D 19 8.63 -7.37 28.46
CA SER D 19 7.20 -7.56 28.48
C SER D 19 6.53 -6.19 28.62
N PHE D 20 5.29 -6.10 28.14
CA PHE D 20 4.44 -4.93 28.36
C PHE D 20 3.23 -5.34 29.17
N GLN D 21 3.05 -4.70 30.33
CA GLN D 21 1.96 -5.04 31.26
C GLN D 21 0.59 -4.92 30.60
N HIS D 22 -0.37 -5.68 31.11
CA HIS D 22 -1.72 -5.63 30.57
C HIS D 22 -2.39 -4.31 30.95
N GLN D 23 -3.34 -3.89 30.11
CA GLN D 23 -4.12 -2.68 30.37
C GLN D 23 -5.62 -2.99 30.42
N SER D 29 -4.03 2.86 29.52
CA SER D 29 -3.39 4.16 29.44
C SER D 29 -3.89 5.01 28.27
N THR D 30 -3.79 6.32 28.47
CA THR D 30 -4.04 7.26 27.40
C THR D 30 -2.83 7.50 26.51
N THR D 31 -1.62 7.19 26.97
CA THR D 31 -0.41 7.67 26.30
C THR D 31 0.44 6.58 25.68
N TRP D 32 0.18 5.30 25.95
CA TRP D 32 0.93 4.24 25.29
C TRP D 32 0.05 3.01 25.14
N THR D 33 0.32 2.23 24.09
CA THR D 33 -0.33 0.95 23.93
C THR D 33 0.56 0.05 23.09
N PHE D 34 0.53 -1.24 23.40
CA PHE D 34 1.40 -2.21 22.75
C PHE D 34 0.54 -3.19 21.96
N SER D 35 0.83 -3.33 20.66
CA SER D 35 0.18 -4.32 19.82
C SER D 35 0.99 -5.61 19.85
N GLU D 36 0.39 -6.68 20.39
CA GLU D 36 1.06 -7.97 20.39
C GLU D 36 1.13 -8.55 18.98
N SER D 37 0.05 -8.40 18.20
CA SER D 37 0.02 -8.95 16.86
C SER D 37 1.03 -8.28 15.93
N LEU D 38 1.33 -7.00 16.15
CA LEU D 38 2.33 -6.30 15.36
C LEU D 38 3.71 -6.28 16.01
N LYS D 39 3.82 -6.69 17.27
CA LYS D 39 5.03 -6.50 18.08
C LYS D 39 5.54 -5.07 17.94
N LYS D 40 4.64 -4.13 18.22
CA LYS D 40 4.92 -2.72 18.00
C LYS D 40 4.31 -1.91 19.13
N LEU D 41 5.13 -1.08 19.75
CA LEU D 41 4.70 -0.13 20.76
C LEU D 41 4.25 1.18 20.11
N PHE D 42 3.14 1.73 20.58
CA PHE D 42 2.68 3.06 20.18
C PHE D 42 2.66 3.92 21.44
N VAL D 43 3.30 5.09 21.37
CA VAL D 43 3.56 5.88 22.56
C VAL D 43 3.63 7.36 22.17
N ARG D 44 3.05 8.22 23.00
CA ARG D 44 3.12 9.64 22.76
C ARG D 44 4.48 10.19 23.20
N MET D 45 4.96 11.21 22.49
CA MET D 45 6.26 11.80 22.78
C MET D 45 6.33 12.32 24.21
N ALA D 46 7.47 12.07 24.86
CA ALA D 46 7.80 12.61 26.18
C ALA D 46 6.77 12.21 27.24
N THR D 47 6.27 10.98 27.14
CA THR D 47 5.42 10.41 28.17
C THR D 47 6.08 9.14 28.69
N THR D 48 5.93 8.94 30.00
CA THR D 48 6.42 7.73 30.66
C THR D 48 5.81 6.46 30.07
N CYS D 49 6.64 5.48 29.75
CA CYS D 49 6.17 4.21 29.19
C CYS D 49 6.84 3.05 29.91
N PRO D 50 6.08 2.17 30.58
CA PRO D 50 6.71 1.12 31.39
C PRO D 50 7.13 -0.06 30.53
N VAL D 51 8.39 -0.48 30.69
CA VAL D 51 8.90 -1.68 30.03
C VAL D 51 9.33 -2.65 31.13
N ARG D 52 8.85 -3.88 31.07
CA ARG D 52 9.17 -4.86 32.09
C ARG D 52 10.31 -5.77 31.61
N PHE D 53 11.19 -6.12 32.54
CA PHE D 53 12.37 -6.94 32.27
C PHE D 53 12.45 -8.08 33.27
N LYS D 54 12.94 -9.23 32.80
CA LYS D 54 13.19 -10.33 33.72
C LYS D 54 14.36 -11.14 33.20
N THR D 55 15.01 -11.84 34.13
CA THR D 55 15.92 -12.92 33.81
C THR D 55 15.52 -14.12 34.64
N VAL D 56 15.70 -15.32 34.08
CA VAL D 56 15.34 -16.50 34.83
C VAL D 56 16.28 -16.70 36.01
N HIS D 57 17.58 -16.45 35.82
CA HIS D 57 18.47 -16.38 36.96
C HIS D 57 19.48 -15.28 36.75
N GLN D 58 20.10 -14.88 37.84
CA GLN D 58 20.78 -13.59 37.87
C GLN D 58 22.05 -13.62 37.02
N PRO D 59 22.24 -12.62 36.16
CA PRO D 59 23.49 -12.47 35.44
C PRO D 59 24.61 -12.01 36.35
N PRO D 60 25.85 -11.95 35.85
CA PRO D 60 26.98 -11.54 36.71
C PRO D 60 26.77 -10.16 37.32
N ALA D 61 27.29 -10.01 38.54
CA ALA D 61 27.31 -8.71 39.20
C ALA D 61 27.91 -7.65 38.28
N GLY D 62 27.29 -6.47 38.28
CA GLY D 62 27.72 -5.42 37.38
C GLY D 62 27.00 -5.39 36.04
N SER D 63 26.15 -6.38 35.76
CA SER D 63 25.46 -6.42 34.47
C SER D 63 24.55 -5.19 34.31
N VAL D 64 24.27 -4.83 33.05
CA VAL D 64 23.49 -3.64 32.75
C VAL D 64 22.49 -3.93 31.64
N ILE D 65 21.53 -3.02 31.50
CA ILE D 65 20.54 -3.09 30.44
C ILE D 65 20.70 -1.84 29.58
N ARG D 66 21.07 -2.03 28.32
CA ARG D 66 21.18 -0.95 27.35
C ARG D 66 19.91 -0.88 26.51
N ALA D 67 19.42 0.34 26.27
CA ALA D 67 18.32 0.59 25.33
C ALA D 67 18.86 1.48 24.22
N MET D 68 18.75 1.01 22.98
CA MET D 68 19.33 1.75 21.87
C MET D 68 18.35 1.77 20.71
N PRO D 69 17.95 2.94 20.20
CA PRO D 69 17.11 2.96 19.01
C PRO D 69 17.94 2.73 17.75
N ILE D 70 17.32 2.05 16.77
CA ILE D 70 17.93 1.83 15.47
CA ILE D 70 17.93 1.85 15.46
C ILE D 70 16.85 1.93 14.40
N TYR D 71 17.23 2.37 13.19
CA TYR D 71 16.28 2.38 12.09
C TYR D 71 16.08 0.96 11.58
N VAL D 72 14.87 0.71 11.07
CA VAL D 72 14.50 -0.63 10.63
C VAL D 72 14.97 -0.92 9.19
N LYS D 73 14.81 0.03 8.28
CA LYS D 73 15.00 -0.28 6.87
C LYS D 73 16.49 -0.27 6.49
N PRO D 74 16.89 -1.11 5.52
CA PRO D 74 18.32 -1.21 5.17
C PRO D 74 18.92 0.10 4.70
N GLU D 75 18.15 0.93 4.02
CA GLU D 75 18.69 2.20 3.57
C GLU D 75 18.89 3.18 4.73
N HIS D 76 18.38 2.87 5.93
CA HIS D 76 18.52 3.78 7.07
C HIS D 76 19.34 3.21 8.22
N VAL D 77 19.60 1.90 8.24
CA VAL D 77 20.05 1.24 9.46
C VAL D 77 21.42 1.76 9.91
N GLN D 78 22.24 2.25 8.97
CA GLN D 78 23.55 2.78 9.36
C GLN D 78 23.47 4.14 10.02
N GLU D 79 22.38 4.87 9.87
CA GLU D 79 22.30 6.22 10.41
C GLU D 79 21.96 6.18 11.90
N VAL D 80 22.76 6.88 12.71
CA VAL D 80 22.49 6.97 14.14
C VAL D 80 21.11 7.60 14.37
N VAL D 81 20.28 6.93 15.16
CA VAL D 81 18.96 7.45 15.51
C VAL D 81 19.14 8.48 16.63
N LYS D 82 18.68 9.71 16.39
CA LYS D 82 18.72 10.72 17.44
C LYS D 82 17.60 11.73 17.18
N ARG D 83 17.46 12.66 18.12
CA ARG D 83 16.42 13.68 18.06
C ARG D 83 16.71 14.64 16.92
N CYS D 84 15.65 15.32 16.47
CA CYS D 84 15.82 16.37 15.47
C CYS D 84 16.46 17.59 16.14
N PRO D 85 17.13 18.43 15.36
CA PRO D 85 17.75 19.63 15.94
C PRO D 85 16.76 20.56 16.61
N ASN D 86 15.53 20.68 16.11
CA ASN D 86 14.55 21.53 16.79
C ASN D 86 14.34 21.06 18.23
N HIS D 87 14.01 19.78 18.40
CA HIS D 87 13.73 19.31 19.76
C HIS D 87 15.00 19.23 20.60
N ALA D 88 16.15 19.00 19.98
CA ALA D 88 17.39 18.89 20.75
C ALA D 88 17.84 20.24 21.29
N THR D 89 17.52 21.34 20.59
CA THR D 89 18.00 22.66 20.98
C THR D 89 16.95 23.53 21.64
N THR D 90 15.70 23.08 21.71
CA THR D 90 14.72 23.88 22.43
C THR D 90 14.92 23.73 23.94
N LYS D 91 14.35 24.69 24.69
CA LYS D 91 14.54 24.67 26.14
C LYS D 91 13.69 23.58 26.78
N GLU D 92 12.46 23.38 26.30
CA GLU D 92 11.56 22.42 26.92
C GLU D 92 12.19 21.03 26.94
N HIS D 93 11.97 20.32 28.05
CA HIS D 93 12.49 18.97 28.28
C HIS D 93 14.02 18.91 28.35
N ASN D 94 14.70 20.03 28.06
CA ASN D 94 16.14 19.98 27.92
C ASN D 94 16.91 20.76 28.96
N GLU D 95 16.24 21.55 29.81
CA GLU D 95 16.92 22.35 30.83
C GLU D 95 17.84 21.47 31.66
N ASP D 96 19.15 21.61 31.43
CA ASP D 96 20.21 20.91 32.17
C ASP D 96 20.13 19.39 32.01
N HIS D 97 19.40 18.88 31.02
CA HIS D 97 19.46 17.45 30.77
C HIS D 97 20.85 17.08 30.27
N PRO D 98 21.42 15.95 30.73
CA PRO D 98 22.79 15.61 30.33
C PRO D 98 22.93 15.17 28.87
N ALA D 99 21.85 14.76 28.20
CA ALA D 99 21.97 14.23 26.83
C ALA D 99 20.78 14.65 26.00
N PRO D 100 20.68 15.95 25.69
CA PRO D 100 19.46 16.46 25.03
C PRO D 100 19.29 16.02 23.59
N THR D 101 20.30 15.44 22.93
CA THR D 101 20.09 14.89 21.59
C THR D 101 19.59 13.45 21.58
N HIS D 102 19.59 12.75 22.72
CA HIS D 102 19.21 11.33 22.72
C HIS D 102 17.71 11.16 22.55
N LEU D 103 17.32 10.22 21.68
CA LEU D 103 15.90 9.95 21.48
C LEU D 103 15.31 9.24 22.69
N VAL D 104 16.01 8.26 23.24
CA VAL D 104 15.49 7.38 24.28
C VAL D 104 16.01 7.85 25.64
N ARG D 105 15.09 8.18 26.54
CA ARG D 105 15.40 8.50 27.93
C ARG D 105 14.87 7.40 28.83
N CYS D 106 15.52 7.24 29.98
CA CYS D 106 15.10 6.31 31.01
C CYS D 106 15.03 7.05 32.34
N GLU D 107 13.98 6.79 33.10
CA GLU D 107 13.76 7.51 34.35
C GLU D 107 14.49 6.90 35.54
N HIS D 108 15.10 5.73 35.36
CA HIS D 108 15.89 5.15 36.43
C HIS D 108 16.85 6.18 37.01
N LYS D 109 16.94 6.20 38.34
CA LYS D 109 17.81 7.15 39.03
C LYS D 109 19.27 7.02 38.60
N LEU D 110 19.71 5.83 38.19
CA LEU D 110 21.10 5.65 37.80
C LEU D 110 21.28 5.53 36.29
N ALA D 111 20.28 5.97 35.51
CA ALA D 111 20.40 5.97 34.06
C ALA D 111 21.64 6.74 33.62
N SER D 112 22.38 6.16 32.68
CA SER D 112 23.62 6.75 32.19
C SER D 112 23.55 6.84 30.67
N TYR D 113 23.68 8.05 30.13
CA TYR D 113 23.55 8.27 28.70
C TYR D 113 24.92 8.17 28.05
N VAL D 114 25.02 7.38 27.00
CA VAL D 114 26.32 7.10 26.43
C VAL D 114 26.29 7.32 24.93
N GLU D 115 27.42 7.75 24.40
CA GLU D 115 27.62 7.88 22.97
C GLU D 115 28.90 7.11 22.63
N ASP D 116 28.76 6.03 21.87
CA ASP D 116 29.92 5.22 21.49
C ASP D 116 30.86 6.07 20.64
N PRO D 117 32.14 6.14 20.98
CA PRO D 117 33.03 7.05 20.24
C PRO D 117 33.45 6.53 18.88
N TYR D 118 33.22 5.25 18.57
CA TYR D 118 33.62 4.68 17.28
C TYR D 118 32.48 4.49 16.30
N THR D 119 31.23 4.29 16.78
CA THR D 119 30.07 4.21 15.90
C THR D 119 29.17 5.44 15.98
N GLY D 120 29.32 6.28 17.00
CA GLY D 120 28.41 7.39 17.20
C GLY D 120 27.05 7.01 17.75
N ARG D 121 26.80 5.72 18.00
CA ARG D 121 25.50 5.29 18.51
C ARG D 121 25.26 5.85 19.91
N GLN D 122 24.02 6.28 20.14
CA GLN D 122 23.60 6.80 21.43
C GLN D 122 22.62 5.84 22.10
N SER D 123 22.79 5.63 23.39
CA SER D 123 21.93 4.70 24.10
C SER D 123 21.90 5.12 25.56
N VAL D 124 21.01 4.50 26.31
CA VAL D 124 20.95 4.73 27.75
C VAL D 124 21.07 3.39 28.46
N ILE D 125 21.88 3.40 29.52
CA ILE D 125 22.28 2.20 30.27
C ILE D 125 21.74 2.34 31.68
N ILE D 126 21.13 1.28 32.20
CA ILE D 126 20.72 1.20 33.60
C ILE D 126 21.29 -0.09 34.18
N PRO D 127 21.38 -0.19 35.49
CA PRO D 127 21.84 -1.47 36.08
C PRO D 127 20.77 -2.53 35.93
N GLN D 128 21.22 -3.77 35.75
CA GLN D 128 20.32 -4.91 35.92
C GLN D 128 20.08 -5.11 37.41
N GLU D 129 18.85 -5.41 37.78
CA GLU D 129 18.47 -5.47 39.19
C GLU D 129 17.64 -6.70 39.47
N HIS D 130 17.84 -7.26 40.65
CA HIS D 130 17.03 -8.39 41.09
C HIS D 130 15.60 -7.92 41.32
N PRO D 131 14.61 -8.71 40.91
CA PRO D 131 13.22 -8.36 41.23
C PRO D 131 13.00 -8.35 42.74
N GLN D 132 12.09 -7.46 43.16
CA GLN D 132 11.87 -7.16 44.57
C GLN D 132 10.74 -8.03 45.12
N ALA D 133 11.12 -9.10 45.83
CA ALA D 133 10.26 -9.81 46.77
C ALA D 133 9.03 -10.46 46.14
N GLY D 134 9.18 -11.69 45.68
CA GLY D 134 8.09 -12.43 45.07
C GLY D 134 7.80 -12.09 43.63
N ALA D 135 8.22 -10.92 43.16
CA ALA D 135 7.95 -10.49 41.79
C ALA D 135 8.86 -11.21 40.80
N GLU D 136 8.36 -11.35 39.58
CA GLU D 136 9.19 -11.81 38.47
C GLU D 136 9.74 -10.67 37.63
N TRP D 137 8.94 -9.66 37.32
CA TRP D 137 9.32 -8.58 36.42
C TRP D 137 9.83 -7.35 37.17
N VAL D 138 10.80 -6.68 36.57
CA VAL D 138 11.27 -5.37 37.00
C VAL D 138 10.81 -4.37 35.96
N THR D 139 10.15 -3.30 36.40
CA THR D 139 9.56 -2.32 35.50
C THR D 139 10.46 -1.09 35.47
N ASN D 140 10.93 -0.72 34.29
CA ASN D 140 11.64 0.53 34.10
C ASN D 140 10.84 1.42 33.17
N LEU D 141 10.90 2.72 33.42
CA LEU D 141 10.11 3.70 32.69
C LEU D 141 10.99 4.36 31.62
N TYR D 142 10.52 4.36 30.39
CA TYR D 142 11.24 5.03 29.31
C TYR D 142 10.39 6.14 28.72
N GLN D 143 11.07 7.09 28.10
CA GLN D 143 10.43 8.15 27.36
C GLN D 143 11.09 8.28 26.00
N PHE D 144 10.31 8.72 25.03
CA PHE D 144 10.80 8.89 23.66
C PHE D 144 10.58 10.34 23.26
N MET D 145 11.65 11.02 22.84
CA MET D 145 11.72 12.47 22.84
C MET D 145 11.60 13.14 21.48
N CYS D 146 11.18 12.43 20.43
CA CYS D 146 10.71 13.06 19.19
C CYS D 146 9.49 12.30 18.70
N PHE D 147 8.73 12.94 17.81
CA PHE D 147 7.69 12.23 17.07
C PHE D 147 8.30 11.37 15.95
N SER D 148 7.59 10.30 15.61
CA SER D 148 8.01 9.55 14.44
C SER D 148 8.02 10.42 13.19
N SER D 149 7.32 11.56 13.21
CA SER D 149 7.22 12.40 12.02
C SER D 149 8.14 13.61 12.04
N CYS D 150 9.03 13.72 13.02
CA CYS D 150 9.92 14.89 13.07
C CYS D 150 10.79 14.98 11.83
N VAL D 151 10.60 16.06 11.05
CA VAL D 151 11.51 16.32 9.95
C VAL D 151 12.88 16.67 10.52
N GLY D 152 13.92 16.25 9.82
CA GLY D 152 15.24 16.45 10.38
C GLY D 152 15.57 15.52 11.53
N GLY D 153 14.66 14.62 11.88
CA GLY D 153 14.95 13.53 12.79
C GLY D 153 14.47 12.21 12.22
N LEU D 154 13.60 11.51 12.97
CA LEU D 154 13.08 10.23 12.51
C LEU D 154 12.47 10.34 11.12
N ASN D 155 11.69 11.41 10.88
CA ASN D 155 11.15 11.74 9.56
C ASN D 155 10.34 10.58 8.97
N ARG D 156 9.50 9.97 9.81
CA ARG D 156 8.59 8.88 9.45
C ARG D 156 9.31 7.57 9.13
N ARG D 157 10.59 7.50 9.37
CA ARG D 157 11.27 6.22 9.12
C ARG D 157 11.08 5.29 10.32
N PRO D 158 10.70 4.04 10.11
CA PRO D 158 10.41 3.16 11.26
C PRO D 158 11.65 2.87 12.08
N ILE D 159 11.46 2.71 13.40
CA ILE D 159 12.54 2.42 14.32
C ILE D 159 12.16 1.24 15.18
N GLN D 160 13.19 0.59 15.70
CA GLN D 160 12.99 -0.25 16.85
C GLN D 160 13.91 0.22 17.98
N VAL D 161 13.60 -0.22 19.19
CA VAL D 161 14.50 -0.05 20.32
C VAL D 161 15.01 -1.42 20.68
N ILE D 162 16.32 -1.56 20.72
CA ILE D 162 17.00 -2.79 21.09
C ILE D 162 17.33 -2.71 22.57
N PHE D 163 16.86 -3.68 23.33
CA PHE D 163 17.26 -3.83 24.72
C PHE D 163 18.28 -4.97 24.80
N THR D 164 19.48 -4.67 25.30
CA THR D 164 20.46 -5.71 25.50
C THR D 164 20.85 -5.80 26.96
N LEU D 165 20.99 -7.05 27.42
CA LEU D 165 21.59 -7.38 28.69
C LEU D 165 23.08 -7.56 28.46
N GLU D 166 23.91 -6.79 29.16
CA GLU D 166 25.33 -6.76 28.88
C GLU D 166 26.15 -6.87 30.17
N HIS D 167 27.32 -7.49 30.04
CA HIS D 167 28.32 -7.51 31.09
C HIS D 167 29.69 -7.38 30.44
N GLU D 168 30.49 -6.42 30.91
CA GLU D 168 31.88 -6.28 30.44
C GLU D 168 31.95 -6.15 28.92
N GLY D 169 30.95 -5.52 28.33
CA GLY D 169 30.91 -5.30 26.89
C GLY D 169 30.50 -6.50 26.06
N VAL D 170 30.03 -7.57 26.70
CA VAL D 170 29.52 -8.75 26.00
C VAL D 170 28.00 -8.71 26.05
N VAL D 171 27.35 -8.94 24.92
CA VAL D 171 25.89 -9.06 24.88
C VAL D 171 25.51 -10.44 25.40
N LEU D 172 24.80 -10.47 26.53
CA LEU D 172 24.29 -11.70 27.11
C LEU D 172 22.87 -12.05 26.68
N GLY D 173 22.10 -11.05 26.26
CA GLY D 173 20.69 -11.24 25.93
C GLY D 173 20.22 -10.03 25.17
N ARG D 174 19.24 -10.20 24.29
CA ARG D 174 18.75 -9.15 23.42
C ARG D 174 17.27 -9.34 23.18
N GLN D 175 16.52 -8.26 23.28
CA GLN D 175 15.12 -8.24 22.84
C GLN D 175 14.89 -6.92 22.13
N ALA D 176 13.88 -6.88 21.26
CA ALA D 176 13.65 -5.70 20.45
C ALA D 176 12.16 -5.47 20.25
N VAL D 177 11.77 -4.22 20.09
CA VAL D 177 10.39 -3.90 19.77
C VAL D 177 10.36 -2.73 18.81
N GLU D 178 9.42 -2.76 17.87
CA GLU D 178 9.18 -1.61 16.99
C GLU D 178 8.48 -0.54 17.80
N VAL D 179 8.75 0.73 17.48
CA VAL D 179 8.22 1.84 18.29
C VAL D 179 7.73 2.94 17.37
N ARG D 180 6.46 3.32 17.52
CA ARG D 180 5.88 4.45 16.82
C ARG D 180 5.52 5.52 17.83
N ILE D 181 6.14 6.69 17.68
CA ILE D 181 5.94 7.78 18.62
C ILE D 181 4.94 8.73 17.99
N CYS D 182 3.74 8.79 18.55
CA CYS D 182 2.63 9.41 17.84
C CYS D 182 1.65 10.01 18.83
N ALA D 183 0.89 11.00 18.35
CA ALA D 183 -0.04 11.74 19.20
C ALA D 183 -1.15 10.83 19.73
N CYS D 184 -1.72 9.97 18.88
CA CYS D 184 -2.89 9.16 19.24
C CYS D 184 -2.49 7.69 19.17
N PRO D 185 -1.84 7.16 20.21
CA PRO D 185 -1.39 5.77 20.14
C PRO D 185 -2.53 4.80 19.88
N GLY D 186 -3.67 4.99 20.53
CA GLY D 186 -4.75 4.02 20.42
C GLY D 186 -5.36 3.99 19.03
N ARG D 187 -5.55 5.17 18.43
CA ARG D 187 -6.11 5.20 17.08
C ARG D 187 -5.10 4.68 16.07
N ASP D 188 -3.83 5.00 16.25
CA ASP D 188 -2.83 4.53 15.31
C ASP D 188 -2.68 3.02 15.39
N ARG D 189 -2.73 2.47 16.59
CA ARG D 189 -2.62 1.02 16.74
C ARG D 189 -3.77 0.31 16.02
N ARG D 190 -4.99 0.82 16.18
CA ARG D 190 -6.15 0.21 15.55
C ARG D 190 -6.06 0.26 14.03
N ALA D 191 -5.71 1.43 13.48
CA ALA D 191 -5.57 1.56 12.03
C ALA D 191 -4.50 0.62 11.49
N GLU D 192 -3.37 0.51 12.17
CA GLU D 192 -2.30 -0.34 11.65
C GLU D 192 -2.65 -1.82 11.75
N GLU D 193 -3.45 -2.21 12.75
CA GLU D 193 -3.86 -3.61 12.88
C GLU D 193 -4.89 -4.01 11.83
N THR D 194 -5.70 -3.06 11.36
CA THR D 194 -6.72 -3.40 10.37
C THR D 194 -6.11 -3.67 9.00
N ALA D 195 -5.01 -2.99 8.66
CA ALA D 195 -4.30 -3.24 7.42
C ALA D 195 -3.51 -4.54 7.47
N MET E 2 -42.88 15.19 19.64
CA MET E 2 -43.36 16.13 18.63
C MET E 2 -42.29 17.18 18.28
N THR E 3 -41.03 16.76 18.20
CA THR E 3 -39.97 17.69 17.87
C THR E 3 -39.98 17.99 16.36
N VAL E 4 -39.65 19.22 16.02
CA VAL E 4 -39.69 19.64 14.62
C VAL E 4 -38.46 19.12 13.89
N PRO E 5 -38.59 18.68 12.64
CA PRO E 5 -37.41 18.23 11.89
C PRO E 5 -36.37 19.33 11.82
N SER E 6 -35.11 18.94 11.97
CA SER E 6 -34.00 19.89 11.87
C SER E 6 -33.84 20.39 10.44
N ASN E 7 -33.52 21.68 10.32
CA ASN E 7 -33.21 22.27 9.02
C ASN E 7 -31.74 22.68 8.94
N THR E 8 -30.92 22.19 9.88
CA THR E 8 -29.52 22.58 9.98
C THR E 8 -28.69 21.92 8.88
N PRO E 9 -28.01 22.69 8.04
CA PRO E 9 -27.14 22.09 7.02
C PRO E 9 -26.11 21.15 7.65
N TYR E 10 -26.02 19.96 7.10
CA TYR E 10 -25.17 18.92 7.67
C TYR E 10 -24.47 18.22 6.51
N SER E 11 -23.18 18.53 6.32
CA SER E 11 -22.45 17.96 5.20
C SER E 11 -22.14 16.48 5.43
N GLY E 12 -21.66 16.15 6.62
CA GLY E 12 -21.60 14.77 7.08
C GLY E 12 -20.36 14.03 6.60
N GLU E 13 -20.30 12.76 7.03
CA GLU E 13 -19.15 11.91 6.69
C GLU E 13 -18.95 11.81 5.18
N TYR E 14 -20.03 11.79 4.40
CA TYR E 14 -19.91 11.56 2.96
C TYR E 14 -19.86 12.85 2.15
N GLY E 15 -20.03 14.01 2.78
CA GLY E 15 -19.98 15.26 2.04
C GLY E 15 -21.18 15.45 1.11
N PHE E 16 -22.37 15.36 1.70
CA PHE E 16 -23.63 15.51 0.97
C PHE E 16 -23.88 16.98 0.63
N GLU E 17 -24.27 17.21 -0.61
CA GLU E 17 -24.37 18.56 -1.17
C GLU E 17 -25.44 18.55 -2.27
N ILE E 18 -26.19 19.64 -2.37
CA ILE E 18 -27.14 19.83 -3.45
C ILE E 18 -26.78 21.09 -4.23
N SER E 19 -27.27 21.18 -5.46
CA SER E 19 -27.05 22.40 -6.23
C SER E 19 -28.13 22.51 -7.28
N PHE E 20 -28.19 23.68 -7.91
CA PHE E 20 -29.12 23.94 -8.99
C PHE E 20 -28.31 24.35 -10.21
N GLN E 21 -28.56 23.68 -11.33
CA GLN E 21 -27.73 23.77 -12.52
C GLN E 21 -27.80 25.17 -13.14
N HIS E 22 -26.77 25.51 -13.89
CA HIS E 22 -26.74 26.78 -14.62
C HIS E 22 -28.01 26.94 -15.43
N GLN E 23 -28.63 28.12 -15.30
CA GLN E 23 -29.65 28.55 -16.23
C GLN E 23 -29.75 30.08 -16.25
N THR E 30 -37.79 29.05 -17.72
CA THR E 30 -38.55 30.19 -17.23
C THR E 30 -39.53 29.76 -16.15
N THR E 31 -39.54 28.46 -15.85
CA THR E 31 -40.50 27.94 -14.89
C THR E 31 -39.90 27.74 -13.49
N TRP E 32 -38.59 27.94 -13.34
CA TRP E 32 -37.96 27.88 -12.03
C TRP E 32 -36.69 28.70 -12.09
N THR E 33 -36.32 29.29 -10.96
CA THR E 33 -35.01 29.94 -10.83
C THR E 33 -34.55 29.88 -9.39
N PHE E 34 -33.25 29.67 -9.19
CA PHE E 34 -32.70 29.56 -7.85
C PHE E 34 -31.81 30.75 -7.54
N SER E 35 -32.08 31.40 -6.41
CA SER E 35 -31.30 32.54 -5.93
C SER E 35 -30.25 32.05 -4.95
N GLU E 36 -28.98 32.10 -5.37
CA GLU E 36 -27.90 31.75 -4.46
C GLU E 36 -27.79 32.72 -3.30
N SER E 37 -28.07 34.01 -3.55
CA SER E 37 -27.96 34.98 -2.46
C SER E 37 -29.08 34.85 -1.44
N LEU E 38 -30.27 34.47 -1.87
CA LEU E 38 -31.33 34.24 -0.91
C LEU E 38 -31.37 32.80 -0.39
N LYS E 39 -30.58 31.90 -0.98
CA LYS E 39 -30.69 30.46 -0.73
C LYS E 39 -32.15 30.02 -0.86
N LYS E 40 -32.74 30.35 -1.99
CA LYS E 40 -34.19 30.26 -2.12
C LYS E 40 -34.54 29.91 -3.56
N LEU E 41 -35.36 28.87 -3.71
CA LEU E 41 -35.85 28.43 -5.00
C LEU E 41 -37.20 29.08 -5.28
N PHE E 42 -37.35 29.64 -6.47
CA PHE E 42 -38.63 30.13 -6.97
C PHE E 42 -39.11 29.25 -8.12
N VAL E 43 -40.34 28.73 -8.02
CA VAL E 43 -40.81 27.73 -8.98
C VAL E 43 -42.33 27.84 -9.14
N ARG E 44 -42.82 27.51 -10.34
CA ARG E 44 -44.25 27.48 -10.63
C ARG E 44 -44.88 26.19 -10.09
N MET E 45 -46.13 26.29 -9.63
CA MET E 45 -46.83 25.09 -9.17
C MET E 45 -46.90 24.04 -10.27
N ALA E 46 -46.67 22.77 -9.87
CA ALA E 46 -46.85 21.60 -10.74
C ALA E 46 -46.00 21.67 -12.00
N THR E 47 -44.82 22.29 -11.93
CA THR E 47 -43.87 22.25 -13.04
C THR E 47 -42.57 21.59 -12.58
N THR E 48 -41.96 20.85 -13.49
CA THR E 48 -40.76 20.09 -13.18
C THR E 48 -39.59 21.03 -12.85
N CYS E 49 -38.88 20.72 -11.78
CA CYS E 49 -37.74 21.52 -11.34
C CYS E 49 -36.58 20.57 -11.04
N PRO E 50 -35.41 20.75 -11.68
CA PRO E 50 -34.29 19.82 -11.46
C PRO E 50 -33.45 20.18 -10.25
N VAL E 51 -33.16 19.22 -9.38
CA VAL E 51 -32.29 19.42 -8.21
C VAL E 51 -31.14 18.43 -8.31
N ARG E 52 -29.92 18.92 -8.14
CA ARG E 52 -28.76 18.07 -8.29
C ARG E 52 -28.18 17.67 -6.93
N PHE E 53 -27.65 16.46 -6.87
CA PHE E 53 -27.19 15.84 -5.63
C PHE E 53 -25.81 15.23 -5.84
N LYS E 54 -24.96 15.34 -4.84
CA LYS E 54 -23.71 14.59 -4.92
C LYS E 54 -23.15 14.32 -3.53
N THR E 55 -22.27 13.33 -3.47
CA THR E 55 -21.46 13.05 -2.29
C THR E 55 -20.00 12.92 -2.72
N VAL E 56 -19.08 13.34 -1.85
CA VAL E 56 -17.69 13.13 -2.24
C VAL E 56 -17.33 11.65 -2.09
N HIS E 57 -17.98 10.92 -1.18
CA HIS E 57 -17.79 9.48 -1.00
C HIS E 57 -19.14 8.79 -1.13
N GLN E 58 -19.15 7.59 -1.69
CA GLN E 58 -20.43 6.93 -1.89
C GLN E 58 -20.98 6.46 -0.55
N PRO E 59 -22.24 6.75 -0.25
CA PRO E 59 -22.83 6.29 1.00
C PRO E 59 -23.13 4.80 0.95
N PRO E 60 -23.55 4.20 2.05
CA PRO E 60 -23.77 2.75 2.06
C PRO E 60 -24.88 2.36 1.09
N ALA E 61 -24.82 1.12 0.63
CA ALA E 61 -25.90 0.61 -0.20
C ALA E 61 -27.19 0.66 0.60
N GLY E 62 -28.29 0.99 -0.07
CA GLY E 62 -29.56 1.13 0.60
C GLY E 62 -29.88 2.55 1.01
N SER E 63 -29.00 3.51 0.75
CA SER E 63 -29.26 4.87 1.19
C SER E 63 -30.34 5.52 0.33
N VAL E 64 -31.04 6.49 0.93
CA VAL E 64 -32.17 7.15 0.30
C VAL E 64 -32.00 8.64 0.45
N ILE E 65 -32.68 9.38 -0.41
CA ILE E 65 -32.78 10.83 -0.29
C ILE E 65 -34.23 11.19 -0.01
N ARG E 66 -34.46 11.91 1.07
CA ARG E 66 -35.79 12.35 1.46
C ARG E 66 -35.92 13.84 1.19
N ALA E 67 -37.06 14.25 0.66
CA ALA E 67 -37.41 15.66 0.51
C ALA E 67 -38.64 15.95 1.37
N MET E 68 -38.51 16.89 2.30
CA MET E 68 -39.61 17.21 3.21
C MET E 68 -39.79 18.72 3.34
N PRO E 69 -40.98 19.25 3.10
CA PRO E 69 -41.23 20.67 3.34
C PRO E 69 -41.55 20.94 4.80
N ILE E 70 -41.14 22.13 5.28
CA ILE E 70 -41.46 22.57 6.64
C ILE E 70 -41.65 24.09 6.63
N TYR E 71 -42.46 24.57 7.58
CA TYR E 71 -42.64 26.02 7.70
C TYR E 71 -41.42 26.65 8.37
N VAL E 72 -41.25 27.95 8.14
CA VAL E 72 -40.09 28.68 8.62
C VAL E 72 -40.33 29.31 9.97
N LYS E 73 -41.49 29.90 10.18
CA LYS E 73 -41.63 30.70 11.39
C LYS E 73 -41.87 29.82 12.61
N PRO E 74 -41.41 30.25 13.79
CA PRO E 74 -41.60 29.43 15.00
C PRO E 74 -43.06 29.23 15.35
N GLU E 75 -43.93 30.19 15.05
CA GLU E 75 -45.35 29.97 15.31
C GLU E 75 -46.01 29.05 14.30
N HIS E 76 -45.28 28.62 13.27
CA HIS E 76 -45.82 27.71 12.26
C HIS E 76 -45.14 26.36 12.23
N VAL E 77 -43.93 26.24 12.78
CA VAL E 77 -43.08 25.09 12.43
C VAL E 77 -43.70 23.77 12.88
N GLN E 78 -44.54 23.79 13.93
CA GLN E 78 -45.14 22.54 14.38
C GLN E 78 -46.27 22.05 13.49
N GLU E 79 -46.68 22.82 12.48
CA GLU E 79 -47.75 22.42 11.58
C GLU E 79 -47.17 21.70 10.36
N VAL E 80 -47.72 20.51 10.07
CA VAL E 80 -47.27 19.76 8.91
C VAL E 80 -47.63 20.52 7.64
N VAL E 81 -46.65 20.70 6.76
CA VAL E 81 -46.87 21.34 5.47
C VAL E 81 -47.52 20.34 4.52
N LYS E 82 -48.70 20.67 4.03
CA LYS E 82 -49.38 19.79 3.08
C LYS E 82 -50.18 20.65 2.13
N ARG E 83 -50.72 20.00 1.10
CA ARG E 83 -51.58 20.70 0.15
C ARG E 83 -52.90 21.09 0.77
N CYS E 84 -53.50 22.16 0.23
CA CYS E 84 -54.79 22.64 0.70
C CYS E 84 -55.90 21.68 0.28
N PRO E 85 -57.03 21.68 1.00
CA PRO E 85 -58.15 20.80 0.63
C PRO E 85 -58.59 20.91 -0.82
N ASN E 86 -58.56 22.11 -1.38
CA ASN E 86 -58.96 22.30 -2.79
C ASN E 86 -58.11 21.42 -3.71
N HIS E 87 -56.79 21.59 -3.66
CA HIS E 87 -55.91 20.88 -4.58
C HIS E 87 -55.78 19.41 -4.23
N ALA E 88 -55.95 19.06 -2.95
CA ALA E 88 -55.82 17.68 -2.52
C ALA E 88 -56.98 16.81 -2.99
N THR E 89 -58.12 17.41 -3.31
CA THR E 89 -59.33 16.65 -3.58
C THR E 89 -59.78 16.65 -5.04
N THR E 90 -59.34 17.61 -5.85
CA THR E 90 -59.75 17.62 -7.24
C THR E 90 -59.06 16.50 -8.02
N LYS E 91 -59.71 16.06 -9.10
CA LYS E 91 -59.10 15.05 -9.97
C LYS E 91 -57.86 15.58 -10.67
N GLU E 92 -57.80 16.87 -10.91
CA GLU E 92 -56.69 17.45 -11.68
C GLU E 92 -55.36 17.30 -10.92
N HIS E 93 -54.35 16.80 -11.62
CA HIS E 93 -53.02 16.48 -11.09
C HIS E 93 -53.02 15.24 -10.21
N ASN E 94 -54.20 14.75 -9.83
CA ASN E 94 -54.31 13.69 -8.85
C ASN E 94 -54.69 12.34 -9.44
N GLU E 95 -54.86 12.27 -10.77
CA GLU E 95 -55.30 11.04 -11.44
C GLU E 95 -54.39 9.86 -11.12
N ASP E 96 -54.85 8.98 -10.23
CA ASP E 96 -54.11 7.80 -9.80
C ASP E 96 -52.77 8.13 -9.12
N HIS E 97 -52.68 9.29 -8.47
CA HIS E 97 -51.47 9.58 -7.69
C HIS E 97 -51.63 9.00 -6.29
N PRO E 98 -50.61 8.32 -5.75
CA PRO E 98 -50.78 7.61 -4.48
C PRO E 98 -50.74 8.50 -3.25
N ALA E 99 -50.48 9.80 -3.39
CA ALA E 99 -50.39 10.71 -2.25
C ALA E 99 -50.84 12.11 -2.68
N PRO E 100 -52.13 12.27 -2.99
CA PRO E 100 -52.60 13.57 -3.48
C PRO E 100 -52.52 14.71 -2.47
N THR E 101 -52.31 14.44 -1.17
CA THR E 101 -52.21 15.54 -0.21
C THR E 101 -50.79 16.11 -0.10
N HIS E 102 -49.79 15.45 -0.69
CA HIS E 102 -48.41 15.86 -0.48
C HIS E 102 -48.07 17.08 -1.32
N LEU E 103 -47.39 18.05 -0.70
CA LEU E 103 -46.95 19.23 -1.42
C LEU E 103 -45.83 18.91 -2.40
N VAL E 104 -44.85 18.11 -1.97
CA VAL E 104 -43.64 17.85 -2.74
C VAL E 104 -43.78 16.52 -3.46
N ARG E 105 -43.58 16.54 -4.77
CA ARG E 105 -43.55 15.32 -5.57
C ARG E 105 -42.17 15.17 -6.18
N CYS E 106 -41.77 13.92 -6.41
CA CYS E 106 -40.57 13.62 -7.18
C CYS E 106 -40.96 12.73 -8.35
N GLU E 107 -40.38 13.01 -9.52
CA GLU E 107 -40.70 12.28 -10.73
C GLU E 107 -39.94 10.97 -10.86
N HIS E 108 -39.08 10.64 -9.90
CA HIS E 108 -38.32 9.40 -10.00
C HIS E 108 -39.26 8.20 -10.08
N LYS E 109 -38.90 7.24 -10.95
CA LYS E 109 -39.74 6.06 -11.17
C LYS E 109 -39.97 5.26 -9.89
N LEU E 110 -39.04 5.33 -8.94
CA LEU E 110 -39.14 4.60 -7.68
C LEU E 110 -39.51 5.49 -6.49
N ALA E 111 -40.00 6.70 -6.74
CA ALA E 111 -40.36 7.60 -5.65
C ALA E 111 -41.34 6.92 -4.71
N SER E 112 -41.18 7.17 -3.41
CA SER E 112 -42.02 6.60 -2.38
C SER E 112 -42.55 7.71 -1.50
N TYR E 113 -43.88 7.81 -1.39
CA TYR E 113 -44.50 8.85 -0.58
C TYR E 113 -44.84 8.28 0.79
N VAL E 114 -44.35 8.94 1.83
CA VAL E 114 -44.48 8.44 3.19
C VAL E 114 -45.08 9.53 4.06
N GLU E 115 -45.92 9.12 5.01
CA GLU E 115 -46.39 9.98 6.08
C GLU E 115 -46.09 9.29 7.40
N ASP E 116 -45.34 9.96 8.27
CA ASP E 116 -44.97 9.33 9.53
C ASP E 116 -46.22 9.18 10.39
N PRO E 117 -46.48 8.00 10.95
CA PRO E 117 -47.75 7.82 11.68
C PRO E 117 -47.80 8.56 12.98
N TYR E 118 -46.65 8.90 13.57
CA TYR E 118 -46.64 9.68 14.82
C TYR E 118 -46.61 11.18 14.54
N THR E 119 -45.59 11.66 13.82
CA THR E 119 -45.47 13.10 13.58
C THR E 119 -46.47 13.59 12.54
N GLY E 120 -46.99 12.71 11.68
CA GLY E 120 -47.81 13.13 10.57
C GLY E 120 -47.07 13.84 9.45
N ARG E 121 -45.74 13.92 9.53
CA ARG E 121 -44.98 14.59 8.48
C ARG E 121 -45.05 13.81 7.17
N GLN E 122 -45.18 14.54 6.07
CA GLN E 122 -45.25 13.98 4.73
C GLN E 122 -43.96 14.33 3.98
N SER E 123 -43.40 13.33 3.31
CA SER E 123 -42.17 13.51 2.55
C SER E 123 -42.12 12.49 1.42
N VAL E 124 -41.19 12.70 0.49
CA VAL E 124 -41.01 11.78 -0.63
C VAL E 124 -39.57 11.31 -0.64
N ILE E 125 -39.41 10.00 -0.78
CA ILE E 125 -38.12 9.34 -0.74
C ILE E 125 -37.80 8.76 -2.11
N ILE E 126 -36.53 8.82 -2.50
CA ILE E 126 -36.01 8.21 -3.72
C ILE E 126 -34.69 7.53 -3.39
N PRO E 127 -34.23 6.61 -4.24
CA PRO E 127 -32.93 5.97 -3.99
C PRO E 127 -31.79 6.97 -4.15
N GLN E 128 -30.77 6.82 -3.29
CA GLN E 128 -29.47 7.40 -3.59
C GLN E 128 -28.83 6.61 -4.71
N GLU E 129 -28.18 7.32 -5.63
CA GLU E 129 -27.66 6.68 -6.85
C GLU E 129 -26.27 7.20 -7.17
N HIS E 130 -25.37 6.29 -7.52
CA HIS E 130 -24.07 6.68 -8.02
C HIS E 130 -24.24 7.48 -9.32
N PRO E 131 -23.45 8.55 -9.53
CA PRO E 131 -23.59 9.33 -10.75
C PRO E 131 -23.28 8.50 -11.98
N GLN E 132 -23.79 8.95 -13.12
CA GLN E 132 -23.44 8.27 -14.36
C GLN E 132 -21.96 8.52 -14.70
N ALA E 133 -21.42 7.67 -15.57
CA ALA E 133 -20.02 7.76 -15.96
C ALA E 133 -19.67 9.17 -16.41
N GLY E 134 -18.59 9.70 -15.88
CA GLY E 134 -18.12 11.03 -16.22
C GLY E 134 -18.88 12.17 -15.59
N ALA E 135 -19.89 11.89 -14.78
CA ALA E 135 -20.72 12.93 -14.21
C ALA E 135 -20.41 13.12 -12.72
N GLU E 136 -20.49 14.37 -12.27
CA GLU E 136 -20.31 14.70 -10.86
C GLU E 136 -21.61 14.70 -10.07
N TRP E 137 -22.73 15.03 -10.72
CA TRP E 137 -24.00 15.26 -10.05
C TRP E 137 -25.02 14.23 -10.48
N VAL E 138 -26.00 13.98 -9.63
CA VAL E 138 -27.21 13.25 -10.01
C VAL E 138 -28.37 14.23 -9.98
N THR E 139 -29.11 14.32 -11.09
CA THR E 139 -30.23 15.24 -11.18
C THR E 139 -31.53 14.50 -10.95
N ASN E 140 -32.32 14.98 -9.99
CA ASN E 140 -33.65 14.49 -9.74
C ASN E 140 -34.66 15.61 -9.95
N LEU E 141 -35.88 15.24 -10.32
CA LEU E 141 -36.88 16.17 -10.82
C LEU E 141 -38.02 16.25 -9.80
N TYR E 142 -38.28 17.46 -9.30
CA TYR E 142 -39.26 17.66 -8.24
C TYR E 142 -40.36 18.60 -8.73
N GLN E 143 -41.55 18.46 -8.13
CA GLN E 143 -42.65 19.38 -8.38
C GLN E 143 -43.28 19.79 -7.06
N PHE E 144 -43.89 20.97 -7.05
CA PHE E 144 -44.49 21.55 -5.84
C PHE E 144 -45.94 21.91 -6.14
N MET E 145 -46.87 21.36 -5.35
CA MET E 145 -48.24 21.14 -5.82
C MET E 145 -49.28 22.08 -5.23
N CYS E 146 -48.86 23.18 -4.59
CA CYS E 146 -49.78 24.25 -4.20
C CYS E 146 -49.08 25.58 -4.44
N PHE E 147 -49.88 26.63 -4.59
CA PHE E 147 -49.31 27.97 -4.62
C PHE E 147 -48.94 28.42 -3.21
N SER E 148 -47.92 29.27 -3.13
CA SER E 148 -47.54 29.86 -1.84
C SER E 148 -48.72 30.52 -1.14
N SER E 149 -49.70 30.99 -1.90
CA SER E 149 -50.81 31.76 -1.35
C SER E 149 -52.08 30.95 -1.12
N CYS E 150 -52.03 29.63 -1.32
CA CYS E 150 -53.22 28.78 -1.16
C CYS E 150 -53.84 28.94 0.22
N VAL E 151 -55.03 29.54 0.29
CA VAL E 151 -55.74 29.66 1.55
C VAL E 151 -56.17 28.28 2.02
N GLY E 152 -56.09 28.03 3.32
CA GLY E 152 -56.31 26.69 3.79
C GLY E 152 -55.14 25.76 3.57
N GLY E 153 -54.03 26.25 3.03
CA GLY E 153 -52.81 25.48 2.89
C GLY E 153 -51.62 26.30 3.30
N LEU E 154 -50.68 26.53 2.37
CA LEU E 154 -49.52 27.35 2.70
C LEU E 154 -49.93 28.72 3.20
N ASN E 155 -50.97 29.30 2.59
CA ASN E 155 -51.59 30.55 3.04
C ASN E 155 -50.55 31.64 3.30
N ARG E 156 -49.63 31.79 2.34
CA ARG E 156 -48.60 32.82 2.31
C ARG E 156 -47.52 32.64 3.37
N ARG E 157 -47.47 31.51 3.99
CA ARG E 157 -46.44 31.43 5.02
C ARG E 157 -45.17 30.81 4.42
N PRO E 158 -44.00 31.30 4.81
CA PRO E 158 -42.76 30.82 4.18
C PRO E 158 -42.45 29.38 4.59
N ILE E 159 -41.89 28.63 3.63
CA ILE E 159 -41.47 27.24 3.81
C ILE E 159 -40.05 27.05 3.32
N GLN E 160 -39.42 25.98 3.84
CA GLN E 160 -38.20 25.41 3.31
C GLN E 160 -38.48 24.01 2.82
N VAL E 161 -37.63 23.50 1.94
CA VAL E 161 -37.62 22.08 1.65
C VAL E 161 -36.29 21.51 2.12
N ILE E 162 -36.35 20.45 2.93
CA ILE E 162 -35.18 19.85 3.55
C ILE E 162 -34.87 18.55 2.83
N PHE E 163 -33.66 18.45 2.27
CA PHE E 163 -33.19 17.23 1.64
C PHE E 163 -32.25 16.53 2.59
N THR E 164 -32.53 15.27 2.89
CA THR E 164 -31.67 14.47 3.75
C THR E 164 -31.20 13.21 3.05
N LEU E 165 -29.94 12.88 3.27
CA LEU E 165 -29.36 11.60 2.89
C LEU E 165 -29.45 10.70 4.12
N GLU E 166 -30.09 9.53 3.95
CA GLU E 166 -30.43 8.70 5.09
C GLU E 166 -30.06 7.25 4.81
N HIS E 167 -29.74 6.54 5.87
CA HIS E 167 -29.43 5.12 5.78
C HIS E 167 -29.85 4.46 7.08
N GLU E 168 -30.66 3.40 6.99
CA GLU E 168 -31.11 2.66 8.17
C GLU E 168 -31.69 3.61 9.23
N GLY E 169 -32.46 4.59 8.77
CA GLY E 169 -33.10 5.54 9.67
C GLY E 169 -32.21 6.60 10.26
N VAL E 170 -30.99 6.77 9.76
CA VAL E 170 -30.03 7.73 10.31
C VAL E 170 -29.73 8.79 9.27
N VAL E 171 -29.83 10.06 9.66
CA VAL E 171 -29.48 11.16 8.76
C VAL E 171 -27.97 11.21 8.60
N LEU E 172 -27.49 10.97 7.38
CA LEU E 172 -26.07 11.07 7.03
C LEU E 172 -25.70 12.46 6.54
N GLY E 173 -26.63 13.18 5.95
CA GLY E 173 -26.35 14.51 5.45
C GLY E 173 -27.65 15.25 5.28
N ARG E 174 -27.59 16.58 5.33
CA ARG E 174 -28.79 17.40 5.20
C ARG E 174 -28.45 18.72 4.53
N GLN E 175 -29.28 19.13 3.57
CA GLN E 175 -29.23 20.47 3.02
C GLN E 175 -30.66 20.99 2.91
N ALA E 176 -30.83 22.30 2.99
CA ALA E 176 -32.15 22.90 2.95
C ALA E 176 -32.13 24.18 2.14
N VAL E 177 -33.25 24.48 1.49
CA VAL E 177 -33.45 25.75 0.79
C VAL E 177 -34.86 26.24 1.05
N GLU E 178 -35.02 27.57 1.05
CA GLU E 178 -36.36 28.13 1.04
C GLU E 178 -37.00 27.94 -0.33
N VAL E 179 -38.32 27.86 -0.34
CA VAL E 179 -39.06 27.61 -1.58
C VAL E 179 -40.28 28.52 -1.60
N ARG E 180 -40.40 29.28 -2.67
CA ARG E 180 -41.59 30.09 -2.93
C ARG E 180 -42.19 29.62 -4.24
N ILE E 181 -43.45 29.22 -4.21
CA ILE E 181 -44.15 28.71 -5.38
C ILE E 181 -44.99 29.84 -5.92
N CYS E 182 -44.66 30.31 -7.12
CA CYS E 182 -45.26 31.53 -7.65
C CYS E 182 -45.44 31.42 -9.15
N ALA E 183 -46.30 32.28 -9.70
CA ALA E 183 -46.63 32.18 -11.11
C ALA E 183 -45.47 32.61 -11.99
N CYS E 184 -44.71 33.60 -11.55
CA CYS E 184 -43.60 34.13 -12.34
C CYS E 184 -42.35 34.12 -11.47
N PRO E 185 -41.60 33.01 -11.48
CA PRO E 185 -40.43 32.89 -10.58
C PRO E 185 -39.38 33.97 -10.81
N GLY E 186 -39.11 34.31 -12.07
CA GLY E 186 -38.09 35.30 -12.35
C GLY E 186 -38.39 36.66 -11.74
N ARG E 187 -39.66 37.10 -11.82
CA ARG E 187 -39.95 38.42 -11.27
C ARG E 187 -39.89 38.44 -9.76
N ASP E 188 -40.36 37.37 -9.10
CA ASP E 188 -40.32 37.33 -7.64
C ASP E 188 -38.89 37.29 -7.12
N ARG E 189 -38.02 36.50 -7.76
CA ARG E 189 -36.62 36.46 -7.37
C ARG E 189 -35.98 37.84 -7.50
N ARG E 190 -36.21 38.51 -8.64
CA ARG E 190 -35.63 39.84 -8.84
C ARG E 190 -36.09 40.80 -7.76
N ALA E 191 -37.39 40.80 -7.46
CA ALA E 191 -37.92 41.70 -6.43
C ALA E 191 -37.32 41.37 -5.07
N GLU E 192 -37.32 40.09 -4.68
CA GLU E 192 -36.80 39.76 -3.35
C GLU E 192 -35.30 40.00 -3.27
N GLU E 193 -34.56 39.74 -4.36
CA GLU E 193 -33.13 40.04 -4.32
C GLU E 193 -32.89 41.53 -4.21
N THR E 194 -33.72 42.36 -4.87
CA THR E 194 -33.54 43.80 -4.73
C THR E 194 -33.84 44.25 -3.31
N ALA E 195 -34.88 43.69 -2.69
CA ALA E 195 -35.23 44.09 -1.33
C ALA E 195 -34.12 43.73 -0.35
N ALA E 196 -33.54 42.54 -0.48
CA ALA E 196 -32.46 42.08 0.37
C ALA E 196 -31.13 42.73 0.04
N ASP E 197 -31.01 43.46 -1.06
CA ASP E 197 -29.72 44.05 -1.40
C ASP E 197 -29.34 45.11 -0.36
N PRO E 198 -28.21 44.95 0.35
CA PRO E 198 -27.81 46.00 1.30
C PRO E 198 -27.18 47.17 0.59
N ASN E 199 -26.47 46.87 -0.50
CA ASN E 199 -25.75 47.88 -1.26
C ASN E 199 -26.68 48.59 -2.24
N THR F 3 7.52 -41.87 4.22
CA THR F 3 8.88 -41.38 3.96
C THR F 3 9.54 -40.77 5.22
N VAL F 4 10.78 -40.28 5.05
CA VAL F 4 11.68 -40.01 6.16
C VAL F 4 11.49 -38.58 6.62
N PRO F 5 11.02 -38.35 7.84
CA PRO F 5 10.60 -37.01 8.25
C PRO F 5 11.73 -36.00 8.18
N SER F 6 11.37 -34.78 7.79
CA SER F 6 12.35 -33.71 7.67
C SER F 6 12.81 -33.29 9.06
N ASN F 7 14.06 -32.83 9.14
CA ASN F 7 14.55 -32.16 10.34
C ASN F 7 14.86 -30.69 10.07
N THR F 8 14.35 -30.15 8.98
CA THR F 8 14.71 -28.79 8.61
C THR F 8 14.01 -27.78 9.52
N PRO F 9 14.76 -26.94 10.22
CA PRO F 9 14.13 -25.90 11.06
C PRO F 9 13.21 -25.02 10.24
N TYR F 10 12.04 -24.71 10.81
CA TYR F 10 10.95 -24.04 10.06
C TYR F 10 10.12 -23.26 11.06
N SER F 11 10.49 -22.00 11.28
CA SER F 11 9.74 -21.20 12.24
C SER F 11 8.29 -21.02 11.80
N GLY F 12 8.08 -20.91 10.48
CA GLY F 12 6.75 -20.91 9.91
C GLY F 12 5.96 -19.63 10.11
N GLU F 13 4.67 -19.74 9.80
CA GLU F 13 3.76 -18.60 9.83
C GLU F 13 3.55 -18.08 11.26
N TYR F 14 3.70 -18.92 12.27
CA TYR F 14 3.40 -18.53 13.64
C TYR F 14 4.65 -18.28 14.47
N GLY F 15 5.83 -18.41 13.87
CA GLY F 15 7.06 -18.18 14.60
C GLY F 15 7.23 -19.17 15.73
N PHE F 16 7.13 -20.45 15.39
CA PHE F 16 7.37 -21.54 16.32
C PHE F 16 8.86 -21.64 16.65
N GLU F 17 9.19 -21.60 17.96
CA GLU F 17 10.57 -21.71 18.44
C GLU F 17 10.59 -22.55 19.71
N ILE F 18 11.74 -23.21 19.96
CA ILE F 18 11.98 -23.93 21.19
C ILE F 18 13.24 -23.37 21.85
N SER F 19 13.38 -23.61 23.16
CA SER F 19 14.59 -23.21 23.84
C SER F 19 14.77 -24.02 25.11
N PHE F 20 15.99 -23.97 25.63
CA PHE F 20 16.38 -24.65 26.85
C PHE F 20 16.90 -23.61 27.82
N GLN F 21 16.41 -23.64 29.06
CA GLN F 21 16.68 -22.57 30.01
C GLN F 21 16.86 -23.15 31.40
N HIS F 22 18.04 -22.95 31.98
CA HIS F 22 18.26 -23.28 33.38
C HIS F 22 17.60 -22.25 34.29
N GLN F 23 17.03 -22.72 35.40
CA GLN F 23 16.38 -21.85 36.38
C GLN F 23 17.27 -21.55 37.58
N THR F 30 21.41 -30.05 37.19
CA THR F 30 22.59 -30.89 37.07
C THR F 30 22.39 -32.14 36.18
N THR F 31 21.15 -32.46 35.86
CA THR F 31 20.87 -33.67 35.08
C THR F 31 20.76 -33.42 33.58
N TRP F 32 20.80 -32.16 33.15
CA TRP F 32 20.77 -31.87 31.72
C TRP F 32 21.55 -30.60 31.45
N THR F 33 22.06 -30.46 30.23
CA THR F 33 22.62 -29.19 29.79
C THR F 33 22.51 -29.12 28.28
N PHE F 34 22.38 -27.89 27.77
CA PHE F 34 22.20 -27.68 26.33
C PHE F 34 23.34 -26.84 25.79
N SER F 35 23.97 -27.34 24.75
CA SER F 35 25.08 -26.68 24.07
C SER F 35 24.52 -25.93 22.87
N GLU F 36 24.42 -24.60 22.99
CA GLU F 36 23.97 -23.81 21.85
C GLU F 36 24.92 -23.97 20.67
N SER F 37 26.23 -24.04 20.94
CA SER F 37 27.20 -24.14 19.86
C SER F 37 27.01 -25.42 19.04
N LEU F 38 26.73 -26.53 19.71
CA LEU F 38 26.54 -27.80 19.01
C LEU F 38 25.07 -28.07 18.65
N LYS F 39 24.15 -27.17 19.01
CA LYS F 39 22.71 -27.41 18.95
C LYS F 39 22.39 -28.83 19.42
N LYS F 40 22.74 -29.09 20.68
CA LYS F 40 22.71 -30.45 21.17
C LYS F 40 22.38 -30.48 22.66
N LEU F 41 21.38 -31.30 23.00
CA LEU F 41 20.97 -31.52 24.37
C LEU F 41 21.71 -32.73 24.93
N PHE F 42 22.21 -32.60 26.16
CA PHE F 42 22.83 -33.68 26.92
C PHE F 42 21.96 -33.92 28.13
N VAL F 43 21.48 -35.15 28.29
CA VAL F 43 20.44 -35.39 29.29
C VAL F 43 20.63 -36.78 29.90
N ARG F 44 20.39 -36.87 31.21
CA ARG F 44 20.46 -38.17 31.88
C ARG F 44 19.16 -38.93 31.63
N MET F 45 19.27 -40.24 31.51
CA MET F 45 18.10 -41.07 31.26
C MET F 45 17.07 -40.92 32.37
N ALA F 46 15.79 -40.89 31.99
CA ALA F 46 14.65 -40.89 32.90
C ALA F 46 14.68 -39.71 33.87
N THR F 47 15.30 -38.60 33.50
CA THR F 47 15.30 -37.40 34.32
C THR F 47 14.51 -36.31 33.61
N THR F 48 13.70 -35.59 34.38
CA THR F 48 12.87 -34.53 33.84
C THR F 48 13.73 -33.47 33.15
N CYS F 49 13.38 -33.14 31.92
CA CYS F 49 14.14 -32.18 31.13
C CYS F 49 13.19 -31.12 30.59
N PRO F 50 13.33 -29.86 30.99
CA PRO F 50 12.39 -28.82 30.54
C PRO F 50 12.69 -28.39 29.11
N VAL F 51 11.66 -28.37 28.27
CA VAL F 51 11.78 -27.82 26.93
C VAL F 51 10.77 -26.68 26.81
N ARG F 52 11.25 -25.52 26.39
CA ARG F 52 10.40 -24.34 26.24
C ARG F 52 9.97 -24.16 24.79
N PHE F 53 8.71 -23.76 24.62
CA PHE F 53 8.10 -23.53 23.32
C PHE F 53 7.43 -22.18 23.35
N LYS F 54 7.47 -21.51 22.22
CA LYS F 54 6.66 -20.32 22.05
C LYS F 54 6.31 -20.19 20.59
N THR F 55 5.31 -19.37 20.33
CA THR F 55 4.93 -18.94 19.00
C THR F 55 4.76 -17.43 19.06
N VAL F 56 5.25 -16.74 18.03
CA VAL F 56 5.05 -15.28 17.96
C VAL F 56 3.57 -14.96 17.83
N HIS F 57 2.89 -15.66 16.93
CA HIS F 57 1.45 -15.55 16.74
C HIS F 57 0.78 -16.83 17.23
N GLN F 58 -0.42 -16.69 17.79
CA GLN F 58 -1.07 -17.87 18.34
C GLN F 58 -1.64 -18.72 17.21
N PRO F 59 -1.34 -20.02 17.19
CA PRO F 59 -1.79 -20.90 16.09
C PRO F 59 -3.25 -21.25 16.22
N PRO F 60 -3.86 -21.86 15.20
CA PRO F 60 -5.30 -22.14 15.26
C PRO F 60 -5.68 -22.98 16.47
N ALA F 61 -6.99 -23.00 16.74
CA ALA F 61 -7.50 -23.78 17.86
C ALA F 61 -7.32 -25.27 17.58
N GLY F 62 -6.85 -25.99 18.60
CA GLY F 62 -6.62 -27.41 18.45
C GLY F 62 -5.27 -27.78 17.88
N SER F 63 -4.30 -26.88 17.96
CA SER F 63 -2.98 -27.23 17.49
C SER F 63 -2.29 -28.12 18.53
N VAL F 64 -1.27 -28.85 18.08
CA VAL F 64 -0.57 -29.82 18.91
C VAL F 64 0.92 -29.68 18.67
N ILE F 65 1.70 -30.22 19.60
CA ILE F 65 3.15 -30.27 19.51
C ILE F 65 3.55 -31.72 19.61
N ARG F 66 4.24 -32.21 18.58
CA ARG F 66 4.75 -33.56 18.51
C ARG F 66 6.25 -33.56 18.76
N ALA F 67 6.72 -34.55 19.50
CA ALA F 67 8.15 -34.80 19.66
C ALA F 67 8.44 -36.19 19.13
N MET F 68 9.31 -36.28 18.13
CA MET F 68 9.68 -37.56 17.54
C MET F 68 11.19 -37.71 17.46
N PRO F 69 11.76 -38.80 17.97
CA PRO F 69 13.20 -39.06 17.76
C PRO F 69 13.45 -39.73 16.41
N ILE F 70 14.60 -39.41 15.81
CA ILE F 70 15.03 -40.05 14.57
C ILE F 70 16.55 -40.17 14.58
N TYR F 71 17.06 -41.25 13.95
CA TYR F 71 18.50 -41.39 13.82
C TYR F 71 19.04 -40.42 12.79
N VAL F 72 20.28 -39.99 13.01
CA VAL F 72 20.86 -38.93 12.20
C VAL F 72 21.46 -39.48 10.90
N LYS F 73 22.22 -40.58 10.97
CA LYS F 73 23.01 -41.04 9.83
C LYS F 73 22.16 -41.81 8.81
N PRO F 74 22.47 -41.70 7.53
CA PRO F 74 21.65 -42.39 6.52
C PRO F 74 21.63 -43.89 6.67
N GLU F 75 22.70 -44.49 7.20
CA GLU F 75 22.68 -45.94 7.42
C GLU F 75 21.66 -46.34 8.48
N HIS F 76 21.18 -45.40 9.30
CA HIS F 76 20.23 -45.72 10.36
C HIS F 76 18.87 -45.04 10.22
N VAL F 77 18.74 -44.06 9.32
CA VAL F 77 17.62 -43.13 9.41
C VAL F 77 16.27 -43.81 9.17
N GLN F 78 16.23 -44.92 8.42
CA GLN F 78 14.95 -45.58 8.22
C GLN F 78 14.48 -46.34 9.46
N GLU F 79 15.38 -46.65 10.38
CA GLU F 79 15.03 -47.49 11.51
C GLU F 79 14.28 -46.67 12.56
N VAL F 80 13.12 -47.18 12.99
CA VAL F 80 12.36 -46.50 14.03
C VAL F 80 13.22 -46.41 15.30
N VAL F 81 13.25 -45.22 15.93
CA VAL F 81 13.95 -45.05 17.18
C VAL F 81 13.03 -45.47 18.32
N LYS F 82 13.43 -46.49 19.08
CA LYS F 82 12.64 -46.84 20.25
C LYS F 82 13.54 -47.39 21.34
N ARG F 83 12.93 -47.73 22.47
CA ARG F 83 13.68 -48.24 23.61
C ARG F 83 14.14 -49.66 23.34
N CYS F 84 15.24 -50.06 24.01
CA CYS F 84 15.71 -51.43 23.94
C CYS F 84 14.71 -52.37 24.62
N PRO F 85 14.65 -53.64 24.20
CA PRO F 85 13.70 -54.56 24.84
C PRO F 85 13.91 -54.73 26.35
N ASN F 86 15.15 -54.65 26.83
CA ASN F 86 15.39 -54.72 28.28
C ASN F 86 14.62 -53.62 29.02
N HIS F 87 14.89 -52.37 28.67
CA HIS F 87 14.24 -51.25 29.34
C HIS F 87 12.74 -51.20 29.05
N ALA F 88 12.32 -51.71 27.89
CA ALA F 88 10.89 -51.68 27.55
C ALA F 88 10.09 -52.69 28.37
N THR F 89 10.70 -53.80 28.78
CA THR F 89 10.00 -54.86 29.47
C THR F 89 10.26 -54.93 30.97
N THR F 90 11.23 -54.18 31.50
CA THR F 90 11.43 -54.16 32.94
C THR F 90 10.24 -53.47 33.61
N LYS F 91 10.15 -53.61 34.93
CA LYS F 91 9.06 -52.97 35.66
C LYS F 91 9.39 -51.51 35.95
N GLU F 92 10.66 -51.21 36.25
CA GLU F 92 11.07 -49.86 36.60
C GLU F 92 10.70 -48.87 35.50
N HIS F 93 10.11 -47.74 35.89
CA HIS F 93 9.69 -46.65 35.01
C HIS F 93 8.44 -46.99 34.22
N ASN F 94 7.99 -48.25 34.25
CA ASN F 94 6.91 -48.70 33.40
C ASN F 94 5.63 -49.04 34.17
N GLU F 95 5.60 -48.77 35.47
CA GLU F 95 4.42 -49.04 36.28
C GLU F 95 3.19 -48.33 35.72
N ASP F 96 2.39 -49.05 34.94
CA ASP F 96 1.14 -48.58 34.35
C ASP F 96 1.35 -47.54 33.25
N HIS F 97 2.55 -47.46 32.67
CA HIS F 97 2.76 -46.50 31.59
C HIS F 97 2.14 -47.05 30.30
N PRO F 98 1.38 -46.23 29.56
CA PRO F 98 0.65 -46.76 28.40
C PRO F 98 1.51 -47.10 27.20
N ALA F 99 2.76 -46.66 27.13
CA ALA F 99 3.59 -46.87 25.93
C ALA F 99 5.02 -47.12 26.35
N PRO F 100 5.28 -48.27 26.99
CA PRO F 100 6.61 -48.52 27.57
C PRO F 100 7.72 -48.68 26.54
N THR F 101 7.40 -48.83 25.25
CA THR F 101 8.46 -48.93 24.24
C THR F 101 8.96 -47.57 23.74
N HIS F 102 8.29 -46.48 24.07
CA HIS F 102 8.63 -45.19 23.48
C HIS F 102 9.87 -44.60 24.16
N LEU F 103 10.82 -44.16 23.33
CA LEU F 103 12.01 -43.50 23.87
C LEU F 103 11.64 -42.20 24.59
N VAL F 104 10.84 -41.36 23.93
CA VAL F 104 10.58 -40.00 24.39
C VAL F 104 9.24 -39.96 25.12
N ARG F 105 9.27 -39.56 26.38
CA ARG F 105 8.06 -39.36 27.17
C ARG F 105 7.87 -37.87 27.41
N CYS F 106 6.61 -37.45 27.50
CA CYS F 106 6.27 -36.12 27.99
C CYS F 106 5.41 -36.25 29.24
N GLU F 107 5.60 -35.35 30.20
CA GLU F 107 4.91 -35.40 31.48
C GLU F 107 3.55 -34.72 31.46
N HIS F 108 3.22 -33.98 30.39
CA HIS F 108 1.90 -33.39 30.25
C HIS F 108 0.82 -34.43 30.52
N LYS F 109 -0.16 -34.05 31.34
CA LYS F 109 -1.22 -34.99 31.73
C LYS F 109 -2.05 -35.46 30.54
N LEU F 110 -2.07 -34.70 29.44
CA LEU F 110 -2.80 -35.09 28.26
C LEU F 110 -1.89 -35.64 27.15
N ALA F 111 -0.62 -35.91 27.44
CA ALA F 111 0.26 -36.50 26.44
C ALA F 111 -0.38 -37.73 25.82
N SER F 112 -0.21 -37.85 24.51
CA SER F 112 -0.73 -38.99 23.77
C SER F 112 0.41 -39.68 23.03
N TYR F 113 0.60 -40.97 23.31
CA TYR F 113 1.68 -41.73 22.70
C TYR F 113 1.18 -42.39 21.43
N VAL F 114 1.76 -42.02 20.29
CA VAL F 114 1.21 -42.44 19.01
C VAL F 114 2.27 -43.16 18.19
N GLU F 115 1.80 -43.91 17.22
CA GLU F 115 2.65 -44.67 16.31
C GLU F 115 2.14 -44.48 14.89
N ASP F 116 3.03 -44.13 13.98
CA ASP F 116 2.63 -43.92 12.60
C ASP F 116 2.23 -45.26 12.00
N PRO F 117 1.03 -45.36 11.41
CA PRO F 117 0.58 -46.66 10.89
C PRO F 117 1.35 -47.14 9.67
N TYR F 118 2.04 -46.26 8.96
CA TYR F 118 2.78 -46.64 7.77
C TYR F 118 4.27 -46.89 8.01
N THR F 119 4.90 -46.13 8.90
CA THR F 119 6.32 -46.31 9.20
C THR F 119 6.57 -47.00 10.54
N GLY F 120 5.60 -47.01 11.44
CA GLY F 120 5.83 -47.50 12.78
C GLY F 120 6.58 -46.54 13.67
N ARG F 121 6.92 -45.35 13.19
CA ARG F 121 7.62 -44.36 14.02
C ARG F 121 6.75 -43.95 15.19
N GLN F 122 7.37 -43.90 16.37
CA GLN F 122 6.68 -43.56 17.60
C GLN F 122 6.99 -42.12 17.99
N SER F 123 6.02 -41.47 18.60
CA SER F 123 6.19 -40.08 18.99
C SER F 123 5.13 -39.74 20.03
N VAL F 124 5.31 -38.60 20.68
CA VAL F 124 4.41 -38.19 21.75
C VAL F 124 3.87 -36.81 21.41
N ILE F 125 2.56 -36.64 21.57
CA ILE F 125 1.84 -35.45 21.16
C ILE F 125 1.22 -34.82 22.40
N ILE F 126 1.32 -33.50 22.50
CA ILE F 126 0.67 -32.77 23.59
C ILE F 126 -0.09 -31.58 22.98
N PRO F 127 -1.02 -30.99 23.73
CA PRO F 127 -1.71 -29.82 23.19
C PRO F 127 -0.76 -28.63 23.14
N GLN F 128 -0.93 -27.83 22.11
CA GLN F 128 -0.36 -26.49 22.11
C GLN F 128 -1.20 -25.63 23.05
N GLU F 129 -0.55 -24.78 23.84
CA GLU F 129 -1.24 -23.98 24.85
C GLU F 129 -0.72 -22.55 24.86
N HIS F 130 -1.65 -21.61 25.02
CA HIS F 130 -1.25 -20.23 25.27
C HIS F 130 -0.48 -20.14 26.58
N PRO F 131 0.56 -19.31 26.66
CA PRO F 131 1.28 -19.17 27.93
C PRO F 131 0.45 -18.41 28.95
N GLN F 132 0.88 -18.52 30.20
CA GLN F 132 0.23 -17.85 31.33
C GLN F 132 0.23 -16.34 31.15
N ALA F 135 3.92 -14.41 30.84
CA ALA F 135 4.92 -15.41 30.50
C ALA F 135 5.14 -15.46 28.98
N GLU F 136 6.39 -15.67 28.58
CA GLU F 136 6.77 -15.68 27.17
C GLU F 136 6.90 -17.09 26.59
N TRP F 137 7.21 -18.07 27.41
CA TRP F 137 7.42 -19.42 26.96
C TRP F 137 6.51 -20.35 27.75
N VAL F 138 6.10 -21.43 27.10
CA VAL F 138 5.43 -22.54 27.75
C VAL F 138 6.48 -23.61 27.97
N THR F 139 6.65 -24.06 29.20
CA THR F 139 7.61 -25.12 29.49
C THR F 139 6.89 -26.46 29.53
N ASN F 140 7.40 -27.42 28.78
CA ASN F 140 6.95 -28.79 28.90
C ASN F 140 8.15 -29.66 29.28
N LEU F 141 7.83 -30.75 29.97
CA LEU F 141 8.85 -31.60 30.57
C LEU F 141 8.89 -32.92 29.82
N TYR F 142 10.08 -33.30 29.40
CA TYR F 142 10.31 -34.53 28.66
C TYR F 142 11.31 -35.40 29.39
N GLN F 143 11.22 -36.70 29.12
CA GLN F 143 12.20 -37.65 29.60
C GLN F 143 12.64 -38.53 28.44
N PHE F 144 13.86 -39.06 28.56
CA PHE F 144 14.44 -39.94 27.56
C PHE F 144 14.80 -41.24 28.25
N MET F 145 14.22 -42.34 27.76
CA MET F 145 14.02 -43.54 28.57
C MET F 145 14.99 -44.66 28.23
N CYS F 146 16.07 -44.36 27.51
CA CYS F 146 17.17 -45.29 27.30
C CYS F 146 18.45 -44.49 27.29
N PHE F 147 19.57 -45.13 27.64
CA PHE F 147 20.88 -44.53 27.45
C PHE F 147 21.25 -44.52 25.97
N SER F 148 22.03 -43.51 25.56
CA SER F 148 22.55 -43.51 24.19
C SER F 148 23.35 -44.77 23.90
N SER F 149 23.80 -45.50 24.92
CA SER F 149 24.62 -46.69 24.75
C SER F 149 23.85 -48.00 24.85
N CYS F 150 22.52 -47.96 25.01
CA CYS F 150 21.77 -49.22 25.12
C CYS F 150 21.96 -50.11 23.89
N VAL F 151 22.70 -51.21 24.08
CA VAL F 151 22.75 -52.25 23.07
C VAL F 151 21.34 -52.80 22.88
N GLY F 152 20.99 -53.11 21.65
CA GLY F 152 19.62 -53.48 21.37
C GLY F 152 18.67 -52.31 21.25
N GLY F 153 19.15 -51.08 21.43
CA GLY F 153 18.36 -49.88 21.26
C GLY F 153 19.14 -48.85 20.48
N LEU F 154 19.33 -47.66 21.06
CA LEU F 154 20.10 -46.62 20.39
C LEU F 154 21.47 -47.13 19.95
N ASN F 155 22.12 -47.92 20.81
CA ASN F 155 23.40 -48.56 20.48
C ASN F 155 24.43 -47.54 19.96
N ARG F 156 24.53 -46.41 20.66
CA ARG F 156 25.49 -45.34 20.40
C ARG F 156 25.27 -44.63 19.06
N ARG F 157 24.10 -44.78 18.46
CA ARG F 157 23.86 -44.12 17.18
C ARG F 157 23.25 -42.75 17.41
N PRO F 158 23.77 -41.69 16.79
CA PRO F 158 23.27 -40.34 17.08
C PRO F 158 21.80 -40.18 16.70
N ILE F 159 21.10 -39.34 17.47
CA ILE F 159 19.69 -39.07 17.26
C ILE F 159 19.43 -37.57 17.37
N GLN F 160 18.36 -37.15 16.74
CA GLN F 160 17.74 -35.87 16.99
C GLN F 160 16.34 -36.14 17.52
N VAL F 161 15.79 -35.13 18.19
CA VAL F 161 14.36 -35.07 18.45
C VAL F 161 13.80 -33.90 17.64
N ILE F 162 12.78 -34.19 16.84
CA ILE F 162 12.11 -33.21 16.02
C ILE F 162 10.84 -32.79 16.75
N PHE F 163 10.69 -31.49 16.96
CA PHE F 163 9.48 -30.93 17.53
C PHE F 163 8.70 -30.27 16.39
N THR F 164 7.45 -30.67 16.20
CA THR F 164 6.60 -30.07 15.18
C THR F 164 5.35 -29.49 15.80
N LEU F 165 4.98 -28.32 15.32
CA LEU F 165 3.69 -27.71 15.60
C LEU F 165 2.73 -28.11 14.48
N GLU F 166 1.62 -28.74 14.84
CA GLU F 166 0.74 -29.33 13.85
C GLU F 166 -0.71 -28.95 14.12
N HIS F 167 -1.47 -28.82 13.04
CA HIS F 167 -2.90 -28.54 13.12
C HIS F 167 -3.55 -29.19 11.92
N GLU F 168 -4.59 -29.97 12.17
CA GLU F 168 -5.32 -30.69 11.12
C GLU F 168 -4.37 -31.51 10.25
N GLY F 169 -3.40 -32.15 10.89
CA GLY F 169 -2.46 -32.99 10.17
C GLY F 169 -1.42 -32.26 9.35
N VAL F 170 -1.40 -30.92 9.36
CA VAL F 170 -0.42 -30.13 8.61
C VAL F 170 0.65 -29.64 9.59
N VAL F 171 1.92 -29.76 9.20
CA VAL F 171 3.03 -29.24 9.99
C VAL F 171 3.11 -27.72 9.77
N LEU F 172 2.94 -26.95 10.86
CA LEU F 172 3.03 -25.50 10.79
C LEU F 172 4.40 -24.97 11.19
N GLY F 173 5.19 -25.77 11.88
CA GLY F 173 6.50 -25.32 12.31
C GLY F 173 7.29 -26.51 12.77
N ARG F 174 8.61 -26.34 12.71
CA ARG F 174 9.49 -27.46 13.03
C ARG F 174 10.78 -26.94 13.63
N GLN F 175 11.21 -27.54 14.73
CA GLN F 175 12.53 -27.32 15.28
C GLN F 175 13.10 -28.68 15.68
N ALA F 176 14.42 -28.76 15.78
CA ALA F 176 15.08 -30.04 16.00
C ALA F 176 16.39 -29.80 16.72
N VAL F 177 16.73 -30.68 17.68
CA VAL F 177 18.03 -30.68 18.32
C VAL F 177 18.57 -32.10 18.40
N GLU F 178 19.89 -32.22 18.35
CA GLU F 178 20.53 -33.48 18.68
C GLU F 178 20.37 -33.76 20.17
N VAL F 179 20.27 -35.04 20.51
CA VAL F 179 20.16 -35.44 21.91
C VAL F 179 21.14 -36.57 22.19
N ARG F 180 22.01 -36.37 23.17
CA ARG F 180 22.84 -37.43 23.72
C ARG F 180 22.36 -37.72 25.13
N ILE F 181 21.92 -38.96 25.36
CA ILE F 181 21.43 -39.38 26.66
C ILE F 181 22.59 -40.03 27.39
N CYS F 182 23.07 -39.38 28.45
CA CYS F 182 24.33 -39.77 29.07
C CYS F 182 24.30 -39.50 30.57
N ALA F 183 25.18 -40.20 31.27
CA ALA F 183 25.26 -40.07 32.72
C ALA F 183 25.83 -38.73 33.17
N CYS F 184 26.72 -38.15 32.38
CA CYS F 184 27.52 -36.98 32.79
C CYS F 184 27.32 -35.87 31.78
N PRO F 185 26.14 -35.24 31.76
CA PRO F 185 25.85 -34.29 30.68
C PRO F 185 26.78 -33.09 30.66
N GLY F 186 27.13 -32.54 31.83
CA GLY F 186 27.97 -31.36 31.86
C GLY F 186 29.37 -31.63 31.36
N ARG F 187 29.94 -32.78 31.75
CA ARG F 187 31.29 -33.13 31.28
C ARG F 187 31.27 -33.55 29.82
N ASP F 188 30.26 -34.29 29.40
CA ASP F 188 30.18 -34.69 27.99
C ASP F 188 30.08 -33.47 27.09
N ARG F 189 29.30 -32.48 27.52
CA ARG F 189 29.17 -31.27 26.73
C ARG F 189 30.50 -30.54 26.59
N ARG F 190 31.22 -30.34 27.71
CA ARG F 190 32.54 -29.73 27.64
C ARG F 190 33.49 -30.57 26.78
N ALA F 191 33.44 -31.88 26.94
CA ALA F 191 34.30 -32.75 26.13
C ALA F 191 33.99 -32.62 24.64
N GLU F 192 32.71 -32.49 24.27
CA GLU F 192 32.38 -32.37 22.85
C GLU F 192 32.61 -30.96 22.31
N GLU F 193 32.34 -29.94 23.14
CA GLU F 193 32.58 -28.56 22.71
C GLU F 193 34.07 -28.30 22.51
N THR F 194 34.92 -28.87 23.37
CA THR F 194 36.36 -28.69 23.22
C THR F 194 36.87 -29.32 21.93
N ALA F 195 36.33 -30.48 21.57
CA ALA F 195 36.67 -31.10 20.30
C ALA F 195 36.11 -30.33 19.10
N ALA F 196 35.35 -29.26 19.31
CA ALA F 196 34.77 -28.50 18.21
C ALA F 196 35.00 -27.00 18.37
N VAL G 4 -18.89 41.69 28.49
CA VAL G 4 -19.71 40.56 28.10
C VAL G 4 -19.89 40.54 26.57
N PRO G 5 -18.86 40.11 25.85
CA PRO G 5 -18.90 40.15 24.38
C PRO G 5 -19.82 39.07 23.84
N SER G 6 -20.89 39.50 23.17
CA SER G 6 -21.92 38.58 22.73
C SER G 6 -21.33 37.45 21.89
N ASN G 7 -21.86 36.24 22.12
CA ASN G 7 -21.57 35.09 21.29
C ASN G 7 -22.75 34.75 20.39
N THR G 8 -23.78 35.59 20.36
CA THR G 8 -25.00 35.28 19.61
C THR G 8 -24.74 35.35 18.12
N PRO G 9 -24.75 34.23 17.41
CA PRO G 9 -24.49 34.27 15.97
C PRO G 9 -25.63 34.94 15.21
N TYR G 10 -25.26 35.68 14.17
CA TYR G 10 -26.24 36.15 13.20
C TYR G 10 -25.51 36.52 11.91
N SER G 11 -26.10 36.09 10.78
CA SER G 11 -25.53 36.32 9.46
C SER G 11 -25.47 37.79 9.10
N GLY G 12 -26.42 38.60 9.60
CA GLY G 12 -26.47 40.01 9.27
C GLY G 12 -26.88 40.30 7.82
N GLU G 13 -26.87 41.60 7.49
CA GLU G 13 -27.33 42.04 6.17
C GLU G 13 -26.44 41.51 5.06
N TYR G 14 -25.17 41.23 5.34
CA TYR G 14 -24.26 40.75 4.30
C TYR G 14 -24.14 39.24 4.27
N GLY G 15 -24.83 38.52 5.15
CA GLY G 15 -24.81 37.07 5.09
C GLY G 15 -23.45 36.49 5.34
N PHE G 16 -22.88 36.83 6.49
CA PHE G 16 -21.56 36.37 6.91
C PHE G 16 -21.67 34.94 7.42
N GLU G 17 -20.85 34.04 6.87
CA GLU G 17 -20.89 32.64 7.26
C GLU G 17 -19.48 32.10 7.41
N ILE G 18 -19.33 31.10 8.26
CA ILE G 18 -18.08 30.37 8.37
C ILE G 18 -18.37 28.90 8.17
N SER G 19 -17.34 28.15 7.79
CA SER G 19 -17.51 26.72 7.60
C SER G 19 -16.14 26.07 7.71
N PHE G 20 -16.17 24.74 7.77
CA PHE G 20 -14.95 23.95 7.77
C PHE G 20 -15.00 22.97 6.61
N GLN G 21 -13.88 22.87 5.90
CA GLN G 21 -13.83 22.07 4.68
C GLN G 21 -14.01 20.59 4.97
N HIS G 22 -14.46 19.88 3.95
CA HIS G 22 -14.60 18.44 4.05
C HIS G 22 -13.24 17.81 4.27
N GLN G 23 -13.19 16.81 5.14
CA GLN G 23 -11.98 16.04 5.36
C GLN G 23 -12.22 14.63 4.84
N SER G 24 -11.45 14.23 3.83
CA SER G 24 -11.61 12.90 3.25
C SER G 24 -10.69 11.91 3.93
N LYS G 25 -11.04 10.63 3.83
CA LYS G 25 -10.22 9.60 4.45
C LYS G 25 -8.80 9.60 3.91
N GLU G 26 -8.63 10.02 2.64
CA GLU G 26 -7.33 9.90 1.99
C GLU G 26 -6.35 10.96 2.48
N THR G 27 -6.74 12.23 2.47
CA THR G 27 -5.78 13.33 2.59
C THR G 27 -6.01 14.22 3.79
N LYS G 28 -6.87 13.84 4.73
CA LYS G 28 -7.19 14.70 5.85
C LYS G 28 -5.99 14.88 6.77
N SER G 29 -5.92 16.04 7.40
CA SER G 29 -4.96 16.28 8.46
C SER G 29 -5.51 15.77 9.78
N THR G 30 -4.71 14.95 10.47
CA THR G 30 -5.10 14.54 11.81
C THR G 30 -4.94 15.65 12.83
N THR G 31 -4.44 16.83 12.42
CA THR G 31 -4.20 17.89 13.39
C THR G 31 -5.47 18.63 13.80
N TRP G 32 -6.57 18.50 13.04
CA TRP G 32 -7.82 19.19 13.38
C TRP G 32 -9.00 18.38 12.87
N THR G 33 -10.15 18.57 13.49
CA THR G 33 -11.38 17.97 12.99
C THR G 33 -12.55 18.77 13.54
N PHE G 34 -13.61 18.89 12.75
CA PHE G 34 -14.74 19.70 13.14
C PHE G 34 -15.99 18.83 13.25
N SER G 35 -16.63 18.89 14.42
CA SER G 35 -17.88 18.18 14.67
C SER G 35 -19.03 19.10 14.29
N GLU G 36 -19.73 18.77 13.20
CA GLU G 36 -20.92 19.52 12.84
C GLU G 36 -22.01 19.31 13.87
N SER G 37 -22.14 18.08 14.39
CA SER G 37 -23.20 17.82 15.35
C SER G 37 -22.97 18.54 16.68
N LEU G 38 -21.71 18.71 17.10
CA LEU G 38 -21.42 19.46 18.32
C LEU G 38 -21.18 20.95 18.08
N LYS G 39 -21.04 21.36 16.82
CA LYS G 39 -20.56 22.71 16.49
C LYS G 39 -19.27 23.01 17.25
N LYS G 40 -18.30 22.10 17.13
CA LYS G 40 -17.10 22.17 17.94
C LYS G 40 -15.89 21.77 17.11
N LEU G 41 -14.86 22.63 17.15
CA LEU G 41 -13.57 22.35 16.53
C LEU G 41 -12.63 21.70 17.54
N PHE G 42 -12.01 20.59 17.16
CA PHE G 42 -10.97 19.94 17.93
C PHE G 42 -9.66 20.13 17.18
N VAL G 43 -8.63 20.64 17.85
CA VAL G 43 -7.40 21.03 17.14
C VAL G 43 -6.20 20.84 18.05
N ARG G 44 -5.07 20.43 17.46
CA ARG G 44 -3.81 20.32 18.18
C ARG G 44 -3.18 21.70 18.40
N MET G 45 -2.52 21.85 19.55
N MET G 45 -2.51 21.84 19.54
CA MET G 45 -1.89 23.12 19.89
CA MET G 45 -1.87 23.09 19.91
C MET G 45 -0.82 23.48 18.87
C MET G 45 -0.79 23.48 18.91
N ALA G 46 -0.77 24.76 18.53
CA ALA G 46 0.23 25.33 17.61
C ALA G 46 0.24 24.68 16.23
N THR G 47 -0.90 24.20 15.76
CA THR G 47 -1.00 23.66 14.41
C THR G 47 -1.91 24.53 13.56
N THR G 48 -1.58 24.62 12.28
CA THR G 48 -2.35 25.43 11.35
C THR G 48 -3.69 24.78 11.06
N CYS G 49 -4.78 25.54 11.24
CA CYS G 49 -6.13 25.02 11.10
C CYS G 49 -6.91 25.89 10.12
N PRO G 50 -7.53 25.32 9.08
CA PRO G 50 -8.19 26.16 8.08
C PRO G 50 -9.62 26.47 8.45
N VAL G 51 -10.00 27.74 8.33
CA VAL G 51 -11.35 28.21 8.64
C VAL G 51 -11.83 28.99 7.43
N ARG G 52 -13.02 28.66 6.94
CA ARG G 52 -13.51 29.26 5.72
C ARG G 52 -14.53 30.35 6.04
N PHE G 53 -14.48 31.43 5.27
CA PHE G 53 -15.33 32.59 5.46
C PHE G 53 -15.99 32.98 4.15
N LYS G 54 -17.21 33.51 4.25
CA LYS G 54 -17.81 34.16 3.09
C LYS G 54 -18.84 35.18 3.54
N THR G 55 -19.14 36.11 2.63
CA THR G 55 -20.28 37.01 2.73
C THR G 55 -21.12 36.88 1.47
N VAL G 56 -22.43 36.76 1.63
CA VAL G 56 -23.31 36.70 0.47
C VAL G 56 -23.24 38.00 -0.32
N HIS G 57 -23.21 39.14 0.38
CA HIS G 57 -23.10 40.45 -0.21
C HIS G 57 -21.77 41.08 0.17
N GLN G 58 -21.18 41.80 -0.77
CA GLN G 58 -19.92 42.46 -0.51
C GLN G 58 -20.11 43.48 0.62
N PRO G 59 -19.40 43.36 1.73
CA PRO G 59 -19.52 44.36 2.80
C PRO G 59 -18.80 45.64 2.43
N PRO G 60 -18.97 46.73 3.20
CA PRO G 60 -18.28 47.98 2.87
C PRO G 60 -16.77 47.80 2.81
N ALA G 61 -16.14 48.60 1.96
CA ALA G 61 -14.70 48.51 1.78
C ALA G 61 -13.99 48.72 3.11
N GLY G 62 -12.91 47.96 3.31
CA GLY G 62 -12.19 48.01 4.57
C GLY G 62 -12.84 47.27 5.72
N SER G 63 -13.81 46.40 5.45
CA SER G 63 -14.33 45.56 6.52
C SER G 63 -13.26 44.58 6.98
N VAL G 64 -13.42 44.11 8.22
CA VAL G 64 -12.42 43.25 8.85
C VAL G 64 -13.11 42.05 9.49
N ILE G 65 -12.32 41.02 9.74
CA ILE G 65 -12.80 39.83 10.46
C ILE G 65 -11.98 39.70 11.73
N ARG G 66 -12.66 39.73 12.87
CA ARG G 66 -12.01 39.58 14.16
C ARG G 66 -12.27 38.16 14.68
N ALA G 67 -11.24 37.56 15.24
CA ALA G 67 -11.35 36.27 15.90
C ALA G 67 -11.00 36.49 17.37
N MET G 68 -11.94 36.18 18.26
CA MET G 68 -11.68 36.43 19.69
C MET G 68 -12.10 35.22 20.54
N PRO G 69 -11.20 34.69 21.37
CA PRO G 69 -11.59 33.58 22.24
C PRO G 69 -12.29 34.09 23.50
N ILE G 70 -13.28 33.33 23.96
N ILE G 70 -13.30 33.34 23.94
CA ILE G 70 -14.06 33.65 25.15
CA ILE G 70 -13.97 33.66 25.20
C ILE G 70 -14.37 32.36 25.89
C ILE G 70 -14.33 32.37 25.90
N TYR G 71 -14.36 32.42 27.23
CA TYR G 71 -14.78 31.27 28.02
C TYR G 71 -16.28 31.09 27.86
N VAL G 72 -16.70 29.81 27.91
CA VAL G 72 -18.10 29.43 27.71
C VAL G 72 -18.90 29.56 29.01
N LYS G 73 -18.34 29.11 30.14
CA LYS G 73 -19.13 29.02 31.37
C LYS G 73 -19.41 30.42 31.90
N PRO G 74 -20.64 30.70 32.34
CA PRO G 74 -20.98 32.05 32.80
C PRO G 74 -20.07 32.56 33.92
N GLU G 75 -19.59 31.68 34.80
CA GLU G 75 -18.67 32.09 35.85
C GLU G 75 -17.30 32.51 35.31
N HIS G 76 -16.98 32.16 34.07
CA HIS G 76 -15.66 32.48 33.55
C HIS G 76 -15.67 33.51 32.45
N VAL G 77 -16.85 33.85 31.90
CA VAL G 77 -16.90 34.57 30.64
C VAL G 77 -16.21 35.93 30.74
N GLN G 78 -16.15 36.52 31.94
CA GLN G 78 -15.56 37.84 32.07
C GLN G 78 -14.05 37.83 32.14
N GLU G 79 -13.44 36.68 32.39
CA GLU G 79 -11.99 36.59 32.41
C GLU G 79 -11.45 36.60 30.97
N VAL G 80 -10.47 37.45 30.70
CA VAL G 80 -9.88 37.49 29.36
C VAL G 80 -9.15 36.18 29.08
N VAL G 81 -9.44 35.58 27.94
CA VAL G 81 -8.76 34.36 27.48
C VAL G 81 -7.39 34.74 26.94
N LYS G 82 -6.35 34.19 27.56
CA LYS G 82 -4.96 34.49 27.23
C LYS G 82 -4.15 33.22 27.33
N ARG G 83 -2.96 33.23 26.73
CA ARG G 83 -2.00 32.15 26.97
C ARG G 83 -1.52 32.16 28.41
N CYS G 84 -1.13 30.98 28.89
CA CYS G 84 -0.53 30.86 30.21
C CYS G 84 0.87 31.50 30.22
N PRO G 85 1.33 31.96 31.39
CA PRO G 85 2.65 32.64 31.43
C PRO G 85 3.81 31.76 30.98
N ASN G 86 3.78 30.46 31.27
CA ASN G 86 4.83 29.57 30.78
C ASN G 86 4.98 29.71 29.28
N HIS G 87 3.91 29.43 28.54
CA HIS G 87 3.95 29.52 27.08
C HIS G 87 4.14 30.95 26.59
N ALA G 88 3.59 31.93 27.31
CA ALA G 88 3.68 33.32 26.87
C ALA G 88 5.11 33.85 26.97
N THR G 89 5.91 33.31 27.88
CA THR G 89 7.21 33.90 28.18
C THR G 89 8.38 33.02 27.76
N THR G 90 8.11 31.89 27.10
CA THR G 90 9.20 31.07 26.62
C THR G 90 9.67 31.55 25.24
N LYS G 91 10.85 31.08 24.84
CA LYS G 91 11.37 31.49 23.54
C LYS G 91 10.70 30.72 22.41
N GLU G 92 10.31 29.47 22.63
CA GLU G 92 9.68 28.68 21.56
C GLU G 92 8.35 29.31 21.16
N HIS G 93 8.01 29.15 19.88
CA HIS G 93 6.76 29.65 19.28
C HIS G 93 6.71 31.17 19.20
N ASN G 94 7.59 31.87 19.92
CA ASN G 94 7.51 33.31 20.09
C ASN G 94 8.64 34.07 19.42
N GLU G 95 9.45 33.40 18.60
CA GLU G 95 10.57 34.04 17.91
C GLU G 95 10.08 35.18 17.04
N ASP G 96 10.26 36.42 17.51
CA ASP G 96 9.85 37.62 16.78
C ASP G 96 8.34 37.69 16.58
N HIS G 97 7.54 37.08 17.51
CA HIS G 97 6.10 37.23 17.33
C HIS G 97 5.62 38.47 18.09
N PRO G 98 4.78 39.31 17.48
CA PRO G 98 4.48 40.62 18.07
C PRO G 98 3.55 40.56 19.28
N ALA G 99 2.95 39.41 19.59
CA ALA G 99 1.98 39.31 20.68
C ALA G 99 2.00 37.90 21.25
N PRO G 100 3.06 37.55 21.99
CA PRO G 100 3.21 36.16 22.46
C PRO G 100 2.25 35.76 23.56
N THR G 101 1.43 36.68 24.09
CA THR G 101 0.41 36.30 25.06
C THR G 101 -0.92 35.91 24.41
N HIS G 102 -1.12 36.15 23.12
CA HIS G 102 -2.41 35.88 22.49
C HIS G 102 -2.60 34.38 22.26
N LEU G 103 -3.78 33.88 22.63
CA LEU G 103 -4.11 32.48 22.39
C LEU G 103 -4.29 32.20 20.91
N VAL G 104 -5.04 33.04 20.20
CA VAL G 104 -5.45 32.80 18.81
C VAL G 104 -4.51 33.55 17.88
N ARG G 105 -3.85 32.83 16.99
CA ARG G 105 -3.02 33.44 15.97
C ARG G 105 -3.65 33.25 14.60
N CYS G 106 -3.40 34.19 13.70
CA CYS G 106 -3.80 34.05 12.31
C CYS G 106 -2.58 34.25 11.42
N GLU G 107 -2.47 33.40 10.42
CA GLU G 107 -1.31 33.42 9.54
C GLU G 107 -1.44 34.47 8.44
N HIS G 108 -2.55 35.20 8.39
CA HIS G 108 -2.73 36.18 7.33
C HIS G 108 -1.61 37.23 7.40
N LYS G 109 -1.06 37.56 6.22
CA LYS G 109 0.06 38.50 6.16
C LYS G 109 -0.26 39.83 6.83
N LEU G 110 -1.53 40.25 6.80
CA LEU G 110 -1.96 41.51 7.40
C LEU G 110 -2.60 41.32 8.76
N ALA G 111 -2.43 40.15 9.38
CA ALA G 111 -2.99 39.89 10.70
C ALA G 111 -2.49 40.91 11.72
N SER G 112 -3.42 41.49 12.47
CA SER G 112 -3.10 42.50 13.45
C SER G 112 -3.58 42.03 14.80
N TYR G 113 -2.68 42.03 15.79
CA TYR G 113 -2.98 41.54 17.13
C TYR G 113 -3.39 42.71 18.01
N VAL G 114 -4.60 42.64 18.55
CA VAL G 114 -5.26 43.78 19.17
C VAL G 114 -5.56 43.45 20.63
N GLU G 115 -5.37 44.44 21.50
CA GLU G 115 -5.82 44.38 22.89
C GLU G 115 -6.68 45.60 23.13
N ASP G 116 -7.94 45.38 23.47
CA ASP G 116 -8.82 46.51 23.74
C ASP G 116 -8.24 47.33 24.89
N PRO G 117 -8.11 48.65 24.74
CA PRO G 117 -7.46 49.43 25.79
C PRO G 117 -8.29 49.56 27.05
N TYR G 118 -9.58 49.19 27.00
CA TYR G 118 -10.50 49.36 28.12
C TYR G 118 -10.85 48.04 28.80
N THR G 119 -11.12 46.98 28.03
CA THR G 119 -11.45 45.68 28.61
C THR G 119 -10.26 44.74 28.71
N GLY G 120 -9.17 45.01 28.00
CA GLY G 120 -8.07 44.07 27.94
C GLY G 120 -8.28 42.86 27.04
N ARG G 121 -9.43 42.73 26.39
CA ARG G 121 -9.68 41.59 25.50
C ARG G 121 -8.66 41.53 24.38
N GLN G 122 -8.14 40.33 24.13
CA GLN G 122 -7.18 40.12 23.06
C GLN G 122 -7.83 39.43 21.88
N SER G 123 -7.54 39.91 20.67
CA SER G 123 -8.08 39.27 19.47
C SER G 123 -7.13 39.53 18.33
N VAL G 124 -7.44 38.93 17.18
CA VAL G 124 -6.63 39.09 15.99
C VAL G 124 -7.55 39.46 14.83
N ILE G 125 -7.19 40.49 14.08
N ILE G 125 -7.16 40.47 14.06
CA ILE G 125 -8.05 40.99 13.01
CA ILE G 125 -7.98 41.06 13.02
C ILE G 125 -7.31 40.87 11.70
C ILE G 125 -7.29 40.85 11.68
N ILE G 126 -8.07 40.57 10.64
CA ILE G 126 -7.59 40.49 9.27
C ILE G 126 -8.60 41.18 8.36
N PRO G 127 -8.18 41.58 7.16
CA PRO G 127 -9.15 42.14 6.21
C PRO G 127 -10.12 41.07 5.71
N GLN G 128 -11.39 41.46 5.58
CA GLN G 128 -12.31 40.70 4.76
C GLN G 128 -11.85 40.80 3.33
N GLU G 129 -11.93 39.69 2.60
CA GLU G 129 -11.46 39.64 1.23
C GLU G 129 -12.50 38.99 0.34
N HIS G 130 -12.59 39.47 -0.89
CA HIS G 130 -13.39 38.81 -1.90
C HIS G 130 -12.78 37.44 -2.22
N PRO G 131 -13.61 36.42 -2.43
CA PRO G 131 -13.06 35.10 -2.76
C PRO G 131 -12.32 35.15 -4.10
N GLN G 132 -11.42 34.18 -4.27
CA GLN G 132 -10.75 34.02 -5.56
C GLN G 132 -11.76 33.57 -6.62
N ALA G 133 -11.38 33.75 -7.88
CA ALA G 133 -12.24 33.41 -9.00
C ALA G 133 -12.78 31.98 -8.88
N GLY G 134 -14.09 31.83 -9.08
CA GLY G 134 -14.75 30.55 -9.02
C GLY G 134 -14.88 29.93 -7.65
N ALA G 135 -14.41 30.59 -6.60
CA ALA G 135 -14.46 30.03 -5.26
C ALA G 135 -15.63 30.62 -4.47
N GLU G 136 -16.22 29.80 -3.62
CA GLU G 136 -17.26 30.24 -2.71
C GLU G 136 -16.68 30.80 -1.40
N TRP G 137 -15.54 30.27 -0.97
CA TRP G 137 -14.99 30.50 0.36
C TRP G 137 -13.62 31.14 0.27
N VAL G 138 -13.30 31.95 1.27
CA VAL G 138 -11.93 32.34 1.57
C VAL G 138 -11.47 31.51 2.76
N THR G 139 -10.37 30.79 2.61
CA THR G 139 -9.78 30.01 3.69
C THR G 139 -8.70 30.83 4.38
N ASN G 140 -8.85 31.04 5.69
CA ASN G 140 -7.79 31.64 6.49
C ASN G 140 -7.23 30.61 7.47
N LEU G 141 -5.98 30.82 7.89
CA LEU G 141 -5.26 29.83 8.70
C LEU G 141 -5.08 30.36 10.11
N TYR G 142 -5.58 29.62 11.10
CA TYR G 142 -5.47 30.01 12.49
C TYR G 142 -4.73 28.95 13.29
N GLN G 143 -4.12 29.39 14.39
CA GLN G 143 -3.48 28.48 15.34
C GLN G 143 -3.92 28.85 16.75
N PHE G 144 -3.87 27.85 17.64
CA PHE G 144 -4.27 28.03 19.03
C PHE G 144 -3.10 27.60 19.90
N MET G 145 -2.63 28.51 20.76
CA MET G 145 -1.27 28.46 21.25
C MET G 145 -1.14 28.00 22.70
N CYS G 146 -2.18 27.42 23.28
CA CYS G 146 -2.06 26.74 24.56
C CYS G 146 -2.89 25.48 24.50
N PHE G 147 -2.54 24.50 25.32
CA PHE G 147 -3.40 23.34 25.51
C PHE G 147 -4.64 23.77 26.29
N SER G 148 -5.76 23.05 26.05
CA SER G 148 -6.95 23.29 26.83
C SER G 148 -6.73 23.07 28.33
N SER G 149 -5.63 22.42 28.71
CA SER G 149 -5.39 22.04 30.09
C SER G 149 -4.31 22.89 30.76
N CYS G 150 -3.76 23.88 30.06
CA CYS G 150 -2.65 24.66 30.59
C CYS G 150 -2.99 25.27 31.95
N VAL G 151 -2.25 24.85 32.97
CA VAL G 151 -2.38 25.49 34.28
C VAL G 151 -1.82 26.90 34.18
N GLY G 152 -2.53 27.85 34.77
CA GLY G 152 -2.17 29.24 34.60
C GLY G 152 -2.73 29.88 33.35
N GLY G 153 -3.53 29.15 32.58
CA GLY G 153 -4.27 29.72 31.48
C GLY G 153 -5.65 29.13 31.42
N LEU G 154 -5.99 28.47 30.29
CA LEU G 154 -7.34 27.94 30.10
C LEU G 154 -7.75 27.00 31.23
N ASN G 155 -6.78 26.25 31.76
CA ASN G 155 -6.97 25.29 32.84
C ASN G 155 -8.28 24.50 32.74
N ARG G 156 -8.48 23.87 31.58
CA ARG G 156 -9.57 22.93 31.31
C ARG G 156 -10.91 23.63 31.16
N ARG G 157 -10.94 24.94 31.15
CA ARG G 157 -12.23 25.63 31.04
C ARG G 157 -12.60 25.78 29.57
N PRO G 158 -13.78 25.32 29.17
CA PRO G 158 -14.13 25.35 27.74
C PRO G 158 -14.16 26.78 27.20
N ILE G 159 -13.79 26.91 25.93
CA ILE G 159 -13.81 28.20 25.25
C ILE G 159 -14.55 28.04 23.94
N GLN G 160 -14.97 29.17 23.42
CA GLN G 160 -15.35 29.26 22.01
C GLN G 160 -14.52 30.37 21.38
N VAL G 161 -14.50 30.39 20.06
CA VAL G 161 -13.92 31.50 19.31
C VAL G 161 -15.04 32.22 18.58
N ILE G 162 -15.12 33.53 18.78
CA ILE G 162 -16.12 34.37 18.15
C ILE G 162 -15.48 35.01 16.92
N PHE G 163 -16.10 34.82 15.77
CA PHE G 163 -15.69 35.52 14.55
C PHE G 163 -16.71 36.60 14.27
N THR G 164 -16.27 37.84 14.16
CA THR G 164 -17.15 38.94 13.81
C THR G 164 -16.67 39.64 12.55
N LEU G 165 -17.62 39.95 11.68
CA LEU G 165 -17.41 40.84 10.56
C LEU G 165 -17.72 42.24 11.04
N GLU G 166 -16.78 43.16 10.83
CA GLU G 166 -16.89 44.51 11.39
C GLU G 166 -16.49 45.55 10.36
N HIS G 167 -17.15 46.70 10.39
CA HIS G 167 -16.72 47.85 9.60
C HIS G 167 -16.77 49.09 10.48
N GLU G 168 -15.63 49.77 10.59
CA GLU G 168 -15.51 51.01 11.34
C GLU G 168 -16.01 50.83 12.77
N GLY G 169 -15.59 49.74 13.40
CA GLY G 169 -15.98 49.49 14.78
C GLY G 169 -17.36 48.94 15.00
N VAL G 170 -18.16 48.75 13.95
CA VAL G 170 -19.53 48.25 14.07
C VAL G 170 -19.57 46.78 13.63
N VAL G 171 -20.17 45.93 14.46
CA VAL G 171 -20.33 44.52 14.13
C VAL G 171 -21.44 44.37 13.10
N LEU G 172 -21.11 43.75 11.96
CA LEU G 172 -22.07 43.47 10.90
C LEU G 172 -22.58 42.05 10.90
N GLY G 173 -21.82 41.13 11.50
CA GLY G 173 -22.18 39.73 11.52
C GLY G 173 -21.29 39.00 12.51
N ARG G 174 -21.76 37.84 12.95
CA ARG G 174 -21.10 37.07 13.98
C ARG G 174 -21.36 35.58 13.82
N GLN G 175 -20.30 34.78 13.89
CA GLN G 175 -20.41 33.32 14.00
C GLN G 175 -19.47 32.85 15.10
N ALA G 176 -19.70 31.63 15.58
CA ALA G 176 -18.93 31.14 16.71
C ALA G 176 -18.90 29.62 16.70
N VAL G 177 -17.78 29.06 17.13
CA VAL G 177 -17.69 27.62 17.37
C VAL G 177 -16.93 27.41 18.67
N GLU G 178 -17.33 26.40 19.42
CA GLU G 178 -16.52 25.92 20.52
C GLU G 178 -15.22 25.32 19.99
N VAL G 179 -14.17 25.43 20.77
CA VAL G 179 -12.85 24.96 20.36
C VAL G 179 -12.20 24.23 21.53
N ARG G 180 -11.84 22.97 21.31
CA ARG G 180 -11.08 22.19 22.28
C ARG G 180 -9.70 21.95 21.69
N ILE G 181 -8.68 22.41 22.38
CA ILE G 181 -7.30 22.20 21.99
C ILE G 181 -6.78 20.96 22.71
N CYS G 182 -6.38 19.94 21.93
CA CYS G 182 -6.08 18.66 22.53
C CYS G 182 -5.09 17.90 21.65
N ALA G 183 -4.42 16.93 22.28
CA ALA G 183 -3.39 16.19 21.57
C ALA G 183 -3.97 15.35 20.45
N CYS G 184 -5.19 14.85 20.62
CA CYS G 184 -5.78 13.86 19.70
C CYS G 184 -7.18 14.24 19.28
N PRO G 185 -7.29 15.17 18.33
CA PRO G 185 -8.62 15.71 18.00
C PRO G 185 -9.61 14.65 17.54
N GLY G 186 -9.15 13.65 16.80
CA GLY G 186 -10.04 12.58 16.40
C GLY G 186 -10.57 11.79 17.57
N ARG G 187 -9.69 11.50 18.54
CA ARG G 187 -10.10 10.79 19.75
C ARG G 187 -11.13 11.60 20.55
N ASP G 188 -10.82 12.88 20.81
CA ASP G 188 -11.71 13.67 21.66
C ASP G 188 -13.06 13.91 20.98
N ARG G 189 -13.06 14.11 19.65
CA ARG G 189 -14.32 14.31 18.95
C ARG G 189 -15.20 13.07 19.04
N ARG G 190 -14.61 11.89 18.86
CA ARG G 190 -15.40 10.66 18.88
C ARG G 190 -15.96 10.40 20.28
N ALA G 191 -15.14 10.62 21.30
CA ALA G 191 -15.65 10.54 22.67
C ALA G 191 -16.81 11.49 22.88
N GLU G 192 -16.63 12.77 22.54
CA GLU G 192 -17.64 13.76 22.89
C GLU G 192 -18.91 13.59 22.06
N GLU G 193 -18.80 13.06 20.84
CA GLU G 193 -20.02 12.76 20.08
C GLU G 193 -20.72 11.53 20.63
N THR G 194 -19.95 10.56 21.16
CA THR G 194 -20.54 9.41 21.81
C THR G 194 -21.24 9.82 23.11
N ALA G 195 -20.61 10.70 23.90
CA ALA G 195 -21.24 11.18 25.12
C ALA G 195 -22.54 11.96 24.87
N ALA G 196 -22.97 12.12 23.63
CA ALA G 196 -24.20 12.84 23.32
C ALA G 196 -25.22 11.96 22.61
N SER H 1 -33.79 3.08 -13.75
CA SER H 1 -33.77 3.72 -12.44
C SER H 1 -33.58 5.24 -12.58
N MET H 2 -32.40 5.68 -13.03
CA MET H 2 -32.08 7.10 -13.05
C MET H 2 -33.00 7.88 -13.98
N THR H 3 -33.44 9.06 -13.51
CA THR H 3 -34.49 9.80 -14.20
C THR H 3 -33.96 10.53 -15.42
N VAL H 4 -32.73 11.02 -15.36
CA VAL H 4 -32.21 11.97 -16.34
C VAL H 4 -30.99 11.36 -17.03
N PRO H 5 -31.11 11.00 -18.31
CA PRO H 5 -29.94 10.48 -19.05
C PRO H 5 -28.89 11.57 -19.20
N SER H 6 -27.65 11.22 -18.86
CA SER H 6 -26.60 12.23 -18.78
C SER H 6 -26.26 12.80 -20.15
N ASN H 7 -26.03 14.12 -20.20
CA ASN H 7 -25.45 14.76 -21.38
C ASN H 7 -24.05 15.31 -21.12
N THR H 8 -23.41 14.90 -20.04
CA THR H 8 -22.13 15.48 -19.61
C THR H 8 -20.99 15.03 -20.52
N PRO H 9 -20.25 15.94 -21.13
CA PRO H 9 -19.10 15.52 -21.96
C PRO H 9 -18.08 14.75 -21.14
N TYR H 10 -17.52 13.71 -21.75
CA TYR H 10 -16.73 12.75 -21.00
C TYR H 10 -15.81 12.02 -22.00
N SER H 11 -14.59 12.54 -22.16
CA SER H 11 -13.59 11.91 -23.03
C SER H 11 -13.30 10.48 -22.61
N GLY H 12 -13.22 10.23 -21.31
CA GLY H 12 -13.01 8.90 -20.79
C GLY H 12 -11.58 8.42 -20.97
N GLU H 13 -11.36 7.16 -20.58
CA GLU H 13 -10.02 6.60 -20.61
C GLU H 13 -9.46 6.52 -22.03
N TYR H 14 -10.32 6.40 -23.04
CA TYR H 14 -9.83 6.20 -24.40
C TYR H 14 -9.84 7.47 -25.25
N GLY H 15 -10.21 8.62 -24.68
CA GLY H 15 -10.11 9.89 -25.40
C GLY H 15 -11.12 10.01 -26.52
N PHE H 16 -12.38 9.71 -26.22
CA PHE H 16 -13.44 9.71 -27.21
C PHE H 16 -13.83 11.14 -27.58
N GLU H 17 -13.81 11.44 -28.87
CA GLU H 17 -14.05 12.81 -29.31
C GLU H 17 -14.89 12.81 -30.58
N ILE H 18 -15.71 13.86 -30.75
CA ILE H 18 -16.47 14.04 -31.98
C ILE H 18 -16.14 15.41 -32.56
N SER H 19 -16.33 15.54 -33.88
CA SER H 19 -16.12 16.82 -34.53
C SER H 19 -16.88 16.88 -35.84
N PHE H 20 -17.10 18.11 -36.30
CA PHE H 20 -17.67 18.38 -37.59
C PHE H 20 -16.59 18.97 -38.49
N GLN H 21 -16.47 18.42 -39.70
CA GLN H 21 -15.42 18.85 -40.61
C GLN H 21 -15.64 20.30 -41.04
N HIS H 22 -14.54 20.93 -41.42
CA HIS H 22 -14.57 22.33 -41.85
C HIS H 22 -15.35 22.47 -43.16
N GLN H 23 -16.11 23.56 -43.28
CA GLN H 23 -16.82 23.87 -44.51
C GLN H 23 -16.46 25.27 -44.99
N SER H 24 -16.54 25.48 -46.31
CA SER H 24 -16.36 26.81 -46.85
C SER H 24 -17.64 27.34 -47.48
N SER H 29 -21.75 23.18 -47.26
CA SER H 29 -22.92 22.43 -47.70
C SER H 29 -24.22 23.22 -47.64
N THR H 30 -25.16 22.78 -48.46
CA THR H 30 -26.49 23.38 -48.52
C THR H 30 -27.43 22.84 -47.46
N THR H 31 -27.11 21.71 -46.79
CA THR H 31 -28.09 21.05 -45.94
C THR H 31 -27.70 20.88 -44.47
N TRP H 32 -26.45 21.15 -44.08
CA TRP H 32 -26.10 21.11 -42.67
C TRP H 32 -25.03 22.15 -42.40
N THR H 33 -25.05 22.69 -41.19
CA THR H 33 -23.95 23.56 -40.77
C THR H 33 -23.84 23.46 -39.26
N PHE H 34 -22.63 23.63 -38.75
CA PHE H 34 -22.38 23.46 -37.33
C PHE H 34 -21.84 24.75 -36.72
N SER H 35 -22.51 25.22 -35.68
CA SER H 35 -22.09 26.40 -34.95
C SER H 35 -21.19 25.98 -33.78
N GLU H 36 -19.93 26.43 -33.81
CA GLU H 36 -19.04 26.18 -32.68
C GLU H 36 -19.36 27.09 -31.51
N SER H 37 -19.68 28.36 -31.77
CA SER H 37 -20.03 29.27 -30.69
C SER H 37 -21.30 28.88 -29.96
N LEU H 38 -22.18 28.11 -30.61
CA LEU H 38 -23.39 27.61 -29.94
C LEU H 38 -23.33 26.14 -29.58
N LYS H 39 -22.29 25.42 -30.02
CA LYS H 39 -22.25 23.96 -29.97
C LYS H 39 -23.59 23.38 -30.40
N LYS H 40 -23.98 23.71 -31.63
CA LYS H 40 -25.32 23.36 -32.10
C LYS H 40 -25.28 23.02 -33.59
N LEU H 41 -25.91 21.91 -33.94
CA LEU H 41 -26.00 21.45 -35.32
C LEU H 41 -27.33 21.90 -35.92
N PHE H 42 -27.26 22.46 -37.13
CA PHE H 42 -28.44 22.84 -37.91
C PHE H 42 -28.44 21.98 -39.16
N VAL H 43 -29.52 21.23 -39.37
CA VAL H 43 -29.53 20.21 -40.41
C VAL H 43 -30.93 20.07 -40.98
N ARG H 44 -31.01 19.94 -42.30
CA ARG H 44 -32.28 19.66 -42.96
C ARG H 44 -32.73 18.23 -42.68
N MET H 45 -34.04 18.04 -42.48
CA MET H 45 -34.55 16.70 -42.26
C MET H 45 -34.21 15.77 -43.43
N ALA H 46 -33.87 14.52 -43.10
CA ALA H 46 -33.66 13.45 -44.09
C ALA H 46 -32.56 13.81 -45.07
N THR H 47 -31.53 14.50 -44.60
CA THR H 47 -30.32 14.74 -45.38
C THR H 47 -29.11 14.22 -44.61
N THR H 48 -28.19 13.63 -45.35
CA THR H 48 -26.97 13.07 -44.79
C THR H 48 -26.14 14.16 -44.10
N CYS H 49 -25.66 13.87 -42.89
CA CYS H 49 -24.81 14.80 -42.15
C CYS H 49 -23.59 14.06 -41.62
N PRO H 50 -22.38 14.44 -42.04
CA PRO H 50 -21.18 13.72 -41.58
C PRO H 50 -20.84 14.11 -40.15
N VAL H 51 -20.67 13.10 -39.30
CA VAL H 51 -20.19 13.28 -37.93
C VAL H 51 -18.88 12.49 -37.81
N ARG H 52 -17.86 13.14 -37.27
CA ARG H 52 -16.53 12.54 -37.14
C ARG H 52 -16.28 12.10 -35.71
N PHE H 53 -15.59 10.96 -35.58
CA PHE H 53 -15.30 10.33 -34.29
C PHE H 53 -13.84 9.91 -34.23
N LYS H 54 -13.31 9.88 -33.02
CA LYS H 54 -11.97 9.34 -32.81
C LYS H 54 -11.79 8.97 -31.34
N THR H 55 -10.93 8.00 -31.10
CA THR H 55 -10.41 7.69 -29.78
C THR H 55 -8.89 7.77 -29.84
N VAL H 56 -8.29 8.33 -28.79
CA VAL H 56 -6.84 8.52 -28.79
C VAL H 56 -6.12 7.18 -28.80
N HIS H 57 -6.63 6.19 -28.08
CA HIS H 57 -6.16 4.83 -28.30
C HIS H 57 -7.32 3.87 -28.17
N GLN H 58 -7.17 2.71 -28.81
CA GLN H 58 -8.29 1.85 -29.17
C GLN H 58 -8.99 1.29 -27.93
N PRO H 59 -10.31 1.11 -28.00
CA PRO H 59 -11.07 0.58 -26.87
C PRO H 59 -11.18 -0.95 -26.96
N PRO H 60 -11.87 -1.60 -26.02
CA PRO H 60 -12.07 -3.05 -26.11
C PRO H 60 -12.78 -3.48 -27.39
N ALA H 61 -12.79 -4.79 -27.62
CA ALA H 61 -13.00 -5.35 -28.94
C ALA H 61 -14.41 -5.12 -29.47
N GLY H 62 -15.42 -5.43 -28.67
CA GLY H 62 -16.78 -5.23 -29.11
C GLY H 62 -17.40 -3.91 -28.70
N SER H 63 -16.60 -2.85 -28.69
CA SER H 63 -17.11 -1.52 -28.37
C SER H 63 -18.06 -1.04 -29.46
N VAL H 64 -19.04 -0.22 -29.07
CA VAL H 64 -19.97 0.36 -30.02
C VAL H 64 -20.09 1.86 -29.78
N ILE H 65 -20.62 2.56 -30.77
CA ILE H 65 -20.97 3.98 -30.64
C ILE H 65 -22.48 4.08 -30.77
N ARG H 66 -23.13 4.52 -29.71
CA ARG H 66 -24.57 4.72 -29.68
C ARG H 66 -24.86 6.21 -29.89
N ALA H 67 -25.87 6.49 -30.71
CA ALA H 67 -26.38 7.84 -30.89
C ALA H 67 -27.83 7.85 -30.40
N MET H 68 -28.14 8.73 -29.45
CA MET H 68 -29.47 8.72 -28.85
C MET H 68 -29.93 10.16 -28.68
N PRO H 69 -31.09 10.53 -29.22
CA PRO H 69 -31.63 11.87 -28.98
C PRO H 69 -32.35 11.96 -27.64
N ILE H 70 -32.24 13.14 -27.00
CA ILE H 70 -32.93 13.40 -25.74
C ILE H 70 -33.38 14.86 -25.74
N TYR H 71 -34.46 15.14 -25.01
CA TYR H 71 -34.90 16.51 -24.87
C TYR H 71 -34.03 17.24 -23.85
N VAL H 72 -33.90 18.56 -24.04
CA VAL H 72 -33.02 19.37 -23.21
C VAL H 72 -33.72 19.83 -21.92
N LYS H 73 -34.94 20.29 -22.03
CA LYS H 73 -35.53 20.95 -20.87
C LYS H 73 -36.00 19.94 -19.82
N PRO H 74 -35.89 20.28 -18.53
CA PRO H 74 -36.29 19.32 -17.48
C PRO H 74 -37.74 18.85 -17.57
N GLU H 75 -38.66 19.68 -18.02
CA GLU H 75 -40.02 19.18 -18.17
C GLU H 75 -40.20 18.23 -19.34
N HIS H 76 -39.20 18.07 -20.21
CA HIS H 76 -39.31 17.17 -21.34
C HIS H 76 -38.36 15.98 -21.30
N VAL H 77 -37.30 16.03 -20.48
CA VAL H 77 -36.18 15.10 -20.58
C VAL H 77 -36.62 13.65 -20.37
N GLN H 78 -37.68 13.42 -19.60
CA GLN H 78 -38.15 12.04 -19.42
C GLN H 78 -38.85 11.47 -20.64
N GLU H 79 -39.36 12.29 -21.55
CA GLU H 79 -40.13 11.76 -22.67
C GLU H 79 -39.19 11.23 -23.75
N VAL H 80 -39.50 10.04 -24.27
CA VAL H 80 -38.66 9.45 -25.31
C VAL H 80 -38.73 10.29 -26.57
N VAL H 81 -37.57 10.62 -27.14
CA VAL H 81 -37.56 11.37 -28.39
C VAL H 81 -37.77 10.39 -29.54
N LYS H 82 -38.78 10.67 -30.37
CA LYS H 82 -39.00 9.84 -31.54
C LYS H 82 -39.77 10.65 -32.58
N ARG H 83 -39.96 10.04 -33.75
CA ARG H 83 -40.67 10.72 -34.84
C ARG H 83 -42.16 10.85 -34.53
N CYS H 84 -42.76 11.91 -35.09
CA CYS H 84 -44.21 12.07 -35.01
C CYS H 84 -44.91 10.92 -35.73
N PRO H 85 -46.14 10.59 -35.36
CA PRO H 85 -46.83 9.48 -36.04
C PRO H 85 -47.00 9.68 -37.54
N ASN H 86 -47.18 10.92 -38.00
CA ASN H 86 -47.35 11.16 -39.43
C ASN H 86 -46.13 10.73 -40.22
N HIS H 87 -44.93 11.19 -39.81
CA HIS H 87 -43.73 10.81 -40.55
C HIS H 87 -43.37 9.35 -40.35
N ALA H 88 -43.80 8.74 -39.24
CA ALA H 88 -43.52 7.33 -39.00
C ALA H 88 -44.41 6.38 -39.79
N THR H 89 -45.55 6.87 -40.29
CA THR H 89 -46.49 6.02 -41.01
C THR H 89 -46.56 6.28 -42.51
N THR H 90 -46.03 7.40 -43.00
CA THR H 90 -45.99 7.64 -44.44
C THR H 90 -45.02 6.66 -45.11
N LYS H 91 -45.28 6.38 -46.39
CA LYS H 91 -44.42 5.47 -47.15
C LYS H 91 -43.06 6.08 -47.43
N GLU H 92 -43.01 7.38 -47.70
CA GLU H 92 -41.75 8.03 -48.06
C GLU H 92 -40.72 7.85 -46.95
N HIS H 93 -39.47 7.59 -47.36
CA HIS H 93 -38.31 7.41 -46.48
C HIS H 93 -38.36 6.12 -45.68
N ASN H 94 -39.53 5.47 -45.60
CA ASN H 94 -39.69 4.33 -44.70
C ASN H 94 -39.77 2.98 -45.40
N GLU H 95 -39.88 2.97 -46.74
CA GLU H 95 -39.92 1.74 -47.51
C GLU H 95 -38.75 0.83 -47.15
N ASP H 96 -39.05 -0.34 -46.57
CA ASP H 96 -38.11 -1.35 -46.13
C ASP H 96 -37.31 -0.99 -44.87
N HIS H 97 -37.59 0.14 -44.23
CA HIS H 97 -36.74 0.52 -43.09
C HIS H 97 -37.17 -0.22 -41.84
N PRO H 98 -36.23 -0.80 -41.09
CA PRO H 98 -36.60 -1.65 -39.94
C PRO H 98 -37.01 -0.88 -38.68
N ALA H 99 -36.84 0.44 -38.63
CA ALA H 99 -37.17 1.22 -37.44
C ALA H 99 -37.74 2.56 -37.83
N PRO H 100 -38.95 2.58 -38.40
CA PRO H 100 -39.49 3.83 -38.96
C PRO H 100 -39.93 4.85 -37.92
N THR H 101 -40.00 4.52 -36.64
CA THR H 101 -40.30 5.57 -35.67
C THR H 101 -39.05 6.28 -35.12
N HIS H 102 -37.85 5.78 -35.42
CA HIS H 102 -36.65 6.36 -34.83
C HIS H 102 -36.32 7.70 -35.47
N LEU H 103 -36.02 8.70 -34.63
CA LEU H 103 -35.64 10.00 -35.15
C LEU H 103 -34.29 9.94 -35.86
N VAL H 104 -33.32 9.28 -35.23
CA VAL H 104 -31.92 9.36 -35.67
C VAL H 104 -31.58 8.09 -36.43
N ARG H 105 -31.16 8.25 -37.68
CA ARG H 105 -30.69 7.15 -38.51
C ARG H 105 -29.20 7.29 -38.79
N CYS H 106 -28.54 6.15 -39.02
CA CYS H 106 -27.12 6.14 -39.39
C CYS H 106 -26.96 5.33 -40.67
N GLU H 107 -26.13 5.84 -41.58
CA GLU H 107 -25.95 5.19 -42.87
C GLU H 107 -24.99 4.01 -42.81
N HIS H 108 -24.27 3.81 -41.71
CA HIS H 108 -23.36 2.66 -41.58
C HIS H 108 -24.04 1.37 -41.98
N LYS H 109 -23.31 0.52 -42.71
CA LYS H 109 -23.90 -0.75 -43.17
C LYS H 109 -24.31 -1.64 -42.00
N LEU H 110 -23.60 -1.58 -40.89
CA LEU H 110 -23.86 -2.44 -39.74
C LEU H 110 -24.71 -1.75 -38.67
N ALA H 111 -25.38 -0.66 -39.03
CA ALA H 111 -26.15 0.10 -38.04
C ALA H 111 -27.26 -0.75 -37.47
N SER H 112 -27.41 -0.72 -36.14
CA SER H 112 -28.48 -1.46 -35.47
C SER H 112 -29.39 -0.50 -34.72
N TYR H 113 -30.69 -0.61 -34.96
CA TYR H 113 -31.68 0.24 -34.34
C TYR H 113 -32.25 -0.47 -33.12
N VAL H 114 -32.11 0.14 -31.95
CA VAL H 114 -32.46 -0.56 -30.72
C VAL H 114 -33.45 0.28 -29.93
N GLU H 115 -34.34 -0.41 -29.23
CA GLU H 115 -35.30 0.20 -28.33
C GLU H 115 -35.18 -0.51 -26.99
N ASP H 116 -34.81 0.24 -25.95
CA ASP H 116 -34.65 -0.36 -24.63
C ASP H 116 -36.01 -0.78 -24.12
N PRO H 117 -36.19 -2.05 -23.73
CA PRO H 117 -37.54 -2.50 -23.31
C PRO H 117 -37.95 -1.99 -21.94
N TYR H 118 -37.05 -1.39 -21.16
CA TYR H 118 -37.40 -0.92 -19.83
C TYR H 118 -37.53 0.58 -19.73
N THR H 119 -36.84 1.33 -20.60
CA THR H 119 -36.91 2.78 -20.66
C THR H 119 -37.66 3.31 -21.86
N GLY H 120 -37.84 2.48 -22.89
CA GLY H 120 -38.38 2.88 -24.16
C GLY H 120 -37.46 3.70 -25.03
N ARG H 121 -36.27 4.05 -24.54
CA ARG H 121 -35.35 4.90 -25.32
C ARG H 121 -34.96 4.21 -26.63
N GLN H 122 -35.00 4.99 -27.72
CA GLN H 122 -34.62 4.52 -29.04
C GLN H 122 -33.28 5.13 -29.42
N SER H 123 -32.41 4.32 -30.00
CA SER H 123 -31.09 4.79 -30.38
C SER H 123 -30.61 3.92 -31.53
N VAL H 124 -29.50 4.34 -32.12
CA VAL H 124 -28.88 3.57 -33.20
C VAL H 124 -27.41 3.37 -32.86
N ILE H 125 -26.92 2.14 -33.03
CA ILE H 125 -25.54 1.85 -32.65
C ILE H 125 -24.80 1.35 -33.87
N ILE H 126 -23.50 1.60 -33.88
CA ILE H 126 -22.56 1.14 -34.90
C ILE H 126 -21.31 0.67 -34.19
N PRO H 127 -20.53 -0.21 -34.83
CA PRO H 127 -19.26 -0.62 -34.23
C PRO H 127 -18.30 0.55 -34.16
N GLN H 128 -17.55 0.62 -33.07
CA GLN H 128 -16.38 1.48 -33.04
C GLN H 128 -15.34 0.92 -34.01
N GLU H 129 -14.66 1.81 -34.76
CA GLU H 129 -13.72 1.38 -35.79
C GLU H 129 -12.45 2.22 -35.75
N HIS H 130 -11.36 1.62 -36.25
CA HIS H 130 -10.10 2.34 -36.37
C HIS H 130 -10.18 3.30 -37.54
N PRO H 131 -9.57 4.48 -37.45
CA PRO H 131 -9.46 5.33 -38.63
C PRO H 131 -8.62 4.64 -39.69
N GLN H 132 -8.89 4.97 -40.94
CA GLN H 132 -8.08 4.41 -42.01
C GLN H 132 -6.65 4.93 -41.87
N ALA H 133 -5.71 4.18 -42.45
CA ALA H 133 -4.28 4.40 -42.25
C ALA H 133 -3.87 5.87 -42.34
N GLY H 134 -3.40 6.43 -41.23
CA GLY H 134 -2.90 7.79 -41.24
C GLY H 134 -3.88 8.84 -40.74
N ALA H 135 -5.16 8.71 -41.07
CA ALA H 135 -6.15 9.72 -40.69
C ALA H 135 -6.43 9.65 -39.19
N GLU H 136 -6.96 10.76 -38.67
CA GLU H 136 -7.27 10.86 -37.25
C GLU H 136 -8.75 10.69 -36.94
N TRP H 137 -9.62 10.78 -37.94
CA TRP H 137 -11.07 10.79 -37.74
C TRP H 137 -11.76 9.72 -38.57
N VAL H 138 -12.75 9.08 -37.96
CA VAL H 138 -13.69 8.20 -38.67
C VAL H 138 -14.97 8.99 -38.90
N THR H 139 -15.40 9.09 -40.16
CA THR H 139 -16.62 9.82 -40.51
C THR H 139 -17.78 8.84 -40.62
N ASN H 140 -18.86 9.14 -39.93
CA ASN H 140 -20.10 8.40 -40.07
C ASN H 140 -21.21 9.38 -40.45
N LEU H 141 -22.18 8.88 -41.21
CA LEU H 141 -23.25 9.72 -41.73
C LEU H 141 -24.51 9.46 -40.93
N TYR H 142 -25.17 10.53 -40.50
CA TYR H 142 -26.40 10.46 -39.72
C TYR H 142 -27.49 11.28 -40.40
N GLN H 143 -28.73 10.86 -40.19
CA GLN H 143 -29.90 11.56 -40.69
C GLN H 143 -30.92 11.73 -39.56
N PHE H 144 -31.63 12.84 -39.61
CA PHE H 144 -32.64 13.17 -38.62
C PHE H 144 -33.96 13.30 -39.34
N MET H 145 -34.95 12.50 -38.92
CA MET H 145 -36.08 12.13 -39.76
C MET H 145 -37.38 12.85 -39.40
N CYS H 146 -37.35 13.87 -38.56
CA CYS H 146 -38.48 14.77 -38.38
C CYS H 146 -37.96 16.19 -38.34
N PHE H 147 -38.87 17.14 -38.53
CA PHE H 147 -38.54 18.55 -38.32
C PHE H 147 -38.60 18.90 -36.85
N SER H 148 -37.78 19.87 -36.45
CA SER H 148 -37.87 20.38 -35.08
C SER H 148 -39.27 20.84 -34.76
N SER H 149 -40.05 21.22 -35.78
CA SER H 149 -41.36 21.80 -35.59
C SER H 149 -42.49 20.79 -35.71
N CYS H 150 -42.20 19.51 -35.93
CA CYS H 150 -43.26 18.53 -36.12
C CYS H 150 -44.20 18.48 -34.92
N VAL H 151 -45.43 18.94 -35.11
CA VAL H 151 -46.48 18.75 -34.12
C VAL H 151 -46.68 17.26 -33.90
N GLY H 152 -46.84 16.86 -32.64
CA GLY H 152 -46.97 15.45 -32.36
C GLY H 152 -45.67 14.70 -32.33
N GLY H 153 -44.54 15.37 -32.57
CA GLY H 153 -43.23 14.83 -32.31
C GLY H 153 -42.42 15.80 -31.48
N LEU H 154 -41.27 16.26 -32.01
CA LEU H 154 -40.43 17.21 -31.28
C LEU H 154 -41.22 18.44 -30.84
N ASN H 155 -42.07 18.98 -31.72
CA ASN H 155 -42.96 20.12 -31.42
C ASN H 155 -42.18 21.32 -30.89
N ARG H 156 -41.09 21.66 -31.58
CA ARG H 156 -40.21 22.78 -31.30
C ARG H 156 -39.49 22.68 -29.96
N ARG H 157 -39.52 21.52 -29.32
CA ARG H 157 -38.77 21.33 -28.06
C ARG H 157 -37.31 21.05 -28.37
N PRO H 158 -36.37 21.75 -27.73
CA PRO H 158 -34.96 21.55 -28.05
C PRO H 158 -34.49 20.15 -27.69
N ILE H 159 -33.58 19.62 -28.50
CA ILE H 159 -33.04 18.28 -28.30
C ILE H 159 -31.52 18.32 -28.40
N GLN H 160 -30.90 17.30 -27.82
CA GLN H 160 -29.51 16.97 -28.09
C GLN H 160 -29.45 15.55 -28.60
N VAL H 161 -28.39 15.26 -29.35
CA VAL H 161 -28.01 13.88 -29.63
C VAL H 161 -26.83 13.54 -28.75
N ILE H 162 -26.96 12.47 -27.98
CA ILE H 162 -25.90 11.99 -27.11
C ILE H 162 -25.16 10.88 -27.85
N PHE H 163 -23.85 11.04 -28.00
CA PHE H 163 -23.02 9.98 -28.57
C PHE H 163 -22.25 9.33 -27.43
N THR H 164 -22.42 8.02 -27.24
CA THR H 164 -21.67 7.30 -26.22
C THR H 164 -20.81 6.23 -26.87
N LEU H 165 -19.60 6.10 -26.35
CA LEU H 165 -18.75 4.94 -26.62
C LEU H 165 -19.03 3.93 -25.52
N GLU H 166 -19.44 2.72 -25.89
CA GLU H 166 -19.93 1.75 -24.91
C GLU H 166 -19.27 0.39 -25.12
N HIS H 167 -19.11 -0.34 -24.02
CA HIS H 167 -18.59 -1.70 -24.04
C HIS H 167 -19.26 -2.49 -22.93
N GLU H 168 -20.06 -3.50 -23.29
CA GLU H 168 -20.76 -4.34 -22.33
C GLU H 168 -21.65 -3.53 -21.40
N GLY H 169 -22.36 -2.55 -21.97
CA GLY H 169 -23.29 -1.74 -21.19
C GLY H 169 -22.66 -0.67 -20.33
N VAL H 170 -21.35 -0.48 -20.42
CA VAL H 170 -20.64 0.53 -19.65
C VAL H 170 -20.34 1.70 -20.57
N VAL H 171 -20.67 2.92 -20.12
CA VAL H 171 -20.30 4.10 -20.89
C VAL H 171 -18.83 4.38 -20.66
N LEU H 172 -18.02 4.29 -21.72
CA LEU H 172 -16.61 4.61 -21.65
C LEU H 172 -16.30 6.05 -22.03
N GLY H 173 -17.22 6.72 -22.72
CA GLY H 173 -17.02 8.08 -23.16
C GLY H 173 -18.30 8.65 -23.73
N ARG H 174 -18.44 9.99 -23.69
CA ARG H 174 -19.68 10.62 -24.09
C ARG H 174 -19.40 12.01 -24.63
N GLN H 175 -20.09 12.35 -25.72
CA GLN H 175 -20.11 13.71 -26.25
C GLN H 175 -21.54 14.00 -26.69
N ALA H 176 -21.86 15.28 -26.80
CA ALA H 176 -23.24 15.68 -27.06
C ALA H 176 -23.24 16.97 -27.88
N VAL H 177 -24.26 17.11 -28.71
CA VAL H 177 -24.47 18.35 -29.46
C VAL H 177 -25.97 18.63 -29.49
N GLU H 178 -26.31 19.91 -29.35
CA GLU H 178 -27.67 20.34 -29.65
C GLU H 178 -27.92 20.19 -31.14
N VAL H 179 -29.15 19.82 -31.52
CA VAL H 179 -29.49 19.64 -32.93
C VAL H 179 -30.80 20.35 -33.23
N ARG H 180 -30.78 21.25 -34.21
CA ARG H 180 -32.00 21.85 -34.75
C ARG H 180 -32.22 21.31 -36.16
N ILE H 181 -33.34 20.63 -36.36
CA ILE H 181 -33.67 20.09 -37.67
C ILE H 181 -34.61 21.09 -38.35
N CYS H 182 -34.14 21.69 -39.44
CA CYS H 182 -34.83 22.86 -39.98
C CYS H 182 -34.56 22.98 -41.47
N ALA H 183 -35.46 23.70 -42.16
CA ALA H 183 -35.37 23.81 -43.61
C ALA H 183 -34.22 24.71 -44.05
N CYS H 184 -33.89 25.74 -43.28
CA CYS H 184 -32.86 26.71 -43.66
C CYS H 184 -31.75 26.68 -42.61
N PRO H 185 -30.87 25.68 -42.63
CA PRO H 185 -29.84 25.63 -41.57
C PRO H 185 -28.94 26.85 -41.57
N GLY H 186 -28.52 27.32 -42.75
CA GLY H 186 -27.64 28.48 -42.78
C GLY H 186 -28.28 29.72 -42.18
N ARG H 187 -29.53 29.99 -42.53
CA ARG H 187 -30.19 31.18 -42.02
C ARG H 187 -30.46 31.05 -40.53
N ASP H 188 -30.84 29.86 -40.07
CA ASP H 188 -31.18 29.70 -38.65
C ASP H 188 -29.95 29.79 -37.77
N ARG H 189 -28.80 29.32 -38.25
CA ARG H 189 -27.57 29.44 -37.46
C ARG H 189 -27.21 30.91 -37.26
N ARG H 190 -27.18 31.68 -38.35
CA ARG H 190 -26.84 33.08 -38.26
C ARG H 190 -27.83 33.84 -37.37
N ALA H 191 -29.11 33.53 -37.51
CA ALA H 191 -30.13 34.18 -36.67
C ALA H 191 -29.89 33.89 -35.20
N GLU H 192 -29.70 32.62 -34.86
CA GLU H 192 -29.47 32.28 -33.45
C GLU H 192 -28.13 32.80 -32.95
N GLU H 193 -27.10 32.82 -33.82
CA GLU H 193 -25.79 33.34 -33.41
C GLU H 193 -25.86 34.84 -33.14
N THR H 194 -26.60 35.57 -33.97
CA THR H 194 -26.74 37.02 -33.76
C THR H 194 -27.26 37.36 -32.36
N ALA H 195 -28.04 36.46 -31.74
CA ALA H 195 -28.62 36.74 -30.43
C ALA H 195 -27.57 37.16 -29.41
N ALA H 196 -26.46 36.43 -29.33
CA ALA H 196 -25.36 36.83 -28.45
C ALA H 196 -24.51 37.89 -29.12
ZN ZN I . 29.96 -56.99 -8.19
ZN ZN J . 25.11 3.67 -15.90
C1 EDO K . 20.51 -17.54 -2.63
O1 EDO K . 21.34 -18.69 -2.85
C2 EDO K . 19.05 -17.95 -2.54
O2 EDO K . 18.71 -18.15 -1.17
ZN ZN L . 14.73 16.03 -5.05
ZN ZN M . 11.85 16.09 17.04
C1 EDO N . 25.21 -2.61 20.83
O1 EDO N . 25.47 -1.24 21.16
C2 EDO N . 25.03 -3.45 22.10
O2 EDO N . 26.27 -3.42 22.84
C1 EDO O . 29.34 1.11 24.24
O1 EDO O . 29.05 0.99 22.83
C2 EDO O . 29.10 2.51 24.82
O2 EDO O . 30.36 3.17 25.10
ZN ZN P . -53.49 24.52 -2.91
ZN ZN Q . 17.68 -49.19 27.02
ZN ZN R . -0.06 27.29 27.89
C1 EDO S . -12.75 45.17 21.13
O1 EDO S . -12.24 43.86 21.42
C2 EDO S . -11.82 45.93 20.20
O2 EDO S . -10.47 45.94 20.71
ZN ZN T . -42.35 14.52 -38.19
#